data_7JMK
#
_entry.id   7JMK
#
_cell.length_a   99.762
_cell.length_b   99.762
_cell.length_c   134.206
_cell.angle_alpha   90.000
_cell.angle_beta   90.000
_cell.angle_gamma   120.000
#
_symmetry.space_group_name_H-M   'P 32'
#
loop_
_entity.id
_entity.type
_entity.pdbx_description
1 polymer 'Succinate--CoA ligase [ADP/GDP-forming] subunit alpha, mitochondrial'
2 polymer 'Succinate--CoA ligase [GDP-forming] subunit beta, mitochondrial'
3 polymer 'Succinyl-CoA ligase [GDP-forming] subunit beta, mitochondrial'
4 non-polymer "GUANOSINE-5'-DIPHOSPHATE"
5 non-polymer 'MAGNESIUM ION'
6 water water
#
loop_
_entity_poly.entity_id
_entity_poly.type
_entity_poly.pdbx_seq_one_letter_code
_entity_poly.pdbx_strand_id
1 'polypeptide(L)'
;SYTASRKHLYVDKNTKVICQGFTGKQGTFHSQQALEYGTNLVGGTTPGKGGKTHLGLPVFNTVKEAKEQTGATASVIYVP
PPFAAAAINEAIDAEVPLVVCITEGIPQQDMVRVKHRLLRQGKTRLIGPNCPGVINPGECKIGIMPGHIHKKGRIGIVSR
SGTLTYEAVHQTTQVGLGQSLCVGIGGDPFNGTDFTDCLEIFLNDPATEGIILIGEIGGNAEENAAEFLKQHNSGPKSKP
VVSFIAGLTAPPGRRMGHAGAIIAGGKGGAKEKITALQSAGVVVSMSPAQLGTTIYKEFEKRKML
;
A,C
2 'polypeptide(L)'
;MNLQEYQSKKLMSDNGVKVQRFFVADTANEALEAAKRLNAKEIVLKAQILAGGRGKGVFSSGLKGGVHLTKDPEVVGQLA
KQMIGYNLATKQTPKEGVKVNKVMVAEALDISRETYLAILMDRSCNGPVLVGSPQGGVDIEEVAASNPELIFKEQIDIIE
GIKDSQAQRMAENLGFLGPLQNQAADQIKKLYNLFLKIDATQVEVNPFGETPEGQVVCFDAKINFDDNAEFRQKDIFAMD
DKSENEPIENEAAKYDLKYIGLDGNIACFVNGAGLAMATCDIIFLNGGKPANFLDLGGGVKESQVYQAFKLLTADPKVEA
ILVNIFGGIVNCAIIANGITKACRELELKVPLVVRLEGTNVHEAQNILTNSGLPITSAVDLEDAAKKAVASVTKK
;
B
3 'polypeptide(L)'
;MNLQEYQSKKLMSDNGVKVQRFFVADTANEALEAAKRLNAKEIVLKAQILAGGRGKGVFSSGLKGGVHLTKDPEVVGQLA
KQMIGYNLATKQTPKEGVKVNKVMVAEALDISRETYLAILMDRSCNGPVLVGSPQGGVDIEEVAASNPELIFKEQIDIIE
GIKDSQAQRMAENLGFLGPLQNQAADQIKKLYNLFLKIDATQVEVNPFGETPEGQVVCFDAKINFDDNAEFRQKDIFAMD
DKSENEPIENEAAKYDLKYIGLDGNIACFVNGAGLAMATCDIIFLNGGKPANFLDLGGGVKESQVYQAFKLLTADPKVEA
ILVNIFGGIVN(CME)AIIANGITKACRELELKVPLVVRLEGTNVHEAQNILTNSGLPITSAVDLEDAAKKAVASVTKK
;
D
#
loop_
_chem_comp.id
_chem_comp.type
_chem_comp.name
_chem_comp.formula
GDP RNA linking GUANOSINE-5'-DIPHOSPHATE 'C10 H15 N5 O11 P2'
MG non-polymer 'MAGNESIUM ION' 'Mg 2'
#
# COMPACT_ATOMS: atom_id res chain seq x y z
N SER A 1 7.66 19.86 -3.81
CA SER A 1 6.54 20.52 -3.14
C SER A 1 6.20 19.84 -1.83
N TYR A 2 6.78 18.66 -1.59
CA TYR A 2 6.60 17.98 -0.32
C TYR A 2 7.03 18.85 0.86
N THR A 3 7.90 19.82 0.63
CA THR A 3 8.30 20.75 1.68
C THR A 3 7.11 21.57 2.18
N ALA A 4 6.06 21.70 1.37
CA ALA A 4 4.89 22.45 1.81
C ALA A 4 4.23 21.85 3.03
N SER A 5 4.45 20.56 3.29
CA SER A 5 3.87 19.89 4.44
C SER A 5 4.72 20.01 5.70
N ARG A 6 5.86 20.71 5.63
CA ARG A 6 6.69 20.85 6.81
C ARG A 6 5.91 21.46 7.97
N LYS A 7 5.07 22.45 7.68
CA LYS A 7 4.35 23.16 8.74
C LYS A 7 3.55 22.22 9.61
N HIS A 8 3.09 21.09 9.06
CA HIS A 8 2.26 20.16 9.83
C HIS A 8 3.05 19.50 10.95
N LEU A 9 4.37 19.70 11.02
CA LEU A 9 5.16 19.14 12.11
C LEU A 9 4.81 19.78 13.45
N TYR A 10 4.33 21.02 13.44
CA TYR A 10 4.15 21.79 14.67
C TYR A 10 2.77 21.49 15.24
N VAL A 11 2.66 20.33 15.89
CA VAL A 11 1.40 19.96 16.54
C VAL A 11 1.11 20.93 17.68
N ASP A 12 -0.17 20.97 18.06
CA ASP A 12 -0.63 21.83 19.15
C ASP A 12 -1.89 21.21 19.75
N LYS A 13 -2.49 21.91 20.70
CA LYS A 13 -3.65 21.36 21.41
C LYS A 13 -4.84 21.14 20.48
N ASN A 14 -4.90 21.83 19.35
CA ASN A 14 -5.99 21.67 18.41
C ASN A 14 -5.83 20.46 17.51
N THR A 15 -4.64 19.85 17.47
CA THR A 15 -4.43 18.68 16.65
C THR A 15 -5.32 17.54 17.12
N LYS A 16 -6.07 16.94 16.19
CA LYS A 16 -6.94 15.82 16.48
C LYS A 16 -6.28 14.54 15.96
N VAL A 17 -5.96 13.63 16.87
CA VAL A 17 -5.12 12.47 16.56
C VAL A 17 -5.98 11.22 16.53
N ILE A 18 -5.59 10.28 15.66
CA ILE A 18 -6.15 8.94 15.64
C ILE A 18 -5.00 7.94 15.66
N CYS A 19 -5.27 6.75 16.19
CA CYS A 19 -4.25 5.73 16.38
C CYS A 19 -4.52 4.55 15.46
N GLN A 20 -3.60 4.30 14.53
CA GLN A 20 -3.65 3.12 13.69
C GLN A 20 -2.98 1.96 14.42
N GLY A 21 -3.71 0.86 14.61
CA GLY A 21 -3.29 -0.18 15.52
C GLY A 21 -3.82 0.13 16.91
N PHE A 22 -5.06 0.62 16.96
CA PHE A 22 -5.62 1.15 18.19
C PHE A 22 -5.69 0.09 19.29
N THR A 23 -6.34 -1.04 18.99
CA THR A 23 -6.55 -2.09 19.98
C THR A 23 -5.30 -2.93 20.24
N GLY A 24 -4.19 -2.63 19.58
CA GLY A 24 -2.96 -3.36 19.84
C GLY A 24 -2.31 -2.95 21.16
N LYS A 25 -1.54 -3.88 21.71
CA LYS A 25 -0.92 -3.66 23.02
C LYS A 25 -0.21 -2.32 23.09
N GLN A 26 0.72 -2.07 22.15
CA GLN A 26 1.41 -0.79 22.12
C GLN A 26 0.43 0.35 21.86
N GLY A 27 -0.51 0.14 20.92
CA GLY A 27 -1.49 1.18 20.63
C GLY A 27 -2.35 1.53 21.82
N THR A 28 -2.73 0.52 22.62
CA THR A 28 -3.54 0.79 23.81
C THR A 28 -2.73 1.56 24.85
N PHE A 29 -1.50 1.14 25.09
CA PHE A 29 -0.70 1.75 26.15
C PHE A 29 -0.44 3.22 25.86
N HIS A 30 0.15 3.52 24.70
CA HIS A 30 0.49 4.89 24.37
C HIS A 30 -0.75 5.73 24.10
N SER A 31 -1.83 5.10 23.64
CA SER A 31 -3.09 5.84 23.50
C SER A 31 -3.62 6.28 24.85
N GLN A 32 -3.37 5.49 25.90
CA GLN A 32 -3.80 5.86 27.24
C GLN A 32 -2.93 6.95 27.82
N GLN A 33 -1.61 6.83 27.66
CA GLN A 33 -0.71 7.91 28.08
C GLN A 33 -1.05 9.21 27.37
N ALA A 34 -1.40 9.14 26.09
CA ALA A 34 -1.78 10.34 25.34
C ALA A 34 -2.99 11.01 25.98
N LEU A 35 -4.02 10.24 26.30
CA LEU A 35 -5.21 10.81 26.92
C LEU A 35 -4.88 11.46 28.26
N GLU A 36 -4.17 10.72 29.12
CA GLU A 36 -3.79 11.27 30.42
C GLU A 36 -2.99 12.56 30.27
N TYR A 37 -2.15 12.65 29.23
CA TYR A 37 -1.36 13.84 29.00
C TYR A 37 -2.19 15.00 28.46
N GLY A 38 -3.42 14.76 28.04
CA GLY A 38 -4.26 15.81 27.48
C GLY A 38 -4.29 15.86 25.97
N THR A 39 -3.66 14.92 25.29
CA THR A 39 -3.68 14.90 23.83
C THR A 39 -5.09 14.63 23.32
N ASN A 40 -5.48 15.34 22.27
CA ASN A 40 -6.83 15.25 21.71
C ASN A 40 -6.92 14.00 20.83
N LEU A 41 -6.90 12.85 21.47
CA LEU A 41 -7.05 11.56 20.79
C LEU A 41 -8.54 11.29 20.61
N VAL A 42 -8.98 11.17 19.36
CA VAL A 42 -10.39 11.09 19.02
C VAL A 42 -10.78 9.71 18.52
N GLY A 43 -9.89 8.74 18.58
CA GLY A 43 -10.21 7.38 18.19
C GLY A 43 -9.02 6.70 17.55
N GLY A 44 -9.30 5.59 16.90
CA GLY A 44 -8.27 4.83 16.21
C GLY A 44 -8.89 3.82 15.27
N THR A 45 -8.04 3.02 14.65
CA THR A 45 -8.47 2.09 13.63
C THR A 45 -7.81 0.74 13.82
N THR A 46 -8.59 -0.32 13.62
CA THR A 46 -8.09 -1.69 13.54
C THR A 46 -9.01 -2.47 12.61
N PRO A 47 -8.47 -3.09 11.55
CA PRO A 47 -9.35 -3.79 10.60
C PRO A 47 -10.24 -4.82 11.28
N GLY A 48 -11.53 -4.73 11.00
CA GLY A 48 -12.48 -5.72 11.46
C GLY A 48 -13.22 -5.38 12.74
N LYS A 49 -12.88 -4.25 13.38
CA LYS A 49 -13.49 -3.88 14.65
C LYS A 49 -14.05 -2.46 14.62
N GLY A 50 -14.34 -1.93 13.44
CA GLY A 50 -14.89 -0.60 13.34
C GLY A 50 -16.25 -0.48 14.02
N GLY A 51 -16.49 0.69 14.60
CA GLY A 51 -17.75 0.99 15.26
C GLY A 51 -17.72 0.83 16.76
N LYS A 52 -17.12 -0.24 17.26
CA LYS A 52 -17.05 -0.45 18.69
C LYS A 52 -16.19 0.62 19.35
N THR A 53 -16.22 0.63 20.69
CA THR A 53 -15.53 1.63 21.49
C THR A 53 -14.33 1.00 22.20
N HIS A 54 -13.26 1.77 22.30
CA HIS A 54 -12.00 1.33 22.89
C HIS A 54 -11.39 2.50 23.65
N LEU A 55 -11.10 2.29 24.93
CA LEU A 55 -10.62 3.37 25.80
C LEU A 55 -11.59 4.54 25.78
N GLY A 56 -12.88 4.26 25.67
CA GLY A 56 -13.89 5.29 25.58
C GLY A 56 -13.91 6.04 24.27
N LEU A 57 -13.21 5.55 23.26
CA LEU A 57 -13.13 6.22 21.96
C LEU A 57 -13.62 5.31 20.85
N PRO A 58 -14.09 5.88 19.74
CA PRO A 58 -14.60 5.03 18.65
C PRO A 58 -13.46 4.34 17.89
N VAL A 59 -13.73 3.11 17.46
CA VAL A 59 -12.81 2.33 16.65
C VAL A 59 -13.35 2.25 15.24
N PHE A 60 -12.46 2.29 14.25
CA PHE A 60 -12.84 2.24 12.85
C PHE A 60 -12.04 1.18 12.12
N ASN A 61 -12.51 0.81 10.94
CA ASN A 61 -11.82 -0.17 10.12
C ASN A 61 -10.76 0.44 9.21
N THR A 62 -11.00 1.66 8.71
CA THR A 62 -10.08 2.32 7.80
C THR A 62 -9.73 3.71 8.33
N VAL A 63 -8.68 4.30 7.77
CA VAL A 63 -8.25 5.62 8.22
C VAL A 63 -9.18 6.70 7.68
N LYS A 64 -9.57 6.60 6.41
CA LYS A 64 -10.50 7.58 5.86
C LYS A 64 -11.82 7.58 6.61
N GLU A 65 -12.24 6.42 7.12
CA GLU A 65 -13.46 6.36 7.92
C GLU A 65 -13.31 7.18 9.20
N ALA A 66 -12.22 6.97 9.92
CA ALA A 66 -11.99 7.73 11.16
C ALA A 66 -11.84 9.22 10.88
N LYS A 67 -11.20 9.56 9.75
CA LYS A 67 -10.97 10.97 9.44
C LYS A 67 -12.27 11.70 9.14
N GLU A 68 -13.14 11.08 8.34
CA GLU A 68 -14.40 11.72 7.98
C GLU A 68 -15.32 11.87 9.18
N GLN A 69 -15.23 10.96 10.16
CA GLN A 69 -16.10 11.01 11.32
C GLN A 69 -15.57 11.96 12.38
N THR A 70 -14.27 11.91 12.66
CA THR A 70 -13.67 12.69 13.72
C THR A 70 -12.98 13.96 13.23
N GLY A 71 -12.87 14.14 11.92
CA GLY A 71 -12.13 15.28 11.41
C GLY A 71 -10.68 15.29 11.85
N ALA A 72 -10.09 14.11 12.05
CA ALA A 72 -8.73 14.03 12.54
C ALA A 72 -7.76 14.69 11.57
N THR A 73 -6.72 15.31 12.14
CA THR A 73 -5.69 15.98 11.35
C THR A 73 -4.30 15.37 11.56
N ALA A 74 -4.18 14.37 12.41
CA ALA A 74 -2.91 13.70 12.64
C ALA A 74 -3.18 12.23 12.95
N SER A 75 -2.21 11.38 12.62
CA SER A 75 -2.35 9.94 12.82
C SER A 75 -1.03 9.38 13.35
N VAL A 76 -1.14 8.44 14.28
CA VAL A 76 0.02 7.74 14.84
C VAL A 76 -0.13 6.26 14.53
N ILE A 77 0.97 5.64 14.11
CA ILE A 77 0.96 4.28 13.57
C ILE A 77 1.78 3.37 14.48
N TYR A 78 1.13 2.32 15.00
CA TYR A 78 1.80 1.26 15.75
C TYR A 78 1.65 -0.10 15.06
N VAL A 79 1.39 -0.10 13.76
CA VAL A 79 1.16 -1.33 13.01
C VAL A 79 2.47 -2.10 12.91
N PRO A 80 2.46 -3.44 12.94
CA PRO A 80 3.71 -4.19 12.83
C PRO A 80 4.43 -3.89 11.52
N PRO A 81 5.72 -4.22 11.44
CA PRO A 81 6.52 -3.83 10.26
C PRO A 81 5.94 -4.37 8.97
N PRO A 82 5.53 -5.65 8.92
CA PRO A 82 5.05 -6.21 7.64
C PRO A 82 3.91 -5.41 7.02
N PHE A 83 3.17 -4.63 7.80
CA PHE A 83 2.03 -3.88 7.28
C PHE A 83 2.09 -2.40 7.66
N ALA A 84 3.22 -1.92 8.17
CA ALA A 84 3.31 -0.52 8.57
C ALA A 84 3.42 0.40 7.37
N ALA A 85 4.26 0.04 6.38
CA ALA A 85 4.37 0.86 5.19
C ALA A 85 3.01 1.05 4.53
N ALA A 86 2.22 -0.02 4.45
CA ALA A 86 0.87 0.10 3.89
C ALA A 86 -0.01 0.98 4.77
N ALA A 87 0.22 0.95 6.09
CA ALA A 87 -0.54 1.84 6.97
C ALA A 87 -0.21 3.30 6.68
N ILE A 88 1.04 3.59 6.35
CA ILE A 88 1.40 4.95 5.94
C ILE A 88 0.66 5.30 4.65
N ASN A 89 0.73 4.41 3.66
CA ASN A 89 0.04 4.66 2.40
C ASN A 89 -1.44 4.94 2.62
N GLU A 90 -2.07 4.19 3.53
CA GLU A 90 -3.49 4.40 3.79
C GLU A 90 -3.76 5.82 4.29
N ALA A 91 -2.85 6.36 5.11
CA ALA A 91 -3.04 7.71 5.63
C ALA A 91 -2.81 8.76 4.55
N ILE A 92 -1.78 8.56 3.71
CA ILE A 92 -1.54 9.49 2.61
C ILE A 92 -2.74 9.51 1.67
N ASP A 93 -3.34 8.34 1.43
CA ASP A 93 -4.56 8.29 0.63
C ASP A 93 -5.64 9.17 1.25
N ALA A 94 -5.90 8.99 2.54
CA ALA A 94 -6.89 9.80 3.24
C ALA A 94 -6.46 11.26 3.37
N GLU A 95 -5.23 11.58 2.99
CA GLU A 95 -4.73 12.95 3.05
C GLU A 95 -4.73 13.48 4.49
N VAL A 96 -4.23 12.64 5.41
CA VAL A 96 -4.00 13.05 6.79
C VAL A 96 -2.85 14.04 6.80
N PRO A 97 -3.03 15.26 7.31
CA PRO A 97 -1.92 16.23 7.26
C PRO A 97 -0.63 15.74 7.88
N LEU A 98 -0.68 15.05 9.01
CA LEU A 98 0.50 14.58 9.71
C LEU A 98 0.36 13.12 10.06
N VAL A 99 1.36 12.32 9.71
CA VAL A 99 1.42 10.90 10.04
C VAL A 99 2.72 10.64 10.77
N VAL A 100 2.63 10.01 11.95
CA VAL A 100 3.78 9.69 12.77
C VAL A 100 3.84 8.18 12.91
N CYS A 101 4.86 7.56 12.30
CA CYS A 101 5.03 6.11 12.33
C CYS A 101 6.09 5.77 13.37
N ILE A 102 5.67 5.14 14.46
CA ILE A 102 6.60 4.77 15.52
C ILE A 102 7.28 3.44 15.21
N THR A 103 6.63 2.58 14.42
CA THR A 103 7.09 1.20 14.27
C THR A 103 8.54 1.15 13.84
N GLU A 104 9.27 0.19 14.41
CA GLU A 104 10.65 -0.10 14.05
C GLU A 104 10.72 -1.41 13.31
N GLY A 105 11.61 -1.49 12.33
CA GLY A 105 11.82 -2.72 11.58
C GLY A 105 11.14 -2.80 10.24
N ILE A 106 10.71 -1.68 9.67
CA ILE A 106 10.09 -1.71 8.33
C ILE A 106 11.17 -1.97 7.29
N PRO A 107 10.98 -2.91 6.37
CA PRO A 107 12.01 -3.15 5.34
C PRO A 107 12.34 -1.87 4.60
N GLN A 108 13.62 -1.70 4.27
CA GLN A 108 14.03 -0.49 3.56
C GLN A 108 13.33 -0.38 2.21
N GLN A 109 13.20 -1.50 1.50
CA GLN A 109 12.52 -1.47 0.21
C GLN A 109 11.11 -0.92 0.34
N ASP A 110 10.39 -1.34 1.39
CA ASP A 110 9.03 -0.84 1.60
C ASP A 110 9.02 0.67 1.74
N MET A 111 9.94 1.21 2.57
CA MET A 111 9.97 2.65 2.77
C MET A 111 10.47 3.39 1.53
N VAL A 112 11.37 2.77 0.77
CA VAL A 112 11.79 3.38 -0.50
C VAL A 112 10.58 3.59 -1.39
N ARG A 113 9.67 2.61 -1.42
CA ARG A 113 8.48 2.73 -2.26
C ARG A 113 7.51 3.76 -1.68
N VAL A 114 7.36 3.78 -0.35
CA VAL A 114 6.51 4.78 0.29
C VAL A 114 7.06 6.18 0.03
N LYS A 115 8.35 6.36 0.29
CA LYS A 115 8.95 7.69 0.10
C LYS A 115 8.88 8.12 -1.36
N HIS A 116 8.89 7.17 -2.29
CA HIS A 116 8.74 7.52 -3.70
C HIS A 116 7.44 8.29 -3.93
N ARG A 117 6.34 7.79 -3.38
CA ARG A 117 5.06 8.46 -3.54
C ARG A 117 4.96 9.68 -2.63
N LEU A 118 5.54 9.59 -1.42
CA LEU A 118 5.43 10.69 -0.47
C LEU A 118 5.98 11.98 -1.07
N LEU A 119 7.07 11.89 -1.84
CA LEU A 119 7.71 13.08 -2.38
C LEU A 119 6.95 13.70 -3.54
N ARG A 120 5.99 12.98 -4.13
CA ARG A 120 5.20 13.50 -5.24
C ARG A 120 3.95 14.22 -4.79
N GLN A 121 3.77 14.43 -3.49
CA GLN A 121 2.62 15.15 -2.96
C GLN A 121 3.10 16.06 -1.85
N GLY A 122 2.19 16.93 -1.38
CA GLY A 122 2.55 17.90 -0.36
C GLY A 122 1.45 18.10 0.67
N LYS A 123 0.51 17.17 0.74
CA LYS A 123 -0.59 17.26 1.69
C LYS A 123 -0.32 16.51 2.98
N THR A 124 0.42 15.41 2.92
CA THR A 124 0.74 14.61 4.10
C THR A 124 2.22 14.76 4.45
N ARG A 125 2.48 14.91 5.75
CA ARG A 125 3.84 14.98 6.28
C ARG A 125 4.08 13.76 7.16
N LEU A 126 5.15 13.03 6.87
CA LEU A 126 5.48 11.81 7.57
C LEU A 126 6.66 12.05 8.52
N ILE A 127 6.55 11.51 9.73
CA ILE A 127 7.65 11.46 10.68
C ILE A 127 7.93 10.00 10.98
N GLY A 128 9.18 9.59 10.76
CA GLY A 128 9.56 8.21 10.96
C GLY A 128 9.75 7.50 9.64
N PRO A 129 9.71 6.17 9.64
CA PRO A 129 9.41 5.30 10.80
C PRO A 129 10.57 5.18 11.80
N ASN A 130 10.38 4.31 12.80
CA ASN A 130 11.40 4.04 13.80
C ASN A 130 11.85 5.33 14.50
N CYS A 131 10.86 6.04 15.05
CA CYS A 131 11.09 7.29 15.74
C CYS A 131 10.24 7.34 17.00
N PRO A 132 10.60 8.18 17.97
CA PRO A 132 9.76 8.32 19.17
C PRO A 132 8.52 9.17 18.96
N GLY A 133 8.51 10.03 17.93
CA GLY A 133 7.34 10.86 17.65
C GLY A 133 7.61 12.34 17.80
N VAL A 134 6.54 13.12 17.97
CA VAL A 134 6.64 14.56 18.15
C VAL A 134 5.77 14.95 19.34
N ILE A 135 6.20 15.99 20.05
CA ILE A 135 5.47 16.45 21.22
C ILE A 135 5.61 17.96 21.33
N ASN A 136 4.47 18.63 21.49
CA ASN A 136 4.42 20.03 21.87
C ASN A 136 4.20 20.06 23.38
N PRO A 137 5.24 20.34 24.18
CA PRO A 137 5.09 20.18 25.64
C PRO A 137 3.89 20.89 26.21
N GLY A 138 2.97 20.14 26.82
CA GLY A 138 1.80 20.70 27.44
C GLY A 138 0.57 20.77 26.56
N GLU A 139 0.71 20.58 25.25
CA GLU A 139 -0.40 20.72 24.32
C GLU A 139 -0.72 19.43 23.59
N CYS A 140 0.27 18.77 22.99
CA CYS A 140 0.02 17.58 22.18
C CYS A 140 1.23 16.66 22.25
N LYS A 141 0.95 15.37 22.41
CA LYS A 141 1.98 14.33 22.48
C LYS A 141 1.58 13.19 21.54
N ILE A 142 2.33 13.05 20.45
CA ILE A 142 2.09 11.99 19.47
C ILE A 142 3.37 11.17 19.41
N GLY A 143 3.45 10.15 20.25
CA GLY A 143 4.64 9.31 20.27
C GLY A 143 4.70 8.49 21.55
N ILE A 144 5.92 8.07 21.87
CA ILE A 144 6.19 7.17 22.98
C ILE A 144 7.02 7.84 24.06
N MET A 145 7.28 9.14 23.93
CA MET A 145 8.15 9.82 24.88
C MET A 145 7.47 9.89 26.25
N PRO A 146 8.23 9.85 27.34
CA PRO A 146 7.66 10.13 28.66
C PRO A 146 7.28 11.60 28.76
N GLY A 147 5.99 11.86 28.97
CA GLY A 147 5.50 13.23 28.95
C GLY A 147 5.92 14.04 30.16
N HIS A 148 6.15 13.37 31.29
CA HIS A 148 6.38 14.10 32.54
C HIS A 148 7.70 14.84 32.56
N ILE A 149 8.66 14.47 31.71
CA ILE A 149 9.94 15.17 31.69
C ILE A 149 9.93 16.42 30.83
N HIS A 150 8.87 16.64 30.05
CA HIS A 150 8.78 17.80 29.18
C HIS A 150 8.17 18.98 29.92
N LYS A 151 8.32 20.16 29.33
CA LYS A 151 7.71 21.38 29.84
C LYS A 151 7.85 22.48 28.80
N LYS A 152 6.74 23.13 28.47
CA LYS A 152 6.76 24.16 27.43
C LYS A 152 7.84 25.18 27.71
N GLY A 153 8.67 25.43 26.71
CA GLY A 153 9.83 26.29 26.90
C GLY A 153 10.33 26.92 25.63
N ARG A 154 11.65 27.12 25.55
CA ARG A 154 12.26 27.99 24.56
C ARG A 154 13.26 27.27 23.66
N ILE A 155 13.46 25.98 23.83
CA ILE A 155 14.49 25.23 23.12
C ILE A 155 13.80 24.24 22.18
N GLY A 156 14.05 24.38 20.88
CA GLY A 156 13.57 23.41 19.92
C GLY A 156 14.54 22.26 19.76
N ILE A 157 14.07 21.03 19.98
CA ILE A 157 14.91 19.85 19.99
C ILE A 157 14.58 18.98 18.78
N VAL A 158 15.62 18.59 18.04
CA VAL A 158 15.51 17.62 16.96
C VAL A 158 16.56 16.55 17.21
N SER A 159 16.16 15.28 17.07
CA SER A 159 17.03 14.17 17.44
C SER A 159 16.88 13.03 16.45
N ARG A 160 18.01 12.51 15.98
CA ARG A 160 18.03 11.30 15.18
C ARG A 160 18.06 10.04 16.02
N SER A 161 18.21 10.16 17.33
CA SER A 161 18.21 9.03 18.25
C SER A 161 16.85 8.92 18.94
N GLY A 162 16.67 7.82 19.67
CA GLY A 162 15.43 7.58 20.37
C GLY A 162 15.46 8.03 21.82
N THR A 163 15.73 7.08 22.72
CA THR A 163 15.76 7.40 24.14
C THR A 163 16.75 8.51 24.46
N LEU A 164 17.84 8.59 23.71
CA LEU A 164 18.84 9.62 23.98
C LEU A 164 18.22 11.01 23.93
N THR A 165 17.16 11.19 23.16
CA THR A 165 16.50 12.50 23.10
C THR A 165 16.02 12.93 24.48
N TYR A 166 15.59 11.98 25.30
CA TYR A 166 15.00 12.32 26.60
C TYR A 166 16.02 13.00 27.49
N GLU A 167 17.31 12.67 27.35
CA GLU A 167 18.33 13.34 28.14
C GLU A 167 18.37 14.83 27.83
N ALA A 168 18.29 15.18 26.55
CA ALA A 168 18.26 16.60 26.18
C ALA A 168 16.99 17.26 26.69
N VAL A 169 15.88 16.54 26.71
CA VAL A 169 14.63 17.10 27.21
C VAL A 169 14.71 17.32 28.71
N HIS A 170 15.06 16.27 29.46
CA HIS A 170 15.12 16.38 30.91
C HIS A 170 16.04 17.50 31.34
N GLN A 171 17.16 17.70 30.63
CA GLN A 171 18.13 18.70 31.03
C GLN A 171 17.63 20.12 30.74
N THR A 172 16.96 20.32 29.60
CA THR A 172 16.46 21.65 29.27
C THR A 172 15.37 22.08 30.23
N THR A 173 14.66 21.13 30.85
CA THR A 173 13.65 21.50 31.84
C THR A 173 14.30 21.85 33.18
N GLN A 174 15.29 21.07 33.60
CA GLN A 174 15.92 21.32 34.90
C GLN A 174 16.64 22.68 34.92
N VAL A 175 17.18 23.11 33.77
CA VAL A 175 17.83 24.42 33.71
C VAL A 175 16.85 25.57 33.58
N GLY A 176 15.55 25.27 33.48
CA GLY A 176 14.55 26.31 33.40
C GLY A 176 14.27 26.85 32.01
N LEU A 177 14.80 26.21 30.97
CA LEU A 177 14.56 26.67 29.61
C LEU A 177 13.40 25.95 28.95
N GLY A 178 13.16 24.69 29.29
CA GLY A 178 12.07 23.95 28.69
C GLY A 178 12.27 23.77 27.19
N GLN A 179 11.21 23.27 26.57
CA GLN A 179 11.21 22.98 25.14
C GLN A 179 9.98 23.59 24.48
N SER A 180 10.17 24.15 23.30
CA SER A 180 9.06 24.65 22.50
C SER A 180 8.45 23.56 21.62
N LEU A 181 9.29 22.75 20.99
CA LEU A 181 8.81 21.64 20.18
C LEU A 181 9.94 20.62 20.05
N CYS A 182 9.66 19.38 20.41
CA CYS A 182 10.61 18.28 20.33
CA CYS A 182 10.61 18.28 20.33
C CYS A 182 10.19 17.32 19.22
N VAL A 183 11.11 17.02 18.31
CA VAL A 183 10.84 16.14 17.19
C VAL A 183 11.92 15.06 17.14
N GLY A 184 11.49 13.81 17.02
CA GLY A 184 12.39 12.71 16.79
C GLY A 184 12.21 12.15 15.40
N ILE A 185 13.21 12.33 14.53
CA ILE A 185 13.08 11.92 13.14
C ILE A 185 13.37 10.45 12.91
N GLY A 186 13.85 9.74 13.93
CA GLY A 186 14.09 8.31 13.81
C GLY A 186 15.48 7.98 13.30
N GLY A 187 15.75 6.68 13.25
CA GLY A 187 17.06 6.19 12.86
C GLY A 187 17.05 5.31 11.62
N ASP A 188 16.05 5.49 10.74
CA ASP A 188 16.03 4.73 9.50
C ASP A 188 16.58 5.55 8.35
N PRO A 189 17.15 4.89 7.32
CA PRO A 189 17.75 5.66 6.23
C PRO A 189 16.74 6.37 5.35
N PHE A 190 15.56 5.80 5.13
CA PHE A 190 14.52 6.40 4.30
C PHE A 190 13.36 6.77 5.21
N ASN A 191 13.25 8.06 5.53
CA ASN A 191 12.23 8.57 6.44
C ASN A 191 11.59 9.81 5.82
N GLY A 192 10.47 10.23 6.40
CA GLY A 192 9.71 11.34 5.88
C GLY A 192 10.16 12.71 6.33
N THR A 193 11.05 12.80 7.32
CA THR A 193 11.50 14.08 7.83
C THR A 193 12.94 13.96 8.27
N ASP A 194 13.74 14.97 7.95
CA ASP A 194 15.17 14.98 8.26
C ASP A 194 15.48 16.18 9.16
N PHE A 195 16.78 16.41 9.40
CA PHE A 195 17.20 17.52 10.25
C PHE A 195 16.76 18.86 9.68
N THR A 196 17.07 19.11 8.40
CA THR A 196 16.83 20.42 7.82
C THR A 196 15.36 20.82 7.93
N ASP A 197 14.45 19.85 7.75
CA ASP A 197 13.03 20.15 7.87
C ASP A 197 12.72 20.75 9.24
N CYS A 198 13.20 20.11 10.31
CA CYS A 198 12.93 20.62 11.65
C CYS A 198 13.65 21.93 11.91
N LEU A 199 14.85 22.10 11.36
CA LEU A 199 15.56 23.36 11.53
C LEU A 199 14.80 24.51 10.88
N GLU A 200 14.24 24.28 9.69
CA GLU A 200 13.45 25.31 9.02
C GLU A 200 12.34 25.82 9.92
N ILE A 201 11.70 24.92 10.67
CA ILE A 201 10.60 25.32 11.54
C ILE A 201 11.13 26.07 12.75
N PHE A 202 12.19 25.55 13.38
CA PHE A 202 12.75 26.19 14.57
C PHE A 202 13.20 27.62 14.27
N LEU A 203 13.92 27.81 13.15
CA LEU A 203 14.45 29.13 12.85
C LEU A 203 13.35 30.15 12.62
N ASN A 204 12.19 29.72 12.10
CA ASN A 204 11.08 30.61 11.83
C ASN A 204 10.03 30.57 12.93
N ASP A 205 10.29 29.88 14.04
CA ASP A 205 9.37 29.85 15.16
C ASP A 205 9.82 30.86 16.21
N PRO A 206 9.03 31.90 16.50
CA PRO A 206 9.45 32.84 17.56
C PRO A 206 9.58 32.19 18.92
N ALA A 207 8.68 31.25 19.25
CA ALA A 207 8.75 30.58 20.54
C ALA A 207 10.04 29.79 20.72
N THR A 208 10.69 29.41 19.62
CA THR A 208 11.95 28.67 19.67
C THR A 208 13.10 29.68 19.63
N GLU A 209 13.73 29.91 20.78
CA GLU A 209 14.87 30.81 20.87
C GLU A 209 16.21 30.09 20.81
N GLY A 210 16.28 28.86 21.29
CA GLY A 210 17.47 28.04 21.17
C GLY A 210 17.17 26.74 20.47
N ILE A 211 18.20 26.04 20.01
CA ILE A 211 18.02 24.80 19.25
C ILE A 211 19.04 23.79 19.75
N ILE A 212 18.59 22.55 19.95
CA ILE A 212 19.45 21.43 20.30
C ILE A 212 19.26 20.35 19.25
N LEU A 213 20.37 19.84 18.73
CA LEU A 213 20.37 18.80 17.70
C LEU A 213 21.10 17.59 18.24
N ILE A 214 20.41 16.45 18.29
CA ILE A 214 20.98 15.21 18.79
C ILE A 214 21.31 14.34 17.58
N GLY A 215 22.57 13.96 17.45
CA GLY A 215 23.00 13.10 16.36
C GLY A 215 23.83 11.93 16.84
N GLU A 216 24.57 11.32 15.92
CA GLU A 216 25.42 10.18 16.23
C GLU A 216 26.21 9.83 14.98
N ILE A 217 27.19 8.94 15.15
CA ILE A 217 28.05 8.57 14.04
C ILE A 217 27.23 7.88 12.95
N GLY A 218 27.76 7.91 11.72
CA GLY A 218 27.13 7.24 10.60
C GLY A 218 26.30 8.15 9.73
N GLY A 219 26.45 8.01 8.41
CA GLY A 219 25.65 8.76 7.47
C GLY A 219 26.19 10.16 7.22
N ASN A 220 25.34 10.96 6.57
CA ASN A 220 25.68 12.34 6.21
C ASN A 220 24.65 13.33 6.73
N ALA A 221 23.73 12.91 7.60
CA ALA A 221 22.64 13.77 8.03
C ALA A 221 23.18 14.98 8.80
N GLU A 222 24.10 14.75 9.73
CA GLU A 222 24.63 15.84 10.54
C GLU A 222 25.37 16.86 9.68
N GLU A 223 26.10 16.38 8.66
CA GLU A 223 26.81 17.30 7.79
C GLU A 223 25.83 18.17 7.02
N ASN A 224 24.78 17.57 6.46
CA ASN A 224 23.78 18.35 5.73
C ASN A 224 23.12 19.36 6.65
N ALA A 225 22.89 19.00 7.91
CA ALA A 225 22.37 19.96 8.87
C ALA A 225 23.31 21.13 9.06
N ALA A 226 24.62 20.86 9.08
CA ALA A 226 25.60 21.93 9.24
C ALA A 226 25.53 22.91 8.08
N GLU A 227 25.58 22.41 6.84
CA GLU A 227 25.54 23.29 5.68
C GLU A 227 24.27 24.13 5.67
N PHE A 228 23.14 23.52 6.05
CA PHE A 228 21.89 24.28 6.12
C PHE A 228 22.03 25.44 7.10
N LEU A 229 22.55 25.16 8.30
CA LEU A 229 22.70 26.20 9.30
C LEU A 229 23.68 27.28 8.86
N LYS A 230 24.80 26.87 8.26
CA LYS A 230 25.82 27.83 7.85
C LYS A 230 25.27 28.87 6.87
N GLN A 231 24.19 28.55 6.16
CA GLN A 231 23.60 29.47 5.19
C GLN A 231 22.48 30.31 5.80
N HIS A 232 21.57 29.69 6.54
CA HIS A 232 20.36 30.35 7.01
C HIS A 232 20.40 30.74 8.48
N ASN A 233 21.41 30.28 9.24
CA ASN A 233 21.52 30.62 10.65
C ASN A 233 22.74 31.47 10.96
N SER A 234 23.46 31.93 9.94
CA SER A 234 24.62 32.79 10.11
C SER A 234 24.27 34.17 9.55
N GLY A 235 24.24 35.17 10.43
CA GLY A 235 23.96 36.51 10.01
C GLY A 235 23.19 37.30 11.06
N PRO A 236 22.08 37.95 10.65
CA PRO A 236 21.39 38.87 11.56
C PRO A 236 20.88 38.19 12.82
N LYS A 237 19.67 37.64 12.78
CA LYS A 237 19.05 37.06 13.97
C LYS A 237 19.42 35.57 14.08
N SER A 238 20.72 35.33 14.20
CA SER A 238 21.23 33.98 14.37
C SER A 238 20.76 33.40 15.70
N LYS A 239 20.09 32.24 15.64
CA LYS A 239 19.67 31.60 16.88
C LYS A 239 20.76 30.64 17.37
N PRO A 240 21.04 30.61 18.68
CA PRO A 240 22.07 29.69 19.18
C PRO A 240 21.66 28.24 18.98
N VAL A 241 22.63 27.41 18.62
CA VAL A 241 22.41 26.00 18.37
C VAL A 241 23.44 25.19 19.15
N VAL A 242 22.98 24.10 19.76
CA VAL A 242 23.84 23.18 20.51
C VAL A 242 23.59 21.79 19.96
N SER A 243 24.59 20.92 20.10
CA SER A 243 24.49 19.58 19.56
C SER A 243 25.34 18.61 20.36
N PHE A 244 24.99 17.33 20.24
CA PHE A 244 25.77 16.23 20.78
C PHE A 244 25.72 15.08 19.79
N ILE A 245 26.88 14.45 19.57
CA ILE A 245 27.01 13.34 18.63
C ILE A 245 27.41 12.12 19.43
N ALA A 246 26.53 11.14 19.49
CA ALA A 246 26.82 9.91 20.22
C ALA A 246 27.73 9.00 19.40
N GLY A 247 28.53 8.21 20.11
CA GLY A 247 29.46 7.29 19.47
C GLY A 247 30.88 7.77 19.39
N LEU A 248 31.25 8.83 20.11
CA LEU A 248 32.63 9.30 20.09
C LEU A 248 33.59 8.18 20.45
N THR A 249 33.21 7.33 21.41
CA THR A 249 34.04 6.21 21.85
C THR A 249 33.62 4.90 21.22
N ALA A 250 32.74 4.92 20.24
CA ALA A 250 32.31 3.68 19.62
C ALA A 250 33.41 3.16 18.68
N PRO A 251 33.53 1.84 18.53
CA PRO A 251 34.53 1.30 17.62
C PRO A 251 34.05 1.33 16.19
N PRO A 252 34.96 1.43 15.21
CA PRO A 252 34.55 1.46 13.79
C PRO A 252 33.96 0.13 13.32
N MET A 256 30.97 -4.54 4.60
CA MET A 256 31.96 -5.01 3.64
C MET A 256 31.62 -4.53 2.23
N GLY A 257 32.64 -4.07 1.50
CA GLY A 257 32.47 -3.58 0.15
C GLY A 257 33.11 -2.22 -0.04
N HIS A 258 33.12 -1.81 -1.30
CA HIS A 258 33.66 -0.51 -1.70
C HIS A 258 32.57 0.52 -1.97
N ALA A 259 31.30 0.13 -1.86
CA ALA A 259 30.22 1.04 -2.24
C ALA A 259 30.14 2.23 -1.28
N GLY A 260 30.17 1.98 0.02
CA GLY A 260 30.02 3.06 0.98
C GLY A 260 31.07 4.14 0.81
N ALA A 261 32.34 3.74 0.69
CA ALA A 261 33.41 4.73 0.54
C ALA A 261 33.21 5.57 -0.71
N ILE A 262 32.56 5.02 -1.74
CA ILE A 262 32.34 5.77 -2.97
C ILE A 262 31.10 6.65 -2.84
N ILE A 263 29.98 6.07 -2.40
CA ILE A 263 28.74 6.81 -2.25
C ILE A 263 28.05 6.37 -0.97
N GLY A 269 31.35 9.35 10.66
CA GLY A 269 32.08 10.61 10.67
C GLY A 269 32.69 10.92 12.02
N ALA A 270 31.84 11.05 13.03
CA ALA A 270 32.28 11.35 14.38
C ALA A 270 33.12 12.63 14.40
N LYS A 271 34.42 12.49 14.19
CA LYS A 271 35.31 13.64 14.21
C LYS A 271 34.88 14.69 13.17
N GLU A 272 34.54 14.25 11.96
CA GLU A 272 34.22 15.19 10.90
C GLU A 272 32.84 15.80 11.10
N LYS A 273 31.87 15.02 11.59
CA LYS A 273 30.56 15.58 11.91
C LYS A 273 30.69 16.72 12.90
N ILE A 274 31.55 16.58 13.89
CA ILE A 274 31.75 17.64 14.89
C ILE A 274 32.35 18.87 14.23
N THR A 275 33.42 18.66 13.46
CA THR A 275 34.08 19.79 12.80
C THR A 275 33.12 20.53 11.88
N ALA A 276 32.23 19.81 11.21
CA ALA A 276 31.30 20.45 10.29
C ALA A 276 30.27 21.28 11.05
N LEU A 277 29.74 20.75 12.14
CA LEU A 277 28.74 21.48 12.91
C LEU A 277 29.34 22.77 13.49
N GLN A 278 30.57 22.70 13.99
CA GLN A 278 31.21 23.88 14.55
C GLN A 278 31.40 24.97 13.50
N SER A 279 31.64 24.59 12.25
CA SER A 279 31.87 25.58 11.21
C SER A 279 30.65 26.45 11.00
N ALA A 280 29.46 25.91 11.22
CA ALA A 280 28.22 26.65 11.07
C ALA A 280 27.82 27.39 12.35
N GLY A 281 28.72 27.45 13.33
CA GLY A 281 28.43 28.14 14.58
C GLY A 281 27.77 27.29 15.65
N VAL A 282 27.68 25.99 15.45
CA VAL A 282 27.03 25.11 16.42
C VAL A 282 28.01 24.78 17.53
N VAL A 283 27.57 24.93 18.78
CA VAL A 283 28.37 24.58 19.95
C VAL A 283 28.11 23.10 20.25
N VAL A 284 29.13 22.27 20.08
CA VAL A 284 29.00 20.83 20.25
C VAL A 284 29.44 20.48 21.66
N SER A 285 28.54 19.86 22.42
CA SER A 285 28.85 19.39 23.77
C SER A 285 29.40 17.96 23.67
N MET A 286 30.61 17.77 24.19
CA MET A 286 31.25 16.45 24.14
C MET A 286 30.64 15.47 25.12
N SER A 287 30.01 15.97 26.20
CA SER A 287 29.38 15.11 27.20
C SER A 287 27.87 15.07 26.98
N PRO A 288 27.24 13.90 27.00
CA PRO A 288 25.77 13.85 26.84
C PRO A 288 25.01 14.40 28.03
N ALA A 289 25.69 14.78 29.11
CA ALA A 289 25.04 15.29 30.31
C ALA A 289 25.14 16.80 30.43
N GLN A 290 25.65 17.49 29.41
CA GLN A 290 25.87 18.92 29.46
C GLN A 290 25.12 19.66 28.37
N LEU A 291 24.09 19.05 27.81
CA LEU A 291 23.30 19.74 26.79
C LEU A 291 22.53 20.91 27.38
N GLY A 292 21.95 20.73 28.57
CA GLY A 292 21.20 21.81 29.18
C GLY A 292 22.08 22.96 29.62
N THR A 293 23.22 22.64 30.25
CA THR A 293 24.11 23.70 30.72
C THR A 293 24.71 24.49 29.55
N THR A 294 25.12 23.80 28.49
CA THR A 294 25.74 24.48 27.36
C THR A 294 24.78 25.49 26.73
N ILE A 295 23.59 25.02 26.35
CA ILE A 295 22.60 25.93 25.77
C ILE A 295 22.25 27.03 26.76
N TYR A 296 22.24 26.71 28.06
CA TYR A 296 21.94 27.71 29.07
C TYR A 296 22.97 28.82 29.05
N LYS A 297 24.26 28.46 29.15
CA LYS A 297 25.30 29.47 29.14
C LYS A 297 25.35 30.22 27.82
N GLU A 298 24.96 29.57 26.72
CA GLU A 298 24.87 30.27 25.45
C GLU A 298 23.79 31.35 25.51
N PHE A 299 22.67 31.05 26.15
CA PHE A 299 21.66 32.09 26.39
C PHE A 299 22.23 33.19 27.26
N GLU A 300 23.09 32.82 28.22
CA GLU A 300 23.69 33.82 29.10
C GLU A 300 24.69 34.69 28.32
N LYS A 301 25.46 34.07 27.42
CA LYS A 301 26.41 34.81 26.59
C LYS A 301 25.72 35.73 25.59
N ARG A 302 24.40 35.60 25.41
CA ARG A 302 23.66 36.41 24.46
C ARG A 302 22.60 37.27 25.15
N LYS A 303 22.62 37.36 26.47
CA LYS A 303 21.64 38.14 27.23
C LYS A 303 20.21 37.70 26.94
N MET A 304 20.03 36.45 26.53
CA MET A 304 18.71 35.95 26.18
C MET A 304 17.91 35.47 27.38
N LEU A 305 18.54 35.36 28.55
CA LEU A 305 17.83 34.91 29.74
C LEU A 305 16.86 35.99 30.23
N MET B 1 22.88 -7.67 7.37
CA MET B 1 23.52 -9.01 7.44
C MET B 1 24.33 -9.26 6.17
N ASN B 2 25.50 -9.88 6.33
CA ASN B 2 26.38 -10.18 5.22
C ASN B 2 26.73 -11.66 5.22
N LEU B 3 26.75 -12.26 4.04
CA LEU B 3 27.08 -13.67 3.88
C LEU B 3 28.43 -13.82 3.19
N GLN B 4 28.99 -15.02 3.30
CA GLN B 4 30.25 -15.32 2.64
C GLN B 4 30.06 -15.26 1.12
N GLU B 5 31.19 -15.29 0.40
CA GLU B 5 31.15 -15.25 -1.04
C GLU B 5 30.44 -16.47 -1.62
N TYR B 6 30.83 -17.66 -1.15
CA TYR B 6 30.26 -18.89 -1.70
C TYR B 6 28.76 -18.97 -1.47
N GLN B 7 28.25 -18.29 -0.44
CA GLN B 7 26.82 -18.27 -0.21
C GLN B 7 26.13 -17.30 -1.18
N SER B 8 26.77 -16.17 -1.47
CA SER B 8 26.20 -15.22 -2.41
C SER B 8 26.29 -15.74 -3.84
N LYS B 9 27.40 -16.38 -4.20
CA LYS B 9 27.55 -16.90 -5.55
C LYS B 9 26.45 -17.90 -5.88
N LYS B 10 26.13 -18.79 -4.94
CA LYS B 10 25.05 -19.74 -5.18
C LYS B 10 23.72 -19.02 -5.38
N LEU B 11 23.44 -18.02 -4.54
CA LEU B 11 22.20 -17.26 -4.66
C LEU B 11 22.12 -16.56 -6.01
N MET B 12 23.24 -16.00 -6.48
CA MET B 12 23.25 -15.32 -7.77
C MET B 12 23.03 -16.31 -8.91
N SER B 13 23.61 -17.51 -8.82
CA SER B 13 23.47 -18.47 -9.90
C SER B 13 22.02 -18.90 -10.09
N ASP B 14 21.27 -19.05 -9.00
CA ASP B 14 19.89 -19.50 -9.08
C ASP B 14 18.97 -18.47 -9.74
N ASN B 15 19.42 -17.23 -9.91
CA ASN B 15 18.61 -16.18 -10.52
C ASN B 15 19.17 -15.73 -11.87
N GLY B 16 19.93 -16.60 -12.54
CA GLY B 16 20.38 -16.32 -13.89
C GLY B 16 21.61 -15.45 -14.01
N VAL B 17 22.31 -15.20 -12.90
CA VAL B 17 23.52 -14.39 -12.92
C VAL B 17 24.72 -15.31 -13.16
N LYS B 18 25.56 -14.94 -14.12
CA LYS B 18 26.71 -15.76 -14.51
C LYS B 18 27.80 -15.66 -13.44
N VAL B 19 28.16 -16.80 -12.85
CA VAL B 19 29.21 -16.86 -11.84
C VAL B 19 30.12 -18.05 -12.11
N GLN B 20 31.24 -18.08 -11.41
CA GLN B 20 32.22 -19.15 -11.53
C GLN B 20 31.76 -20.41 -10.81
N ARG B 21 32.44 -21.51 -11.12
CA ARG B 21 32.17 -22.81 -10.51
C ARG B 21 33.10 -22.98 -9.31
N PHE B 22 32.53 -23.09 -8.11
CA PHE B 22 33.31 -22.99 -6.88
C PHE B 22 33.08 -24.18 -5.96
N PHE B 23 34.03 -24.36 -5.05
CA PHE B 23 33.94 -25.33 -3.97
C PHE B 23 34.51 -24.70 -2.71
N VAL B 24 34.01 -25.13 -1.55
CA VAL B 24 34.43 -24.60 -0.26
C VAL B 24 34.96 -25.74 0.59
N ALA B 25 35.96 -25.43 1.42
CA ALA B 25 36.60 -26.41 2.28
C ALA B 25 36.98 -25.75 3.60
N ASP B 26 37.30 -26.59 4.58
CA ASP B 26 37.75 -26.13 5.89
C ASP B 26 39.21 -26.47 6.18
N THR B 27 39.84 -27.30 5.36
CA THR B 27 41.24 -27.67 5.53
C THR B 27 41.94 -27.56 4.18
N ALA B 28 43.28 -27.52 4.25
CA ALA B 28 44.06 -27.38 3.02
C ALA B 28 43.95 -28.62 2.14
N ASN B 29 43.81 -29.80 2.75
CA ASN B 29 43.70 -31.02 1.96
C ASN B 29 42.34 -31.12 1.28
N GLU B 30 41.27 -30.78 2.01
CA GLU B 30 39.92 -30.80 1.45
C GLU B 30 39.82 -29.86 0.25
N LEU B 38 37.03 -31.11 -10.24
CA LEU B 38 36.94 -29.78 -10.84
C LEU B 38 37.40 -29.78 -12.29
N ASN B 39 38.49 -30.50 -12.56
CA ASN B 39 39.12 -30.50 -13.89
C ASN B 39 39.49 -29.08 -14.32
N ALA B 40 39.82 -28.25 -13.34
CA ALA B 40 40.10 -26.84 -13.56
C ALA B 40 41.41 -26.67 -14.33
N LYS B 41 41.34 -26.02 -15.50
CA LYS B 41 42.57 -25.64 -16.18
C LYS B 41 43.41 -24.73 -15.29
N GLU B 42 42.75 -23.90 -14.49
CA GLU B 42 43.42 -23.01 -13.55
C GLU B 42 42.48 -22.81 -12.36
N ILE B 43 43.04 -22.87 -11.16
CA ILE B 43 42.25 -22.80 -9.94
C ILE B 43 42.51 -21.47 -9.25
N VAL B 44 41.49 -20.96 -8.56
CA VAL B 44 41.55 -19.71 -7.83
C VAL B 44 41.33 -20.01 -6.35
N LEU B 45 42.25 -19.55 -5.51
CA LEU B 45 42.17 -19.72 -4.06
C LEU B 45 41.84 -18.37 -3.44
N LYS B 46 40.74 -18.31 -2.70
CA LYS B 46 40.25 -17.07 -2.12
C LYS B 46 39.85 -17.31 -0.68
N ALA B 47 40.42 -16.53 0.24
CA ALA B 47 40.02 -16.60 1.63
C ALA B 47 38.57 -16.13 1.80
N GLN B 48 37.83 -16.82 2.64
CA GLN B 48 36.40 -16.56 2.84
C GLN B 48 36.22 -15.80 4.15
N ILE B 49 36.06 -14.48 4.06
CA ILE B 49 35.76 -13.65 5.21
C ILE B 49 34.74 -12.60 4.82
N LEU B 50 33.97 -12.14 5.80
CA LEU B 50 32.92 -11.14 5.59
C LEU B 50 33.53 -9.75 5.51
N ALA B 51 34.48 -9.58 4.59
CA ALA B 51 35.20 -8.33 4.45
C ALA B 51 35.87 -8.30 3.08
N GLY B 52 36.07 -7.08 2.56
CA GLY B 52 36.72 -6.88 1.29
C GLY B 52 38.20 -6.61 1.43
N GLY B 53 38.84 -6.43 0.27
CA GLY B 53 40.26 -6.15 0.25
C GLY B 53 41.13 -7.33 0.63
N ARG B 54 40.65 -8.55 0.42
CA ARG B 54 41.42 -9.73 0.80
C ARG B 54 42.77 -9.76 0.10
N GLY B 55 42.87 -9.19 -1.09
CA GLY B 55 44.11 -9.14 -1.82
C GLY B 55 45.19 -8.35 -1.08
N LEU B 63 52.62 -15.25 5.03
CA LEU B 63 52.03 -15.24 3.69
C LEU B 63 51.34 -13.91 3.42
N LYS B 64 51.49 -13.42 2.19
CA LYS B 64 50.91 -12.15 1.78
C LYS B 64 49.80 -12.40 0.76
N GLY B 65 48.69 -11.71 0.94
CA GLY B 65 47.57 -11.81 0.01
C GLY B 65 46.56 -12.87 0.38
N GLY B 66 45.28 -12.51 0.33
CA GLY B 66 44.20 -13.44 0.62
C GLY B 66 43.67 -14.18 -0.59
N VAL B 67 44.16 -13.88 -1.78
CA VAL B 67 43.71 -14.53 -3.00
C VAL B 67 44.93 -14.87 -3.85
N HIS B 68 44.93 -16.07 -4.43
CA HIS B 68 46.06 -16.55 -5.21
C HIS B 68 45.54 -17.30 -6.43
N LEU B 69 46.37 -17.34 -7.47
CA LEU B 69 46.05 -18.01 -8.72
C LEU B 69 47.15 -19.02 -9.04
N THR B 70 46.77 -20.28 -9.22
CA THR B 70 47.69 -21.32 -9.66
C THR B 70 46.98 -22.18 -10.69
N LYS B 71 47.75 -23.08 -11.32
CA LYS B 71 47.27 -23.81 -12.49
C LYS B 71 46.72 -25.19 -12.17
N ASP B 72 47.12 -25.81 -11.07
CA ASP B 72 46.69 -27.15 -10.73
C ASP B 72 46.59 -27.27 -9.22
N PRO B 73 45.90 -28.31 -8.71
CA PRO B 73 45.68 -28.41 -7.26
C PRO B 73 46.94 -28.24 -6.43
N GLU B 74 47.76 -29.30 -6.33
CA GLU B 74 48.93 -29.37 -5.46
C GLU B 74 49.29 -28.06 -4.76
N VAL B 75 49.41 -26.98 -5.53
CA VAL B 75 49.82 -25.70 -4.95
C VAL B 75 48.77 -25.19 -3.98
N VAL B 76 47.49 -25.44 -4.25
CA VAL B 76 46.43 -24.93 -3.38
C VAL B 76 46.57 -25.53 -1.98
N GLY B 77 46.92 -26.82 -1.90
CA GLY B 77 47.09 -27.45 -0.61
C GLY B 77 48.22 -26.84 0.20
N GLN B 78 49.23 -26.27 -0.48
CA GLN B 78 50.34 -25.64 0.22
C GLN B 78 50.00 -24.23 0.66
N LEU B 79 49.20 -23.51 -0.12
CA LEU B 79 48.80 -22.15 0.25
C LEU B 79 47.64 -22.16 1.25
N ALA B 80 46.74 -23.14 1.16
CA ALA B 80 45.58 -23.18 2.05
C ALA B 80 45.98 -23.43 3.50
N LYS B 81 47.18 -23.95 3.74
CA LYS B 81 47.64 -24.11 5.12
C LYS B 81 48.03 -22.77 5.73
N GLN B 82 48.58 -21.85 4.94
CA GLN B 82 48.94 -20.53 5.43
C GLN B 82 47.75 -19.58 5.55
N MET B 83 46.58 -19.97 5.03
CA MET B 83 45.37 -19.16 5.15
C MET B 83 44.48 -19.68 6.28
N ILE B 84 44.07 -20.95 6.21
CA ILE B 84 43.15 -21.48 7.19
C ILE B 84 43.79 -21.42 8.57
N GLY B 85 42.99 -20.98 9.56
CA GLY B 85 43.47 -20.83 10.91
C GLY B 85 44.19 -19.53 11.19
N TYR B 86 44.63 -18.81 10.17
CA TYR B 86 45.32 -17.54 10.34
C TYR B 86 44.35 -16.38 10.14
N ASN B 87 44.72 -15.22 10.69
CA ASN B 87 43.96 -14.01 10.49
C ASN B 87 44.39 -13.34 9.18
N LEU B 88 43.42 -12.71 8.53
CA LEU B 88 43.67 -11.97 7.29
C LEU B 88 43.30 -10.52 7.54
N ALA B 89 44.29 -9.65 7.58
CA ALA B 89 44.10 -8.23 7.85
C ALA B 89 44.10 -7.48 6.53
N THR B 90 42.95 -6.91 6.18
CA THR B 90 42.80 -6.11 4.98
C THR B 90 42.66 -4.64 5.37
N LYS B 91 42.32 -3.81 4.38
CA LYS B 91 42.13 -2.38 4.65
C LYS B 91 40.82 -2.13 5.38
N GLN B 92 39.88 -3.08 5.34
CA GLN B 92 38.56 -2.90 5.92
C GLN B 92 38.29 -3.89 7.05
N THR B 93 39.29 -4.66 7.47
CA THR B 93 39.22 -5.52 8.63
C THR B 93 39.81 -4.81 9.85
N PRO B 94 39.50 -5.27 11.05
CA PRO B 94 40.17 -4.71 12.23
C PRO B 94 41.68 -4.88 12.09
N LYS B 95 42.42 -3.96 12.69
CA LYS B 95 43.88 -4.03 12.60
C LYS B 95 44.41 -5.40 13.01
N GLU B 96 43.72 -6.08 13.94
CA GLU B 96 44.06 -7.46 14.26
C GLU B 96 43.81 -8.39 13.08
N GLY B 97 42.83 -8.07 12.24
CA GLY B 97 42.41 -8.91 11.14
C GLY B 97 41.21 -9.76 11.49
N VAL B 98 40.83 -10.61 10.54
CA VAL B 98 39.68 -11.50 10.69
C VAL B 98 40.17 -12.93 10.53
N LYS B 99 39.94 -13.75 11.56
CA LYS B 99 40.39 -15.13 11.54
C LYS B 99 39.76 -15.88 10.36
N VAL B 100 40.60 -16.40 9.48
CA VAL B 100 40.14 -17.10 8.28
C VAL B 100 39.84 -18.55 8.66
N ASN B 101 38.62 -18.99 8.38
CA ASN B 101 38.18 -20.35 8.64
C ASN B 101 37.90 -21.16 7.39
N LYS B 102 37.33 -20.53 6.35
CA LYS B 102 37.04 -21.21 5.10
C LYS B 102 37.81 -20.57 3.95
N VAL B 103 37.93 -21.33 2.86
CA VAL B 103 38.58 -20.89 1.64
C VAL B 103 37.78 -21.40 0.46
N MET B 104 37.91 -20.71 -0.68
CA MET B 104 37.19 -21.04 -1.90
C MET B 104 38.17 -21.53 -2.96
N VAL B 105 37.85 -22.68 -3.56
CA VAL B 105 38.59 -23.21 -4.70
C VAL B 105 37.58 -23.32 -5.84
N ALA B 106 37.76 -22.49 -6.86
CA ALA B 106 36.80 -22.37 -7.95
C ALA B 106 37.50 -22.48 -9.29
N GLU B 107 36.70 -22.75 -10.32
CA GLU B 107 37.20 -22.82 -11.70
C GLU B 107 37.58 -21.41 -12.13
N ALA B 108 38.87 -21.12 -12.08
CA ALA B 108 39.36 -19.79 -12.43
C ALA B 108 39.18 -19.52 -13.92
N LEU B 109 38.80 -18.29 -14.25
CA LEU B 109 38.60 -17.85 -15.61
C LEU B 109 39.49 -16.65 -15.89
N ASP B 110 39.84 -16.47 -17.16
CA ASP B 110 40.65 -15.33 -17.56
C ASP B 110 39.79 -14.07 -17.66
N ILE B 111 40.40 -12.93 -17.37
CA ILE B 111 39.72 -11.65 -17.32
C ILE B 111 40.38 -10.71 -18.32
N SER B 112 39.64 -10.32 -19.34
CA SER B 112 40.13 -9.34 -20.31
C SER B 112 39.98 -7.93 -19.77
N ARG B 113 38.89 -7.66 -19.06
CA ARG B 113 38.56 -6.34 -18.53
C ARG B 113 38.00 -6.46 -17.13
N GLU B 114 38.39 -5.53 -16.26
CA GLU B 114 37.88 -5.43 -14.91
C GLU B 114 37.01 -4.20 -14.79
N THR B 115 35.77 -4.39 -14.35
CA THR B 115 34.81 -3.31 -14.19
C THR B 115 34.18 -3.39 -12.80
N TYR B 116 33.73 -2.25 -12.30
CA TYR B 116 33.05 -2.16 -11.02
C TYR B 116 31.57 -1.88 -11.25
N LEU B 117 30.72 -2.55 -10.48
CA LEU B 117 29.28 -2.38 -10.59
C LEU B 117 28.66 -2.70 -9.24
N ALA B 118 27.67 -1.90 -8.84
CA ALA B 118 26.99 -2.10 -7.58
C ALA B 118 25.56 -1.60 -7.68
N ILE B 119 24.67 -2.23 -6.92
CA ILE B 119 23.27 -1.84 -6.82
C ILE B 119 22.95 -1.72 -5.34
N LEU B 120 22.48 -0.56 -4.91
CA LEU B 120 22.25 -0.31 -3.50
C LEU B 120 21.13 0.69 -3.33
N MET B 121 20.54 0.66 -2.14
CA MET B 121 19.59 1.69 -1.73
C MET B 121 20.38 2.84 -1.11
N ASP B 122 20.34 3.99 -1.75
CA ASP B 122 21.07 5.17 -1.31
C ASP B 122 20.09 6.26 -0.92
N ARG B 123 20.31 6.86 0.25
CA ARG B 123 19.41 7.92 0.71
C ARG B 123 19.42 9.09 -0.25
N SER B 124 20.60 9.49 -0.72
CA SER B 124 20.69 10.63 -1.62
C SER B 124 19.96 10.37 -2.93
N CYS B 125 20.00 9.13 -3.41
CA CYS B 125 19.34 8.75 -4.64
C CYS B 125 17.88 8.37 -4.44
N ASN B 126 17.38 8.43 -3.19
CA ASN B 126 15.97 8.17 -2.89
C ASN B 126 15.55 6.81 -3.44
N GLY B 127 16.38 5.80 -3.20
CA GLY B 127 16.06 4.45 -3.60
C GLY B 127 17.22 3.78 -4.30
N PRO B 128 16.92 2.77 -5.13
CA PRO B 128 17.99 2.04 -5.80
C PRO B 128 18.75 2.91 -6.78
N VAL B 129 20.01 2.56 -7.00
CA VAL B 129 20.86 3.27 -7.95
C VAL B 129 21.99 2.37 -8.41
N LEU B 130 22.20 2.31 -9.72
CA LEU B 130 23.35 1.60 -10.27
C LEU B 130 24.59 2.47 -10.16
N VAL B 131 25.68 1.89 -9.67
CA VAL B 131 26.96 2.59 -9.53
C VAL B 131 28.04 1.71 -10.15
N GLY B 132 28.67 2.22 -11.21
CA GLY B 132 29.72 1.48 -11.89
C GLY B 132 30.84 2.40 -12.32
N SER B 133 31.96 1.77 -12.66
CA SER B 133 33.14 2.48 -13.13
C SER B 133 33.87 1.55 -14.10
N PRO B 134 34.28 2.04 -15.27
CA PRO B 134 35.05 1.18 -16.18
C PRO B 134 36.41 0.77 -15.61
N GLN B 135 36.93 1.53 -14.66
CA GLN B 135 38.22 1.21 -14.03
C GLN B 135 37.98 0.49 -12.71
N GLY B 136 37.49 -0.74 -12.82
CA GLY B 136 37.22 -1.57 -11.67
C GLY B 136 38.33 -2.54 -11.35
N GLY B 137 38.12 -3.31 -10.30
CA GLY B 137 39.07 -4.32 -9.88
C GLY B 137 39.97 -3.83 -8.77
N VAL B 138 40.34 -4.76 -7.89
CA VAL B 138 41.29 -4.51 -6.81
C VAL B 138 40.85 -3.32 -5.96
N ASP B 139 41.40 -2.13 -6.24
CA ASP B 139 41.18 -0.94 -5.43
C ASP B 139 40.37 0.09 -6.22
N ILE B 140 39.06 -0.15 -6.29
CA ILE B 140 38.18 0.80 -6.96
C ILE B 140 38.17 2.14 -6.24
N GLU B 141 38.30 2.13 -4.91
CA GLU B 141 38.19 3.37 -4.13
C GLU B 141 39.25 4.39 -4.51
N GLU B 142 40.36 3.96 -5.12
CA GLU B 142 41.37 4.92 -5.54
C GLU B 142 40.82 5.83 -6.64
N VAL B 143 40.34 5.23 -7.73
CA VAL B 143 39.83 6.02 -8.86
C VAL B 143 38.64 6.87 -8.44
N ALA B 144 37.85 6.39 -7.47
CA ALA B 144 36.70 7.17 -7.01
C ALA B 144 37.12 8.53 -6.50
N ALA B 145 38.13 8.56 -5.63
CA ALA B 145 38.64 9.84 -5.12
C ALA B 145 39.50 10.55 -6.15
N SER B 146 40.37 9.82 -6.85
CA SER B 146 41.25 10.40 -7.85
C SER B 146 40.43 11.07 -8.96
N ASN B 147 39.81 10.26 -9.80
CA ASN B 147 39.02 10.75 -10.92
C ASN B 147 37.53 10.55 -10.64
N PRO B 148 36.82 11.56 -10.12
CA PRO B 148 35.38 11.39 -9.90
C PRO B 148 34.59 11.19 -11.17
N GLU B 149 35.18 11.45 -12.34
CA GLU B 149 34.48 11.29 -13.60
C GLU B 149 34.39 9.84 -14.05
N LEU B 150 35.27 8.97 -13.54
CA LEU B 150 35.21 7.55 -13.89
C LEU B 150 34.11 6.81 -13.15
N ILE B 151 33.35 7.49 -12.29
CA ILE B 151 32.23 6.89 -11.58
C ILE B 151 30.93 7.31 -12.26
N PHE B 152 30.04 6.34 -12.49
CA PHE B 152 28.78 6.58 -13.17
C PHE B 152 27.62 6.15 -12.28
N LYS B 153 26.50 6.84 -12.42
CA LYS B 153 25.33 6.60 -11.58
C LYS B 153 24.07 6.61 -12.43
N GLU B 154 23.24 5.59 -12.24
CA GLU B 154 21.92 5.51 -12.88
C GLU B 154 20.89 5.27 -11.78
N GLN B 155 20.12 6.31 -11.45
CA GLN B 155 19.08 6.21 -10.44
C GLN B 155 17.90 5.45 -11.02
N ILE B 156 17.48 4.37 -10.35
CA ILE B 156 16.41 3.50 -10.82
C ILE B 156 15.13 3.83 -10.08
N ASP B 157 14.01 3.82 -10.79
CA ASP B 157 12.70 4.09 -10.22
C ASP B 157 12.11 2.80 -9.67
N ILE B 158 11.86 2.78 -8.36
CA ILE B 158 11.41 1.56 -7.70
C ILE B 158 10.11 1.05 -8.29
N ILE B 159 9.26 1.95 -8.80
CA ILE B 159 7.98 1.55 -9.36
C ILE B 159 8.15 1.04 -10.79
N GLU B 160 8.77 1.85 -11.64
CA GLU B 160 8.92 1.45 -13.04
C GLU B 160 9.92 0.32 -13.19
N GLY B 161 10.90 0.24 -12.29
CA GLY B 161 11.94 -0.76 -12.40
C GLY B 161 13.05 -0.32 -13.34
N ILE B 162 14.04 -1.21 -13.46
CA ILE B 162 15.21 -0.92 -14.29
C ILE B 162 14.78 -1.01 -15.76
N LYS B 163 15.00 0.08 -16.49
CA LYS B 163 14.65 0.13 -17.91
C LYS B 163 15.79 -0.39 -18.76
N ASP B 164 15.43 -0.89 -19.95
CA ASP B 164 16.45 -1.40 -20.86
C ASP B 164 17.45 -0.32 -21.22
N SER B 165 16.97 0.92 -21.42
CA SER B 165 17.87 2.01 -21.77
C SER B 165 18.92 2.25 -20.69
N GLN B 166 18.50 2.21 -19.42
CA GLN B 166 19.45 2.45 -18.34
C GLN B 166 20.50 1.36 -18.28
N ALA B 167 20.09 0.09 -18.41
CA ALA B 167 21.06 -1.00 -18.40
C ALA B 167 22.02 -0.88 -19.57
N GLN B 168 21.53 -0.44 -20.73
CA GLN B 168 22.40 -0.27 -21.88
C GLN B 168 23.37 0.89 -21.67
N ARG B 169 22.90 2.00 -21.10
CA ARG B 169 23.78 3.14 -20.89
C ARG B 169 24.88 2.82 -19.90
N MET B 170 24.54 2.14 -18.81
CA MET B 170 25.55 1.74 -17.83
C MET B 170 26.56 0.79 -18.45
N ALA B 171 26.07 -0.27 -19.13
CA ALA B 171 26.95 -1.18 -19.82
C ALA B 171 27.81 -0.45 -20.85
N GLU B 172 27.26 0.61 -21.46
CA GLU B 172 28.04 1.39 -22.42
C GLU B 172 29.11 2.21 -21.71
N ASN B 173 28.77 2.79 -20.56
CA ASN B 173 29.75 3.56 -19.80
C ASN B 173 30.76 2.67 -19.09
N LEU B 174 30.40 1.42 -18.80
CA LEU B 174 31.34 0.48 -18.22
C LEU B 174 32.35 -0.02 -19.23
N GLY B 175 32.15 0.25 -20.52
CA GLY B 175 33.09 -0.13 -21.55
C GLY B 175 32.79 -1.42 -22.29
N PHE B 176 31.59 -1.96 -22.14
CA PHE B 176 31.20 -3.17 -22.86
C PHE B 176 30.74 -2.80 -24.26
N LEU B 177 31.48 -3.26 -25.26
CA LEU B 177 31.22 -2.91 -26.65
C LEU B 177 30.81 -4.16 -27.43
N GLY B 178 30.21 -3.93 -28.59
CA GLY B 178 29.81 -5.02 -29.47
C GLY B 178 28.78 -5.92 -28.82
N PRO B 179 28.86 -7.23 -29.11
CA PRO B 179 27.88 -8.16 -28.54
C PRO B 179 27.91 -8.22 -27.01
N LEU B 180 28.95 -7.69 -26.38
CA LEU B 180 29.01 -7.73 -24.91
C LEU B 180 28.07 -6.72 -24.28
N GLN B 181 27.78 -5.61 -24.97
CA GLN B 181 26.93 -4.59 -24.38
C GLN B 181 25.56 -5.14 -24.00
N ASN B 182 24.89 -5.78 -24.96
CA ASN B 182 23.58 -6.36 -24.68
C ASN B 182 23.67 -7.51 -23.68
N GLN B 183 24.80 -8.22 -23.66
CA GLN B 183 24.99 -9.28 -22.68
C GLN B 183 25.14 -8.72 -21.27
N ALA B 184 25.99 -7.71 -21.12
CA ALA B 184 26.16 -7.07 -19.82
C ALA B 184 24.86 -6.44 -19.34
N ALA B 185 24.18 -5.72 -20.22
CA ALA B 185 22.91 -5.10 -19.85
C ALA B 185 21.91 -6.13 -19.34
N ASP B 186 21.94 -7.34 -19.89
CA ASP B 186 21.05 -8.39 -19.41
C ASP B 186 21.47 -8.86 -18.02
N GLN B 187 22.78 -8.92 -17.76
CA GLN B 187 23.24 -9.29 -16.43
C GLN B 187 22.93 -8.20 -15.42
N ILE B 188 23.03 -6.94 -15.83
CA ILE B 188 22.66 -5.83 -14.95
C ILE B 188 21.19 -5.95 -14.56
N LYS B 189 20.33 -6.27 -15.52
CA LYS B 189 18.90 -6.42 -15.21
C LYS B 189 18.69 -7.54 -14.21
N LYS B 190 19.37 -8.68 -14.40
CA LYS B 190 19.19 -9.80 -13.48
C LYS B 190 19.75 -9.48 -12.10
N LEU B 191 20.79 -8.65 -12.03
CA LEU B 191 21.32 -8.26 -10.72
C LEU B 191 20.36 -7.33 -10.00
N TYR B 192 19.76 -6.38 -10.70
CA TYR B 192 18.79 -5.49 -10.07
C TYR B 192 17.58 -6.26 -9.59
N ASN B 193 17.05 -7.15 -10.41
CA ASN B 193 15.91 -7.96 -10.00
C ASN B 193 16.26 -8.83 -8.79
N LEU B 194 17.45 -9.43 -8.81
CA LEU B 194 17.92 -10.16 -7.63
C LEU B 194 18.05 -9.22 -6.43
N PHE B 195 18.65 -8.05 -6.66
CA PHE B 195 18.79 -7.05 -5.59
C PHE B 195 17.46 -6.81 -4.90
N LEU B 196 16.38 -6.66 -5.68
CA LEU B 196 15.07 -6.42 -5.10
C LEU B 196 14.49 -7.69 -4.49
N LYS B 197 14.70 -8.84 -5.13
CA LYS B 197 14.07 -10.08 -4.69
C LYS B 197 14.50 -10.45 -3.29
N ILE B 198 15.79 -10.31 -2.98
CA ILE B 198 16.34 -10.82 -1.74
C ILE B 198 16.36 -9.74 -0.66
N ASP B 199 15.71 -8.60 -0.91
CA ASP B 199 15.68 -7.49 0.03
C ASP B 199 17.10 -7.11 0.46
N ALA B 200 17.93 -6.81 -0.54
CA ALA B 200 19.31 -6.45 -0.32
C ALA B 200 19.48 -4.95 -0.18
N THR B 201 20.43 -4.54 0.66
CA THR B 201 20.84 -3.15 0.76
C THR B 201 22.00 -2.82 -0.17
N GLN B 202 22.78 -3.82 -0.56
CA GLN B 202 23.94 -3.62 -1.43
C GLN B 202 24.28 -4.93 -2.10
N VAL B 203 24.37 -4.90 -3.43
CA VAL B 203 24.89 -6.01 -4.23
C VAL B 203 26.04 -5.47 -5.04
N GLU B 204 27.26 -5.83 -4.66
CA GLU B 204 28.48 -5.30 -5.26
C GLU B 204 29.23 -6.43 -5.96
N VAL B 205 29.52 -6.23 -7.24
CA VAL B 205 30.32 -7.17 -8.03
C VAL B 205 31.57 -6.42 -8.47
N ASN B 206 32.72 -6.83 -7.94
CA ASN B 206 33.99 -6.19 -8.27
C ASN B 206 35.08 -7.25 -8.31
N PRO B 207 35.64 -7.56 -9.50
CA PRO B 207 35.37 -6.97 -10.81
C PRO B 207 34.17 -7.59 -11.53
N PHE B 208 33.38 -6.74 -12.19
CA PHE B 208 32.36 -7.18 -13.12
C PHE B 208 33.08 -7.49 -14.42
N GLY B 209 33.58 -8.73 -14.53
CA GLY B 209 34.61 -9.06 -15.48
C GLY B 209 34.11 -9.37 -16.88
N GLU B 210 35.08 -9.63 -17.75
CA GLU B 210 34.82 -9.92 -19.16
C GLU B 210 35.86 -10.94 -19.61
N THR B 211 35.42 -12.17 -19.86
CA THR B 211 36.34 -13.24 -20.22
C THR B 211 36.75 -13.12 -21.68
N PRO B 212 37.88 -13.74 -22.06
CA PRO B 212 38.29 -13.70 -23.48
C PRO B 212 37.30 -14.38 -24.40
N GLU B 213 36.53 -15.35 -23.89
CA GLU B 213 35.54 -16.02 -24.71
C GLU B 213 34.30 -15.16 -24.98
N GLY B 214 34.23 -13.98 -24.37
CA GLY B 214 33.07 -13.11 -24.57
C GLY B 214 31.95 -13.34 -23.59
N GLN B 215 32.26 -13.75 -22.36
CA GLN B 215 31.26 -14.01 -21.34
C GLN B 215 31.38 -12.96 -20.24
N VAL B 216 30.29 -12.27 -19.96
CA VAL B 216 30.24 -11.33 -18.85
C VAL B 216 29.96 -12.13 -17.57
N VAL B 217 30.88 -12.02 -16.61
CA VAL B 217 30.84 -12.86 -15.42
C VAL B 217 31.01 -11.99 -14.18
N CYS B 218 30.34 -12.39 -13.11
CA CYS B 218 30.53 -11.79 -11.78
C CYS B 218 31.53 -12.67 -11.05
N PHE B 219 32.77 -12.21 -10.97
CA PHE B 219 33.82 -13.02 -10.36
C PHE B 219 33.75 -12.99 -8.84
N ASP B 220 33.56 -11.81 -8.26
CA ASP B 220 33.38 -11.66 -6.83
C ASP B 220 32.03 -11.02 -6.56
N ALA B 221 31.50 -11.27 -5.36
CA ALA B 221 30.19 -10.77 -5.00
C ALA B 221 30.16 -10.46 -3.51
N LYS B 222 29.67 -9.26 -3.16
CA LYS B 222 29.50 -8.84 -1.79
C LYS B 222 28.08 -8.31 -1.64
N ILE B 223 27.26 -9.02 -0.88
CA ILE B 223 25.85 -8.70 -0.72
C ILE B 223 25.58 -8.36 0.73
N ASN B 224 24.96 -7.22 0.97
CA ASN B 224 24.49 -6.81 2.29
C ASN B 224 22.98 -6.91 2.30
N PHE B 225 22.43 -7.63 3.29
CA PHE B 225 21.01 -7.91 3.36
C PHE B 225 20.34 -7.05 4.41
N ASP B 226 19.13 -6.59 4.10
CA ASP B 226 18.36 -5.77 5.02
C ASP B 226 17.86 -6.63 6.19
N ASP B 227 18.31 -6.30 7.40
CA ASP B 227 17.88 -7.06 8.57
C ASP B 227 16.36 -6.99 8.74
N ASN B 228 15.77 -5.82 8.45
CA ASN B 228 14.33 -5.65 8.67
C ASN B 228 13.48 -6.57 7.82
N ALA B 229 14.05 -7.19 6.78
CA ALA B 229 13.29 -8.04 5.88
C ALA B 229 13.42 -9.52 6.22
N GLU B 230 14.01 -9.85 7.37
CA GLU B 230 14.21 -11.26 7.71
C GLU B 230 12.90 -12.03 7.76
N PHE B 231 11.81 -11.38 8.17
CA PHE B 231 10.54 -12.08 8.29
C PHE B 231 10.05 -12.60 6.93
N ARG B 232 10.60 -12.09 5.83
CA ARG B 232 10.25 -12.56 4.49
C ARG B 232 11.47 -13.06 3.74
N GLN B 233 12.60 -13.28 4.43
CA GLN B 233 13.81 -13.84 3.87
C GLN B 233 14.32 -14.96 4.76
N LYS B 234 13.43 -15.89 5.08
CA LYS B 234 13.75 -16.96 6.03
C LYS B 234 14.91 -17.81 5.52
N ASP B 235 14.82 -18.27 4.27
CA ASP B 235 15.87 -19.14 3.74
C ASP B 235 17.21 -18.43 3.67
N ILE B 236 17.20 -17.14 3.37
CA ILE B 236 18.46 -16.40 3.21
C ILE B 236 19.14 -16.22 4.56
N PHE B 237 18.37 -15.83 5.59
CA PHE B 237 18.96 -15.62 6.90
C PHE B 237 19.32 -16.92 7.60
N ALA B 238 18.77 -18.05 7.14
CA ALA B 238 19.19 -19.34 7.67
C ALA B 238 20.61 -19.68 7.27
N MET B 239 21.12 -19.06 6.20
CA MET B 239 22.48 -19.29 5.73
C MET B 239 23.53 -18.57 6.56
N ASP B 240 23.14 -17.60 7.39
CA ASP B 240 24.09 -16.87 8.21
C ASP B 240 24.87 -17.83 9.11
N ASP B 241 26.18 -17.95 8.85
CA ASP B 241 26.98 -18.90 9.61
C ASP B 241 27.03 -18.52 11.09
N LYS B 242 27.10 -17.22 11.39
CA LYS B 242 27.21 -16.69 12.74
C LYS B 242 28.51 -17.09 13.42
N SER B 243 29.44 -17.71 12.69
CA SER B 243 30.71 -18.12 13.28
C SER B 243 31.65 -16.95 13.47
N GLU B 244 31.51 -15.90 12.65
CA GLU B 244 32.39 -14.74 12.74
C GLU B 244 31.98 -13.78 13.85
N ASN B 245 30.95 -14.10 14.61
CA ASN B 245 30.52 -13.32 15.76
C ASN B 245 30.92 -14.02 17.05
N GLU B 246 31.07 -13.23 18.11
CA GLU B 246 31.40 -13.80 19.40
C GLU B 246 30.24 -14.67 19.90
N PRO B 247 30.52 -15.79 20.58
CA PRO B 247 29.41 -16.59 21.13
C PRO B 247 28.50 -15.79 22.03
N ILE B 248 29.02 -14.73 22.65
CA ILE B 248 28.20 -13.92 23.55
C ILE B 248 27.13 -13.17 22.76
N GLU B 249 27.47 -12.72 21.55
CA GLU B 249 26.49 -12.01 20.72
C GLU B 249 25.36 -12.93 20.30
N ASN B 250 25.71 -14.10 19.74
CA ASN B 250 24.68 -15.01 19.25
C ASN B 250 23.72 -15.42 20.36
N GLU B 251 24.25 -15.68 21.56
CA GLU B 251 23.39 -16.08 22.67
C GLU B 251 22.53 -14.92 23.16
N ALA B 252 23.06 -13.70 23.09
CA ALA B 252 22.26 -12.53 23.46
C ALA B 252 21.09 -12.32 22.51
N ALA B 253 21.30 -12.58 21.22
CA ALA B 253 20.24 -12.42 20.23
C ALA B 253 19.10 -13.41 20.43
N LYS B 254 19.35 -14.54 21.11
CA LYS B 254 18.28 -15.50 21.34
C LYS B 254 17.12 -14.87 22.11
N TYR B 255 17.39 -13.93 23.00
CA TYR B 255 16.37 -13.25 23.77
C TYR B 255 16.10 -11.83 23.26
N ASP B 256 16.38 -11.59 21.97
CA ASP B 256 16.15 -10.28 21.36
C ASP B 256 16.91 -9.19 22.10
N LEU B 257 18.19 -9.45 22.36
CA LEU B 257 19.10 -8.49 22.97
C LEU B 257 20.32 -8.35 22.08
N LYS B 258 20.60 -7.13 21.62
CA LYS B 258 21.73 -6.87 20.74
C LYS B 258 22.95 -6.55 21.61
N TYR B 259 23.93 -7.44 21.57
CA TYR B 259 25.14 -7.31 22.37
C TYR B 259 26.29 -6.81 21.50
N ILE B 260 27.16 -6.00 22.10
CA ILE B 260 28.36 -5.51 21.43
C ILE B 260 29.47 -5.44 22.48
N GLY B 261 30.53 -6.21 22.29
CA GLY B 261 31.62 -6.28 23.25
C GLY B 261 32.69 -5.24 23.01
N LEU B 262 33.33 -4.84 24.10
CA LEU B 262 34.42 -3.88 24.07
C LEU B 262 35.52 -4.38 25.01
N ASP B 263 36.56 -3.57 25.18
CA ASP B 263 37.69 -3.91 26.05
C ASP B 263 37.63 -2.99 27.27
N GLY B 264 37.06 -3.50 28.36
CA GLY B 264 36.93 -2.74 29.57
C GLY B 264 36.53 -3.60 30.75
N ASN B 265 35.87 -3.01 31.75
CA ASN B 265 35.46 -3.76 32.93
C ASN B 265 34.07 -3.40 33.42
N ILE B 266 33.35 -2.50 32.76
CA ILE B 266 32.03 -2.04 33.20
C ILE B 266 31.03 -2.42 32.13
N ALA B 267 30.18 -3.39 32.43
CA ALA B 267 29.12 -3.76 31.51
C ALA B 267 28.01 -2.71 31.56
N CYS B 268 27.35 -2.52 30.42
CA CYS B 268 26.29 -1.53 30.27
C CYS B 268 25.02 -2.21 29.79
N PHE B 269 23.90 -1.84 30.41
CA PHE B 269 22.58 -2.37 30.06
C PHE B 269 21.67 -1.17 29.85
N VAL B 270 21.40 -0.86 28.58
CA VAL B 270 20.71 0.37 28.20
C VAL B 270 19.62 0.04 27.19
N ASN B 271 18.63 0.94 27.13
CA ASN B 271 17.55 0.86 26.15
C ASN B 271 17.76 1.96 25.12
N GLY B 272 18.14 1.58 23.91
CA GLY B 272 18.40 2.55 22.87
C GLY B 272 19.86 2.60 22.46
N ALA B 273 20.13 2.35 21.19
CA ALA B 273 21.51 2.35 20.71
C ALA B 273 22.15 3.72 20.91
N GLY B 274 21.44 4.79 20.53
CA GLY B 274 21.98 6.12 20.72
C GLY B 274 22.30 6.42 22.18
N LEU B 275 21.41 6.02 23.08
CA LEU B 275 21.67 6.21 24.50
C LEU B 275 22.82 5.35 24.97
N ALA B 276 22.91 4.12 24.45
CA ALA B 276 23.99 3.23 24.86
C ALA B 276 25.36 3.77 24.44
N MET B 277 25.45 4.30 23.22
CA MET B 277 26.70 4.91 22.79
C MET B 277 27.06 6.11 23.68
N ALA B 278 26.07 6.94 23.99
CA ALA B 278 26.32 8.05 24.91
C ALA B 278 26.75 7.56 26.27
N THR B 279 26.21 6.42 26.71
CA THR B 279 26.64 5.83 27.97
C THR B 279 28.12 5.46 27.92
N CYS B 280 28.53 4.76 26.86
CA CYS B 280 29.95 4.45 26.70
C CYS B 280 30.78 5.72 26.56
N ASP B 281 30.24 6.73 25.88
CA ASP B 281 30.99 7.97 25.69
C ASP B 281 31.27 8.65 27.02
N ILE B 282 30.28 8.71 27.90
CA ILE B 282 30.44 9.43 29.16
C ILE B 282 31.24 8.63 30.19
N ILE B 283 31.30 7.30 30.05
CA ILE B 283 32.15 6.51 30.93
C ILE B 283 33.61 6.82 30.67
N PHE B 284 34.00 6.90 29.39
CA PHE B 284 35.35 7.34 29.06
C PHE B 284 35.67 8.69 29.68
N LEU B 285 34.73 9.63 29.64
CA LEU B 285 35.00 10.98 30.13
C LEU B 285 35.41 10.97 31.59
N ASN B 286 35.00 9.96 32.35
CA ASN B 286 35.30 9.89 33.77
C ASN B 286 36.39 8.87 34.10
N GLY B 287 37.18 8.47 33.10
CA GLY B 287 38.31 7.59 33.31
C GLY B 287 38.00 6.11 33.21
N GLY B 288 36.73 5.73 33.12
CA GLY B 288 36.37 4.33 33.01
C GLY B 288 36.38 3.84 31.57
N LYS B 289 36.47 2.52 31.43
CA LYS B 289 36.42 1.86 30.13
C LYS B 289 35.28 0.85 30.11
N PRO B 290 34.26 1.01 29.28
CA PRO B 290 33.14 0.06 29.29
C PRO B 290 33.55 -1.28 28.69
N ALA B 291 33.23 -2.36 29.40
CA ALA B 291 33.55 -3.69 28.90
C ALA B 291 32.67 -4.04 27.72
N ASN B 292 31.35 -3.95 27.89
CA ASN B 292 30.40 -4.28 26.84
C ASN B 292 29.27 -3.24 26.86
N PHE B 293 28.19 -3.55 26.14
CA PHE B 293 27.02 -2.67 26.09
C PHE B 293 25.90 -3.43 25.41
N LEU B 294 24.82 -3.68 26.15
CA LEU B 294 23.73 -4.56 25.74
C LEU B 294 22.47 -3.73 25.60
N ASP B 295 22.12 -3.41 24.34
CA ASP B 295 20.93 -2.62 24.07
C ASP B 295 19.68 -3.49 24.24
N LEU B 296 18.76 -3.03 25.09
CA LEU B 296 17.54 -3.76 25.37
C LEU B 296 16.41 -3.45 24.39
N GLY B 297 16.54 -2.41 23.59
CA GLY B 297 15.52 -2.08 22.61
C GLY B 297 14.25 -1.55 23.27
N GLY B 298 13.25 -1.33 22.42
CA GLY B 298 11.96 -0.86 22.87
C GLY B 298 11.23 -1.87 23.74
N GLY B 299 10.95 -3.05 23.19
CA GLY B 299 10.31 -4.08 23.98
C GLY B 299 11.14 -4.45 25.19
N VAL B 300 10.47 -4.58 26.33
CA VAL B 300 11.14 -4.83 27.61
C VAL B 300 10.37 -5.95 28.31
N LYS B 301 10.75 -7.20 28.01
CA LYS B 301 10.20 -8.36 28.70
C LYS B 301 11.03 -8.64 29.94
N GLU B 302 10.36 -8.74 31.09
CA GLU B 302 11.06 -8.88 32.36
C GLU B 302 11.82 -10.19 32.43
N SER B 303 11.68 -11.03 31.41
CA SER B 303 12.56 -12.18 31.28
C SER B 303 13.90 -11.79 30.69
N GLN B 304 13.95 -10.73 29.87
CA GLN B 304 15.22 -10.29 29.30
C GLN B 304 16.15 -9.76 30.37
N VAL B 305 15.63 -8.89 31.25
CA VAL B 305 16.46 -8.36 32.33
C VAL B 305 17.04 -9.50 33.15
N TYR B 306 16.24 -10.55 33.38
CA TYR B 306 16.76 -11.74 34.05
C TYR B 306 17.92 -12.33 33.27
N GLN B 307 17.72 -12.57 31.97
CA GLN B 307 18.79 -13.11 31.13
C GLN B 307 19.90 -12.10 30.94
N ALA B 308 19.55 -10.81 30.84
CA ALA B 308 20.55 -9.78 30.58
C ALA B 308 21.73 -9.88 31.52
N PHE B 309 21.46 -9.99 32.82
CA PHE B 309 22.54 -10.11 33.80
C PHE B 309 23.32 -11.41 33.63
N LYS B 310 22.64 -12.49 33.21
CA LYS B 310 23.33 -13.77 33.07
C LYS B 310 24.45 -13.66 32.04
N LEU B 311 24.19 -13.02 30.91
CA LEU B 311 25.21 -12.91 29.87
C LEU B 311 26.29 -11.92 30.25
N LEU B 312 25.89 -10.74 30.73
CA LEU B 312 26.85 -9.72 31.11
C LEU B 312 27.80 -10.22 32.19
N THR B 313 27.29 -11.04 33.12
CA THR B 313 28.12 -11.58 34.18
C THR B 313 28.99 -12.74 33.71
N ALA B 314 28.60 -13.42 32.63
CA ALA B 314 29.39 -14.56 32.15
C ALA B 314 30.81 -14.14 31.80
N ASP B 315 30.95 -13.03 31.07
CA ASP B 315 32.26 -12.55 30.69
C ASP B 315 33.08 -12.23 31.95
N PRO B 316 34.27 -12.81 32.11
CA PRO B 316 35.03 -12.56 33.34
C PRO B 316 35.49 -11.12 33.50
N LYS B 317 35.71 -10.40 32.41
CA LYS B 317 36.23 -9.03 32.51
C LYS B 317 35.24 -8.08 33.17
N VAL B 318 33.96 -8.46 33.28
CA VAL B 318 32.97 -7.59 33.87
C VAL B 318 33.26 -7.45 35.37
N GLU B 319 33.49 -6.21 35.81
CA GLU B 319 33.68 -5.90 37.22
C GLU B 319 32.58 -5.01 37.77
N ALA B 320 31.58 -4.65 36.95
CA ALA B 320 30.48 -3.80 37.38
C ALA B 320 29.49 -3.70 36.22
N ILE B 321 28.21 -3.62 36.57
CA ILE B 321 27.13 -3.52 35.59
C ILE B 321 26.41 -2.19 35.80
N LEU B 322 26.25 -1.44 34.72
CA LEU B 322 25.57 -0.16 34.73
C LEU B 322 24.24 -0.30 34.01
N VAL B 323 23.14 -0.12 34.74
CA VAL B 323 21.80 -0.19 34.18
C VAL B 323 21.30 1.25 34.04
N ASN B 324 21.08 1.67 32.79
CA ASN B 324 20.59 3.01 32.49
C ASN B 324 19.37 2.87 31.58
N ILE B 325 18.19 2.97 32.17
CA ILE B 325 16.92 2.80 31.46
C ILE B 325 16.15 4.10 31.58
N PHE B 326 15.93 4.77 30.45
CA PHE B 326 15.25 6.06 30.40
C PHE B 326 14.14 5.95 29.36
N GLY B 327 12.89 6.00 29.82
CA GLY B 327 11.75 6.00 28.92
C GLY B 327 11.28 4.63 28.51
N GLY B 328 11.48 3.61 29.35
CA GLY B 328 11.01 2.28 29.00
C GLY B 328 9.51 2.23 28.82
N ILE B 329 9.08 1.35 27.92
CA ILE B 329 7.64 1.20 27.66
C ILE B 329 6.92 0.69 28.90
N VAL B 330 7.59 -0.14 29.70
CA VAL B 330 7.01 -0.72 30.91
C VAL B 330 7.29 0.19 32.10
N ASN B 331 6.32 0.27 33.01
CA ASN B 331 6.51 1.02 34.25
C ASN B 331 7.79 0.57 34.94
N CYS B 332 8.62 1.55 35.32
CA CYS B 332 9.91 1.24 35.93
C CYS B 332 9.76 0.38 37.17
N ALA B 333 8.60 0.42 37.83
CA ALA B 333 8.40 -0.43 39.01
C ALA B 333 8.53 -1.91 38.63
N ILE B 334 7.86 -2.33 37.56
CA ILE B 334 7.99 -3.70 37.09
C ILE B 334 9.45 -4.00 36.76
N ILE B 335 10.17 -3.04 36.19
CA ILE B 335 11.59 -3.25 35.90
C ILE B 335 12.39 -3.39 37.19
N ALA B 336 12.00 -2.68 38.25
CA ALA B 336 12.72 -2.78 39.50
C ALA B 336 12.58 -4.15 40.13
N ASN B 337 11.40 -4.76 40.01
CA ASN B 337 11.18 -6.09 40.59
C ASN B 337 11.91 -7.18 39.81
N GLY B 338 12.07 -7.00 38.49
CA GLY B 338 12.77 -8.00 37.71
C GLY B 338 14.26 -8.07 38.01
N ILE B 339 14.86 -6.92 38.34
CA ILE B 339 16.29 -6.91 38.67
C ILE B 339 16.54 -7.55 40.04
N THR B 340 15.72 -7.19 41.03
CA THR B 340 15.93 -7.71 42.38
C THR B 340 15.92 -9.23 42.41
N LYS B 341 14.86 -9.83 41.86
CA LYS B 341 14.79 -11.30 41.87
C LYS B 341 15.85 -11.91 40.97
N ALA B 342 16.04 -11.34 39.77
CA ALA B 342 17.09 -11.83 38.89
C ALA B 342 18.45 -11.78 39.58
N CYS B 343 18.72 -10.70 40.31
CA CYS B 343 19.97 -10.60 41.06
C CYS B 343 19.99 -11.58 42.22
N ARG B 344 18.85 -11.73 42.92
CA ARG B 344 18.80 -12.64 44.06
C ARG B 344 18.97 -14.09 43.62
N GLU B 345 18.31 -14.48 42.54
CA GLU B 345 18.35 -15.88 42.11
C GLU B 345 19.77 -16.33 41.77
N LEU B 346 20.62 -15.40 41.32
CA LEU B 346 21.95 -15.74 40.87
C LEU B 346 23.08 -15.22 41.76
N GLU B 347 22.75 -14.43 42.80
CA GLU B 347 23.77 -13.92 43.70
C GLU B 347 24.84 -13.16 42.94
N LEU B 348 24.56 -11.92 42.55
CA LEU B 348 25.52 -11.12 41.80
C LEU B 348 26.69 -10.72 42.69
N LYS B 349 27.91 -10.88 42.18
CA LYS B 349 29.11 -10.53 42.92
C LYS B 349 29.53 -9.10 42.67
N VAL B 350 29.57 -8.68 41.40
CA VAL B 350 30.02 -7.35 41.02
C VAL B 350 29.01 -6.33 41.49
N PRO B 351 29.41 -5.07 41.72
CA PRO B 351 28.43 -4.04 42.09
C PRO B 351 27.43 -3.81 40.97
N LEU B 352 26.44 -2.97 41.26
CA LEU B 352 25.36 -2.71 40.31
C LEU B 352 24.89 -1.27 40.52
N VAL B 353 25.10 -0.43 39.51
CA VAL B 353 24.63 0.95 39.50
C VAL B 353 23.39 1.00 38.61
N VAL B 354 22.29 1.49 39.16
CA VAL B 354 20.98 1.45 38.49
C VAL B 354 20.47 2.88 38.33
N ARG B 355 20.18 3.25 37.09
CA ARG B 355 19.54 4.52 36.75
C ARG B 355 18.26 4.21 35.98
N LEU B 356 17.11 4.49 36.59
CA LEU B 356 15.81 4.31 35.96
C LEU B 356 15.09 5.65 35.85
N GLU B 357 14.28 5.78 34.79
CA GLU B 357 13.53 7.00 34.56
C GLU B 357 12.36 6.66 33.64
N GLY B 358 11.18 7.19 33.98
CA GLY B 358 9.97 6.89 33.24
C GLY B 358 8.72 7.16 34.05
N THR B 359 7.75 6.25 34.01
CA THR B 359 6.49 6.43 34.70
C THR B 359 6.56 5.80 36.09
N ASN B 360 6.21 6.58 37.11
CA ASN B 360 6.19 6.11 38.50
C ASN B 360 7.57 5.63 38.92
N VAL B 361 8.53 6.56 38.86
CA VAL B 361 9.91 6.23 39.22
C VAL B 361 10.22 6.50 40.68
N HIS B 362 9.57 7.52 41.28
CA HIS B 362 9.81 7.80 42.69
C HIS B 362 9.58 6.57 43.54
N GLU B 363 8.53 5.80 43.22
CA GLU B 363 8.30 4.54 43.93
C GLU B 363 9.31 3.48 43.48
N ALA B 364 9.60 3.43 42.19
CA ALA B 364 10.46 2.37 41.66
C ALA B 364 11.84 2.37 42.30
N GLN B 365 12.37 3.54 42.66
CA GLN B 365 13.73 3.61 43.18
C GLN B 365 13.81 2.99 44.57
N ASN B 366 12.93 3.40 45.48
CA ASN B 366 12.96 2.84 46.82
C ASN B 366 12.83 1.32 46.80
N ILE B 367 12.08 0.79 45.82
CA ILE B 367 11.96 -0.66 45.69
C ILE B 367 13.33 -1.30 45.55
N LEU B 368 14.29 -0.57 44.97
CA LEU B 368 15.63 -1.11 44.77
C LEU B 368 16.43 -1.09 46.07
N THR B 369 16.65 0.10 46.63
CA THR B 369 17.50 0.22 47.82
C THR B 369 16.85 -0.35 49.07
N ASN B 370 15.52 -0.44 49.12
CA ASN B 370 14.83 -1.05 50.25
C ASN B 370 14.60 -2.53 50.04
N SER B 371 15.58 -3.23 49.48
CA SER B 371 15.52 -4.65 49.24
C SER B 371 16.66 -5.41 49.92
N GLY B 372 17.59 -4.70 50.56
CA GLY B 372 18.72 -5.36 51.19
C GLY B 372 19.71 -5.93 50.22
N LEU B 373 19.71 -5.47 48.96
CA LEU B 373 20.59 -5.98 47.93
C LEU B 373 21.66 -4.96 47.57
N PRO B 374 22.81 -5.42 47.04
CA PRO B 374 23.85 -4.49 46.62
C PRO B 374 23.47 -3.68 45.40
N ILE B 375 22.60 -2.68 45.58
CA ILE B 375 22.09 -1.86 44.49
C ILE B 375 22.27 -0.40 44.87
N THR B 376 22.99 0.34 44.06
CA THR B 376 23.22 1.78 44.27
C THR B 376 22.48 2.54 43.17
N SER B 377 21.53 3.37 43.59
CA SER B 377 20.71 4.12 42.65
C SER B 377 21.43 5.39 42.20
N ALA B 378 21.19 5.78 40.95
CA ALA B 378 21.76 6.98 40.36
C ALA B 378 20.65 7.93 39.94
N VAL B 379 20.95 9.22 39.96
CA VAL B 379 19.95 10.24 39.67
C VAL B 379 19.89 10.57 38.18
N ASP B 380 21.04 10.73 37.54
CA ASP B 380 21.09 11.09 36.13
C ASP B 380 22.20 10.28 35.47
N LEU B 381 22.54 10.67 34.24
CA LEU B 381 23.55 9.92 33.49
C LEU B 381 24.95 10.22 33.98
N GLU B 382 25.29 11.51 34.16
CA GLU B 382 26.61 11.87 34.66
C GLU B 382 26.87 11.24 36.01
N ASP B 383 25.84 11.16 36.87
CA ASP B 383 26.01 10.53 38.17
C ASP B 383 26.26 9.04 38.02
N ALA B 384 25.52 8.38 37.14
CA ALA B 384 25.67 6.94 36.97
C ALA B 384 27.08 6.59 36.50
N ALA B 385 27.66 7.41 35.63
CA ALA B 385 29.00 7.12 35.12
C ALA B 385 30.05 7.20 36.23
N LYS B 386 30.05 8.30 36.99
CA LYS B 386 31.04 8.45 38.05
C LYS B 386 30.91 7.35 39.09
N LYS B 387 29.67 6.90 39.37
CA LYS B 387 29.51 5.80 40.31
C LYS B 387 30.06 4.50 39.75
N ALA B 388 29.99 4.31 38.43
CA ALA B 388 30.51 3.08 37.84
C ALA B 388 32.03 3.05 37.88
N VAL B 389 32.68 4.15 37.54
CA VAL B 389 34.14 4.17 37.53
C VAL B 389 34.69 4.11 38.95
N ALA B 390 33.91 4.59 39.93
CA ALA B 390 34.36 4.54 41.31
C ALA B 390 34.29 3.14 41.91
N SER B 391 33.29 2.35 41.50
CA SER B 391 33.10 1.02 42.06
C SER B 391 34.11 0.00 41.54
N VAL B 392 34.99 0.39 40.63
CA VAL B 392 36.00 -0.52 40.09
C VAL B 392 37.37 -0.08 40.59
N THR B 393 37.52 -0.01 41.92
CA THR B 393 38.78 0.39 42.52
C THR B 393 39.44 -0.80 43.23
N SER C 1 4.16 0.09 -21.21
CA SER C 1 4.84 -1.19 -21.09
C SER C 1 4.01 -2.18 -20.27
N TYR C 2 2.94 -1.69 -19.64
CA TYR C 2 2.05 -2.57 -18.90
C TYR C 2 1.49 -3.68 -19.80
N THR C 3 1.46 -3.46 -21.11
CA THR C 3 1.06 -4.52 -22.02
C THR C 3 2.01 -5.70 -21.95
N ALA C 4 3.25 -5.50 -21.48
CA ALA C 4 4.19 -6.60 -21.38
C ALA C 4 3.69 -7.70 -20.44
N SER C 5 2.79 -7.37 -19.51
CA SER C 5 2.22 -8.34 -18.60
C SER C 5 0.96 -8.99 -19.16
N ARG C 6 0.55 -8.63 -20.37
CA ARG C 6 -0.64 -9.22 -20.96
C ARG C 6 -0.55 -10.73 -21.04
N LYS C 7 0.64 -11.26 -21.36
CA LYS C 7 0.77 -12.69 -21.56
C LYS C 7 0.33 -13.49 -20.33
N HIS C 8 0.48 -12.92 -19.14
CA HIS C 8 0.16 -13.64 -17.92
C HIS C 8 -1.33 -13.91 -17.76
N LEU C 9 -2.18 -13.38 -18.64
CA LEU C 9 -3.61 -13.69 -18.56
C LEU C 9 -3.88 -15.14 -18.86
N TYR C 10 -3.02 -15.78 -19.66
CA TYR C 10 -3.26 -17.14 -20.15
C TYR C 10 -2.70 -18.14 -19.14
N VAL C 11 -3.47 -18.35 -18.08
CA VAL C 11 -3.07 -19.34 -17.08
C VAL C 11 -3.04 -20.72 -17.73
N ASP C 12 -2.29 -21.63 -17.11
CA ASP C 12 -2.14 -22.99 -17.62
C ASP C 12 -1.84 -23.92 -16.46
N LYS C 13 -1.56 -25.18 -16.78
CA LYS C 13 -1.36 -26.19 -15.75
C LYS C 13 -0.15 -25.90 -14.87
N ASN C 14 0.82 -25.12 -15.36
CA ASN C 14 2.00 -24.78 -14.58
C ASN C 14 1.77 -23.60 -13.64
N THR C 15 0.68 -22.86 -13.80
CA THR C 15 0.43 -21.72 -12.92
C THR C 15 0.26 -22.17 -11.48
N LYS C 16 1.04 -21.57 -10.58
CA LYS C 16 1.00 -21.85 -9.15
C LYS C 16 0.32 -20.67 -8.46
N VAL C 17 -0.82 -20.95 -7.82
CA VAL C 17 -1.70 -19.90 -7.32
C VAL C 17 -1.62 -19.85 -5.80
N ILE C 18 -1.78 -18.64 -5.26
CA ILE C 18 -1.94 -18.42 -3.83
C ILE C 18 -3.18 -17.57 -3.62
N CYS C 19 -3.81 -17.72 -2.46
CA CYS C 19 -5.06 -17.06 -2.14
C CYS C 19 -4.85 -16.03 -1.05
N GLN C 20 -5.07 -14.76 -1.38
CA GLN C 20 -5.05 -13.67 -0.40
C GLN C 20 -6.44 -13.57 0.24
N GLY C 21 -6.48 -13.68 1.56
CA GLY C 21 -7.74 -13.89 2.25
C GLY C 21 -8.01 -15.37 2.34
N PHE C 22 -6.95 -16.15 2.58
CA PHE C 22 -7.02 -17.60 2.49
C PHE C 22 -8.04 -18.15 3.48
N THR C 23 -7.89 -17.81 4.75
CA THR C 23 -8.75 -18.34 5.81
C THR C 23 -10.12 -17.67 5.84
N GLY C 24 -10.38 -16.70 4.97
CA GLY C 24 -11.69 -16.08 4.92
C GLY C 24 -12.72 -16.99 4.28
N LYS C 25 -13.98 -16.78 4.66
CA LYS C 25 -15.06 -17.64 4.21
C LYS C 25 -15.03 -17.85 2.69
N GLN C 26 -15.08 -16.75 1.92
CA GLN C 26 -14.99 -16.88 0.48
C GLN C 26 -13.67 -17.50 0.06
N GLY C 27 -12.57 -17.05 0.67
CA GLY C 27 -11.28 -17.64 0.36
C GLY C 27 -11.23 -19.13 0.67
N THR C 28 -11.88 -19.54 1.76
CA THR C 28 -11.89 -20.95 2.12
C THR C 28 -12.67 -21.77 1.09
N PHE C 29 -13.85 -21.29 0.71
CA PHE C 29 -14.72 -22.06 -0.18
C PHE C 29 -14.12 -22.23 -1.57
N HIS C 30 -13.83 -21.12 -2.24
CA HIS C 30 -13.37 -21.21 -3.63
C HIS C 30 -11.98 -21.81 -3.73
N SER C 31 -11.17 -21.69 -2.67
CA SER C 31 -9.86 -22.35 -2.68
C SER C 31 -10.01 -23.86 -2.76
N GLN C 32 -11.10 -24.40 -2.21
CA GLN C 32 -11.32 -25.85 -2.28
C GLN C 32 -11.76 -26.28 -3.67
N GLN C 33 -12.68 -25.53 -4.30
CA GLN C 33 -13.04 -25.82 -5.69
C GLN C 33 -11.81 -25.77 -6.58
N ALA C 34 -10.91 -24.82 -6.34
CA ALA C 34 -9.68 -24.76 -7.11
C ALA C 34 -8.88 -26.05 -6.95
N LEU C 35 -8.72 -26.51 -5.71
CA LEU C 35 -8.01 -27.77 -5.48
C LEU C 35 -8.77 -28.94 -6.12
N GLU C 36 -10.08 -29.02 -5.85
CA GLU C 36 -10.88 -30.10 -6.42
C GLU C 36 -10.83 -30.07 -7.94
N TYR C 37 -10.79 -28.87 -8.53
CA TYR C 37 -10.72 -28.75 -9.98
C TYR C 37 -9.33 -29.10 -10.52
N GLY C 38 -8.33 -29.21 -9.65
CA GLY C 38 -6.98 -29.49 -10.08
C GLY C 38 -6.07 -28.28 -10.18
N THR C 39 -6.55 -27.10 -9.77
CA THR C 39 -5.71 -25.91 -9.82
C THR C 39 -4.57 -26.04 -8.81
N ASN C 40 -3.38 -25.61 -9.23
CA ASN C 40 -2.17 -25.76 -8.42
C ASN C 40 -2.13 -24.67 -7.36
N LEU C 41 -3.03 -24.78 -6.39
CA LEU C 41 -3.07 -23.87 -5.25
C LEU C 41 -2.09 -24.34 -4.20
N VAL C 42 -1.08 -23.51 -3.90
CA VAL C 42 0.03 -23.90 -3.04
C VAL C 42 -0.01 -23.19 -1.69
N GLY C 43 -1.07 -22.45 -1.40
CA GLY C 43 -1.21 -21.81 -0.11
C GLY C 43 -1.93 -20.48 -0.26
N GLY C 44 -1.81 -19.67 0.80
CA GLY C 44 -2.44 -18.36 0.82
C GLY C 44 -1.87 -17.54 1.95
N THR C 45 -2.45 -16.36 2.13
CA THR C 45 -1.95 -15.40 3.12
C THR C 45 -3.13 -14.80 3.87
N THR C 46 -2.94 -14.64 5.18
CA THR C 46 -3.86 -13.88 6.03
C THR C 46 -3.07 -13.27 7.18
N PRO C 47 -3.10 -11.95 7.37
CA PRO C 47 -2.30 -11.35 8.45
C PRO C 47 -2.63 -11.96 9.80
N GLY C 48 -1.58 -12.38 10.51
CA GLY C 48 -1.71 -12.88 11.86
C GLY C 48 -1.80 -14.39 12.00
N LYS C 49 -1.81 -15.13 10.88
CA LYS C 49 -1.94 -16.58 10.93
C LYS C 49 -0.84 -17.27 10.14
N GLY C 50 0.29 -16.60 9.91
CA GLY C 50 1.39 -17.26 9.22
C GLY C 50 1.89 -18.44 10.03
N GLY C 51 2.29 -19.49 9.33
CA GLY C 51 2.75 -20.69 10.02
C GLY C 51 1.64 -21.73 10.11
N LYS C 52 0.42 -21.26 10.34
CA LYS C 52 -0.71 -22.17 10.48
C LYS C 52 -0.92 -22.94 9.18
N THR C 53 -1.73 -23.98 9.27
CA THR C 53 -2.07 -24.84 8.13
C THR C 53 -3.54 -24.66 7.80
N HIS C 54 -3.84 -24.62 6.50
CA HIS C 54 -5.21 -24.41 6.06
C HIS C 54 -5.44 -25.19 4.77
N LEU C 55 -6.44 -26.06 4.76
CA LEU C 55 -6.72 -26.91 3.61
C LEU C 55 -5.48 -27.71 3.19
N GLY C 56 -4.67 -28.10 4.18
CA GLY C 56 -3.46 -28.84 3.89
C GLY C 56 -2.37 -28.04 3.22
N LEU C 57 -2.48 -26.71 3.19
CA LEU C 57 -1.49 -25.86 2.54
C LEU C 57 -0.93 -24.85 3.54
N PRO C 58 0.29 -24.36 3.29
CA PRO C 58 0.88 -23.42 4.24
C PRO C 58 0.23 -22.04 4.14
N VAL C 59 0.09 -21.39 5.30
CA VAL C 59 -0.44 -20.05 5.40
C VAL C 59 0.70 -19.10 5.75
N PHE C 60 0.66 -17.90 5.18
CA PHE C 60 1.69 -16.90 5.40
C PHE C 60 1.05 -15.60 5.84
N ASN C 61 1.88 -14.71 6.39
CA ASN C 61 1.41 -13.40 6.83
C ASN C 61 1.42 -12.38 5.70
N THR C 62 2.38 -12.47 4.79
CA THR C 62 2.52 -11.53 3.69
C THR C 62 2.58 -12.31 2.38
N VAL C 63 2.41 -11.58 1.27
CA VAL C 63 2.45 -12.20 -0.04
C VAL C 63 3.88 -12.55 -0.43
N LYS C 64 4.83 -11.67 -0.12
CA LYS C 64 6.23 -11.95 -0.43
C LYS C 64 6.68 -13.24 0.25
N GLU C 65 6.16 -13.54 1.45
CA GLU C 65 6.50 -14.79 2.10
C GLU C 65 5.99 -15.98 1.31
N ALA C 66 4.72 -15.94 0.90
CA ALA C 66 4.14 -17.04 0.14
C ALA C 66 4.85 -17.19 -1.21
N LYS C 67 5.20 -16.08 -1.84
CA LYS C 67 5.85 -16.14 -3.14
C LYS C 67 7.26 -16.70 -3.03
N GLU C 68 8.02 -16.24 -2.03
CA GLU C 68 9.38 -16.72 -1.86
C GLU C 68 9.43 -18.18 -1.42
N GLN C 69 8.42 -18.64 -0.69
CA GLN C 69 8.40 -20.01 -0.20
C GLN C 69 7.82 -20.99 -1.22
N THR C 70 6.71 -20.62 -1.87
CA THR C 70 6.02 -21.52 -2.77
C THR C 70 6.32 -21.27 -4.24
N GLY C 71 7.05 -20.20 -4.57
CA GLY C 71 7.28 -19.87 -5.96
C GLY C 71 6.02 -19.61 -6.74
N ALA C 72 4.98 -19.11 -6.09
CA ALA C 72 3.71 -18.86 -6.76
C ALA C 72 3.85 -17.81 -7.85
N THR C 73 3.07 -17.97 -8.92
CA THR C 73 3.08 -17.05 -10.05
C THR C 73 1.74 -16.36 -10.26
N ALA C 74 0.73 -16.68 -9.47
CA ALA C 74 -0.57 -16.03 -9.58
C ALA C 74 -1.19 -15.93 -8.20
N SER C 75 -2.04 -14.91 -8.02
CA SER C 75 -2.68 -14.67 -6.74
C SER C 75 -4.13 -14.28 -6.98
N VAL C 76 -5.02 -14.79 -6.13
CA VAL C 76 -6.44 -14.46 -6.17
C VAL C 76 -6.81 -13.81 -4.84
N ILE C 77 -7.59 -12.74 -4.90
CA ILE C 77 -7.87 -11.89 -3.75
C ILE C 77 -9.35 -11.96 -3.42
N TYR C 78 -9.66 -12.35 -2.19
CA TYR C 78 -11.02 -12.33 -1.67
C TYR C 78 -11.14 -11.37 -0.49
N VAL C 79 -10.23 -10.41 -0.37
CA VAL C 79 -10.19 -9.48 0.76
C VAL C 79 -11.38 -8.53 0.66
N PRO C 80 -11.98 -8.12 1.77
CA PRO C 80 -13.13 -7.20 1.69
C PRO C 80 -12.77 -5.91 0.99
N PRO C 81 -13.77 -5.15 0.54
CA PRO C 81 -13.49 -3.94 -0.26
C PRO C 81 -12.60 -2.96 0.48
N PRO C 82 -12.88 -2.68 1.77
CA PRO C 82 -12.07 -1.68 2.47
C PRO C 82 -10.58 -1.97 2.45
N PHE C 83 -10.17 -3.22 2.24
CA PHE C 83 -8.77 -3.59 2.25
C PHE C 83 -8.37 -4.36 1.00
N ALA C 84 -9.20 -4.38 -0.03
CA ALA C 84 -8.87 -5.13 -1.24
C ALA C 84 -7.84 -4.38 -2.08
N ALA C 85 -8.02 -3.07 -2.27
CA ALA C 85 -7.05 -2.30 -3.05
C ALA C 85 -5.65 -2.43 -2.46
N ALA C 86 -5.53 -2.36 -1.13
CA ALA C 86 -4.23 -2.54 -0.51
C ALA C 86 -3.70 -3.96 -0.71
N ALA C 87 -4.60 -4.94 -0.78
CA ALA C 87 -4.16 -6.31 -1.07
C ALA C 87 -3.58 -6.40 -2.47
N ILE C 88 -4.15 -5.67 -3.42
CA ILE C 88 -3.58 -5.62 -4.76
C ILE C 88 -2.18 -5.03 -4.71
N ASN C 89 -2.04 -3.88 -4.04
CA ASN C 89 -0.73 -3.24 -3.93
C ASN C 89 0.30 -4.20 -3.36
N GLU C 90 -0.08 -4.99 -2.34
CA GLU C 90 0.87 -5.92 -1.76
C GLU C 90 1.35 -6.93 -2.80
N ALA C 91 0.46 -7.37 -3.69
CA ALA C 91 0.86 -8.34 -4.70
C ALA C 91 1.73 -7.68 -5.76
N ILE C 92 1.39 -6.46 -6.18
CA ILE C 92 2.23 -5.74 -7.12
C ILE C 92 3.60 -5.50 -6.50
N ASP C 93 3.64 -5.16 -5.21
CA ASP C 93 4.91 -5.05 -4.52
C ASP C 93 5.71 -6.34 -4.63
N ALA C 94 5.09 -7.46 -4.28
CA ALA C 94 5.74 -8.76 -4.41
C ALA C 94 5.97 -9.17 -5.86
N GLU C 95 5.45 -8.39 -6.81
CA GLU C 95 5.65 -8.67 -8.23
C GLU C 95 5.06 -10.04 -8.60
N VAL C 96 3.84 -10.28 -8.16
CA VAL C 96 3.09 -11.47 -8.57
C VAL C 96 2.75 -11.30 -10.05
N PRO C 97 3.15 -12.22 -10.93
CA PRO C 97 2.86 -12.02 -12.36
C PRO C 97 1.39 -11.80 -12.67
N LEU C 98 0.49 -12.53 -12.01
CA LEU C 98 -0.95 -12.41 -12.27
C LEU C 98 -1.68 -12.25 -10.95
N VAL C 99 -2.52 -11.23 -10.86
CA VAL C 99 -3.35 -10.98 -9.69
C VAL C 99 -4.80 -10.91 -10.14
N VAL C 100 -5.66 -11.70 -9.50
CA VAL C 100 -7.08 -11.77 -9.83
C VAL C 100 -7.86 -11.33 -8.59
N CYS C 101 -8.50 -10.16 -8.68
CA CYS C 101 -9.28 -9.61 -7.58
C CYS C 101 -10.76 -9.88 -7.84
N ILE C 102 -11.35 -10.77 -7.03
CA ILE C 102 -12.76 -11.09 -7.20
C ILE C 102 -13.64 -10.06 -6.49
N THR C 103 -13.11 -9.42 -5.45
CA THR C 103 -13.93 -8.61 -4.56
C THR C 103 -14.73 -7.56 -5.33
N GLU C 104 -15.98 -7.38 -4.91
CA GLU C 104 -16.87 -6.36 -5.45
C GLU C 104 -17.10 -5.29 -4.39
N GLY C 105 -17.21 -4.04 -4.83
CA GLY C 105 -17.48 -2.93 -3.94
C GLY C 105 -16.30 -2.10 -3.54
N ILE C 106 -15.19 -2.17 -4.26
CA ILE C 106 -14.03 -1.33 -3.94
C ILE C 106 -14.31 0.10 -4.37
N PRO C 107 -14.05 1.10 -3.53
CA PRO C 107 -14.29 2.48 -3.95
C PRO C 107 -13.57 2.82 -5.24
N GLN C 108 -14.23 3.61 -6.09
CA GLN C 108 -13.63 3.97 -7.36
C GLN C 108 -12.32 4.72 -7.16
N GLN C 109 -12.27 5.63 -6.19
CA GLN C 109 -11.04 6.38 -5.94
C GLN C 109 -9.88 5.43 -5.63
N ASP C 110 -10.14 4.39 -4.83
CA ASP C 110 -9.08 3.44 -4.50
C ASP C 110 -8.52 2.77 -5.76
N MET C 111 -9.40 2.30 -6.64
CA MET C 111 -8.94 1.62 -7.84
C MET C 111 -8.28 2.58 -8.81
N VAL C 112 -8.72 3.84 -8.85
CA VAL C 112 -8.04 4.83 -9.68
C VAL C 112 -6.58 4.93 -9.26
N ARG C 113 -6.32 4.90 -7.96
CA ARG C 113 -4.95 5.00 -7.47
C ARG C 113 -4.17 3.71 -7.74
N VAL C 114 -4.84 2.57 -7.58
CA VAL C 114 -4.19 1.29 -7.87
C VAL C 114 -3.80 1.22 -9.35
N LYS C 115 -4.74 1.54 -10.23
CA LYS C 115 -4.44 1.49 -11.66
C LYS C 115 -3.38 2.51 -12.05
N HIS C 116 -3.30 3.63 -11.32
CA HIS C 116 -2.28 4.63 -11.61
C HIS C 116 -0.88 4.03 -11.55
N ARG C 117 -0.60 3.28 -10.48
CA ARG C 117 0.71 2.65 -10.35
C ARG C 117 0.84 1.41 -11.23
N LEU C 118 -0.26 0.68 -11.40
CA LEU C 118 -0.21 -0.54 -12.21
C LEU C 118 0.27 -0.25 -13.62
N LEU C 119 -0.14 0.88 -14.19
CA LEU C 119 0.20 1.21 -15.57
C LEU C 119 1.63 1.67 -15.73
N ARG C 120 2.33 1.99 -14.64
CA ARG C 120 3.73 2.40 -14.69
C ARG C 120 4.69 1.23 -14.57
N GLN C 121 4.19 0.00 -14.60
CA GLN C 121 5.01 -1.19 -14.50
C GLN C 121 4.49 -2.23 -15.49
N GLY C 122 5.25 -3.32 -15.62
CA GLY C 122 4.89 -4.37 -16.57
C GLY C 122 5.16 -5.77 -16.06
N LYS C 123 5.31 -5.92 -14.75
CA LYS C 123 5.56 -7.23 -14.15
C LYS C 123 4.29 -7.89 -13.62
N THR C 124 3.32 -7.12 -13.14
CA THR C 124 2.09 -7.66 -12.59
C THR C 124 0.93 -7.37 -13.52
N ARG C 125 0.08 -8.38 -13.73
CA ARG C 125 -1.13 -8.26 -14.52
C ARG C 125 -2.34 -8.44 -13.62
N LEU C 126 -3.24 -7.46 -13.64
CA LEU C 126 -4.43 -7.46 -12.80
C LEU C 126 -5.66 -7.78 -13.63
N ILE C 127 -6.53 -8.62 -13.08
CA ILE C 127 -7.85 -8.89 -13.62
C ILE C 127 -8.86 -8.51 -12.56
N GLY C 128 -9.80 -7.63 -12.90
CA GLY C 128 -10.79 -7.16 -11.96
C GLY C 128 -10.50 -5.74 -11.50
N PRO C 129 -11.05 -5.35 -10.35
CA PRO C 129 -11.84 -6.15 -9.41
C PRO C 129 -13.27 -6.42 -9.87
N ASN C 130 -14.06 -7.03 -8.99
CA ASN C 130 -15.47 -7.33 -9.24
C ASN C 130 -15.63 -8.12 -10.55
N CYS C 131 -14.95 -9.25 -10.60
CA CYS C 131 -14.96 -10.12 -11.77
C CYS C 131 -15.04 -11.56 -11.33
N PRO C 132 -15.48 -12.46 -12.22
CA PRO C 132 -15.52 -13.88 -11.85
C PRO C 132 -14.17 -14.57 -11.89
N GLY C 133 -13.20 -14.03 -12.61
CA GLY C 133 -11.87 -14.62 -12.66
C GLY C 133 -11.49 -15.12 -14.04
N VAL C 134 -10.50 -16.01 -14.10
CA VAL C 134 -10.03 -16.59 -15.35
C VAL C 134 -9.92 -18.10 -15.16
N ILE C 135 -10.18 -18.83 -16.23
CA ILE C 135 -10.14 -20.29 -16.19
C ILE C 135 -9.65 -20.82 -17.52
N ASN C 136 -8.64 -21.68 -17.48
CA ASN C 136 -8.22 -22.48 -18.63
C ASN C 136 -8.85 -23.86 -18.46
N PRO C 137 -9.92 -24.19 -19.18
CA PRO C 137 -10.64 -25.44 -18.90
C PRO C 137 -9.73 -26.66 -18.86
N GLY C 138 -9.69 -27.34 -17.71
CA GLY C 138 -8.90 -28.53 -17.54
C GLY C 138 -7.51 -28.32 -17.00
N GLU C 139 -7.01 -27.08 -16.96
CA GLU C 139 -5.66 -26.80 -16.53
C GLU C 139 -5.60 -25.93 -15.28
N CYS C 140 -6.30 -24.79 -15.26
CA CYS C 140 -6.22 -23.88 -14.13
C CYS C 140 -7.52 -23.11 -14.00
N LYS C 141 -8.01 -22.99 -12.76
CA LYS C 141 -9.23 -22.27 -12.46
C LYS C 141 -8.95 -21.31 -11.30
N ILE C 142 -8.95 -20.02 -11.59
CA ILE C 142 -8.70 -18.98 -10.59
C ILE C 142 -9.92 -18.07 -10.59
N GLY C 143 -10.91 -18.37 -9.75
CA GLY C 143 -12.10 -17.55 -9.68
C GLY C 143 -13.23 -18.30 -9.00
N ILE C 144 -14.45 -17.86 -9.30
CA ILE C 144 -15.65 -18.35 -8.64
C ILE C 144 -16.57 -19.07 -9.61
N MET C 145 -16.13 -19.27 -10.86
CA MET C 145 -17.01 -19.91 -11.84
C MET C 145 -17.22 -21.37 -11.48
N PRO C 146 -18.38 -21.94 -11.80
CA PRO C 146 -18.54 -23.39 -11.67
C PRO C 146 -17.68 -24.10 -12.70
N GLY C 147 -16.77 -24.95 -12.23
CA GLY C 147 -15.81 -25.57 -13.13
C GLY C 147 -16.43 -26.63 -14.03
N HIS C 148 -17.52 -27.25 -13.58
CA HIS C 148 -18.05 -28.41 -14.30
C HIS C 148 -18.67 -28.04 -15.64
N ILE C 149 -19.04 -26.77 -15.85
CA ILE C 149 -19.66 -26.39 -17.11
C ILE C 149 -18.65 -26.10 -18.21
N HIS C 150 -17.37 -26.04 -17.88
CA HIS C 150 -16.35 -25.73 -18.86
C HIS C 150 -15.86 -27.00 -19.55
N LYS C 151 -15.14 -26.79 -20.66
CA LYS C 151 -14.54 -27.89 -21.41
C LYS C 151 -13.53 -27.33 -22.40
N LYS C 152 -12.30 -27.83 -22.36
CA LYS C 152 -11.26 -27.33 -23.24
C LYS C 152 -11.73 -27.38 -24.69
N GLY C 153 -11.63 -26.25 -25.38
CA GLY C 153 -12.19 -26.13 -26.71
C GLY C 153 -11.53 -25.06 -27.53
N ARG C 154 -12.33 -24.43 -28.40
CA ARG C 154 -11.82 -23.59 -29.47
C ARG C 154 -12.34 -22.16 -29.42
N ILE C 155 -13.13 -21.80 -28.41
CA ILE C 155 -13.77 -20.49 -28.34
C ILE C 155 -13.19 -19.73 -27.16
N GLY C 156 -12.57 -18.60 -27.44
CA GLY C 156 -12.09 -17.72 -26.39
C GLY C 156 -13.17 -16.75 -25.95
N ILE C 157 -13.50 -16.77 -24.66
CA ILE C 157 -14.62 -16.00 -24.12
C ILE C 157 -14.05 -14.89 -23.24
N VAL C 158 -14.52 -13.67 -23.46
CA VAL C 158 -14.23 -12.52 -22.60
C VAL C 158 -15.55 -11.88 -22.23
N SER C 159 -15.74 -11.57 -20.95
CA SER C 159 -17.02 -11.11 -20.46
C SER C 159 -16.84 -9.99 -19.45
N ARG C 160 -17.60 -8.92 -19.63
CA ARG C 160 -17.68 -7.82 -18.67
C ARG C 160 -18.73 -8.07 -17.60
N SER C 161 -19.53 -9.11 -17.74
CA SER C 161 -20.55 -9.47 -16.76
C SER C 161 -20.07 -10.65 -15.90
N GLY C 162 -20.86 -10.94 -14.86
CA GLY C 162 -20.52 -12.02 -13.95
C GLY C 162 -21.22 -13.32 -14.30
N THR C 163 -22.34 -13.59 -13.63
CA THR C 163 -23.07 -14.84 -13.87
C THR C 163 -23.45 -15.00 -15.33
N LEU C 164 -23.74 -13.91 -16.03
CA LEU C 164 -24.11 -13.99 -17.43
C LEU C 164 -23.03 -14.67 -18.26
N THR C 165 -21.77 -14.59 -17.81
CA THR C 165 -20.68 -15.23 -18.54
C THR C 165 -20.90 -16.74 -18.63
N TYR C 166 -21.49 -17.34 -17.60
CA TYR C 166 -21.65 -18.79 -17.58
C TYR C 166 -22.56 -19.27 -18.70
N GLU C 167 -23.50 -18.44 -19.13
CA GLU C 167 -24.38 -18.83 -20.24
C GLU C 167 -23.59 -19.08 -21.51
N ALA C 168 -22.62 -18.21 -21.81
CA ALA C 168 -21.78 -18.43 -22.99
C ALA C 168 -20.93 -19.68 -22.84
N VAL C 169 -20.48 -19.98 -21.62
CA VAL C 169 -19.66 -21.17 -21.40
C VAL C 169 -20.51 -22.42 -21.56
N HIS C 170 -21.63 -22.51 -20.83
CA HIS C 170 -22.48 -23.68 -20.90
C HIS C 170 -22.93 -23.95 -22.33
N GLN C 171 -23.21 -22.89 -23.10
CA GLN C 171 -23.72 -23.08 -24.45
C GLN C 171 -22.61 -23.54 -25.39
N THR C 172 -21.41 -22.97 -25.26
CA THR C 172 -20.30 -23.38 -26.10
C THR C 172 -19.87 -24.81 -25.83
N THR C 173 -20.13 -25.33 -24.63
CA THR C 173 -19.82 -26.72 -24.32
C THR C 173 -20.84 -27.68 -24.91
N GLN C 174 -22.13 -27.33 -24.79
CA GLN C 174 -23.18 -28.22 -25.29
C GLN C 174 -23.10 -28.39 -26.80
N VAL C 175 -22.66 -27.35 -27.52
CA VAL C 175 -22.53 -27.44 -28.97
C VAL C 175 -21.27 -28.16 -29.42
N GLY C 176 -20.41 -28.55 -28.49
CA GLY C 176 -19.21 -29.31 -28.83
C GLY C 176 -18.01 -28.48 -29.20
N LEU C 177 -18.04 -27.16 -29.00
CA LEU C 177 -16.89 -26.32 -29.30
C LEU C 177 -16.00 -26.09 -28.10
N GLY C 178 -16.57 -26.09 -26.89
CA GLY C 178 -15.78 -25.85 -25.70
C GLY C 178 -15.16 -24.46 -25.69
N GLN C 179 -14.26 -24.27 -24.74
CA GLN C 179 -13.59 -22.99 -24.53
C GLN C 179 -12.08 -23.20 -24.47
N SER C 180 -11.35 -22.28 -25.10
CA SER C 180 -9.90 -22.29 -25.01
C SER C 180 -9.41 -21.51 -23.79
N LEU C 181 -10.00 -20.35 -23.54
CA LEU C 181 -9.67 -19.55 -22.36
C LEU C 181 -10.85 -18.61 -22.11
N CYS C 182 -11.38 -18.64 -20.89
CA CYS C 182 -12.51 -17.82 -20.50
C CYS C 182 -12.04 -16.79 -19.47
N VAL C 183 -12.21 -15.51 -19.78
CA VAL C 183 -11.73 -14.42 -18.94
C VAL C 183 -12.91 -13.52 -18.60
N GLY C 184 -13.05 -13.21 -17.31
CA GLY C 184 -14.03 -12.24 -16.87
C GLY C 184 -13.34 -10.99 -16.35
N ILE C 185 -13.46 -9.88 -17.08
CA ILE C 185 -12.76 -8.65 -16.69
C ILE C 185 -13.51 -7.85 -15.64
N GLY C 186 -14.73 -8.24 -15.29
CA GLY C 186 -15.47 -7.56 -14.25
C GLY C 186 -16.32 -6.42 -14.77
N GLY C 187 -17.07 -5.82 -13.85
CA GLY C 187 -17.99 -4.75 -14.20
C GLY C 187 -17.68 -3.44 -13.52
N ASP C 188 -16.41 -3.22 -13.14
CA ASP C 188 -16.03 -1.95 -12.55
C ASP C 188 -15.39 -1.04 -13.59
N PRO C 189 -15.49 0.28 -13.41
CA PRO C 189 -14.96 1.19 -14.44
C PRO C 189 -13.44 1.18 -14.53
N PHE C 190 -12.75 1.01 -13.41
CA PHE C 190 -11.28 1.00 -13.38
C PHE C 190 -10.82 -0.40 -13.01
N ASN C 191 -10.34 -1.14 -14.02
CA ASN C 191 -9.89 -2.51 -13.85
C ASN C 191 -8.56 -2.69 -14.55
N GLY C 192 -7.90 -3.81 -14.25
CA GLY C 192 -6.58 -4.08 -14.78
C GLY C 192 -6.54 -4.71 -16.16
N THR C 193 -7.68 -5.16 -16.68
CA THR C 193 -7.73 -5.81 -17.98
C THR C 193 -9.07 -5.48 -18.62
N ASP C 194 -9.03 -5.17 -19.92
CA ASP C 194 -10.21 -4.77 -20.67
C ASP C 194 -10.47 -5.76 -21.81
N PHE C 195 -11.42 -5.40 -22.67
CA PHE C 195 -11.76 -6.25 -23.81
C PHE C 195 -10.57 -6.43 -24.73
N THR C 196 -9.95 -5.32 -25.15
CA THR C 196 -8.91 -5.39 -26.16
C THR C 196 -7.75 -6.28 -25.72
N ASP C 197 -7.42 -6.25 -24.42
CA ASP C 197 -6.33 -7.09 -23.93
C ASP C 197 -6.59 -8.56 -24.24
N CYS C 198 -7.79 -9.04 -23.92
CA CYS C 198 -8.12 -10.44 -24.19
C CYS C 198 -8.22 -10.71 -25.68
N LEU C 199 -8.70 -9.74 -26.45
CA LEU C 199 -8.77 -9.92 -27.91
C LEU C 199 -7.37 -10.08 -28.49
N GLU C 200 -6.41 -9.29 -28.02
CA GLU C 200 -5.03 -9.44 -28.49
C GLU C 200 -4.55 -10.87 -28.29
N ILE C 201 -4.90 -11.48 -27.16
CA ILE C 201 -4.47 -12.85 -26.88
C ILE C 201 -5.27 -13.83 -27.73
N PHE C 202 -6.59 -13.64 -27.79
CA PHE C 202 -7.42 -14.56 -28.57
C PHE C 202 -7.00 -14.58 -30.03
N LEU C 203 -6.81 -13.40 -30.62
CA LEU C 203 -6.45 -13.34 -32.04
C LEU C 203 -5.10 -13.98 -32.31
N ASN C 204 -4.19 -13.90 -31.35
CA ASN C 204 -2.85 -14.47 -31.51
C ASN C 204 -2.71 -15.85 -30.87
N ASP C 205 -3.80 -16.42 -30.36
CA ASP C 205 -3.77 -17.76 -29.79
C ASP C 205 -4.23 -18.77 -30.82
N PRO C 206 -3.37 -19.71 -31.26
CA PRO C 206 -3.86 -20.71 -32.21
C PRO C 206 -4.99 -21.57 -31.67
N ALA C 207 -4.94 -21.92 -30.39
CA ALA C 207 -6.00 -22.72 -29.79
C ALA C 207 -7.34 -21.99 -29.79
N THR C 208 -7.33 -20.66 -29.87
CA THR C 208 -8.55 -19.86 -29.93
C THR C 208 -8.93 -19.66 -31.38
N GLU C 209 -9.95 -20.39 -31.84
CA GLU C 209 -10.44 -20.26 -33.20
C GLU C 209 -11.68 -19.37 -33.30
N GLY C 210 -12.51 -19.35 -32.27
CA GLY C 210 -13.65 -18.44 -32.22
C GLY C 210 -13.61 -17.57 -30.98
N ILE C 211 -14.38 -16.49 -30.96
CA ILE C 211 -14.37 -15.54 -29.86
C ILE C 211 -15.80 -15.14 -29.52
N ILE C 212 -16.11 -15.10 -28.23
CA ILE C 212 -17.39 -14.61 -27.73
C ILE C 212 -17.12 -13.46 -26.78
N LEU C 213 -17.84 -12.35 -26.96
CA LEU C 213 -17.68 -11.15 -26.15
C LEU C 213 -19.01 -10.83 -25.49
N ILE C 214 -19.02 -10.80 -24.16
CA ILE C 214 -20.21 -10.50 -23.38
C ILE C 214 -20.06 -9.09 -22.81
N GLY C 215 -21.04 -8.23 -23.13
CA GLY C 215 -21.02 -6.87 -22.64
C GLY C 215 -22.34 -6.47 -22.01
N GLU C 216 -22.58 -5.17 -21.85
CA GLU C 216 -23.82 -4.68 -21.27
C GLU C 216 -23.81 -3.15 -21.35
N ILE C 217 -24.95 -2.54 -21.04
CA ILE C 217 -25.08 -1.10 -21.16
C ILE C 217 -24.10 -0.41 -20.21
N GLY C 218 -23.77 0.83 -20.55
CA GLY C 218 -22.91 1.65 -19.72
C GLY C 218 -21.47 1.66 -20.17
N GLY C 219 -20.88 2.86 -20.23
CA GLY C 219 -19.48 2.98 -20.57
C GLY C 219 -19.23 2.94 -22.06
N ASN C 220 -17.95 2.83 -22.40
CA ASN C 220 -17.50 2.80 -23.79
C ASN C 220 -16.66 1.57 -24.09
N ALA C 221 -16.63 0.58 -23.18
CA ALA C 221 -15.74 -0.56 -23.34
C ALA C 221 -16.07 -1.35 -24.60
N GLU C 222 -17.36 -1.63 -24.82
CA GLU C 222 -17.74 -2.44 -25.98
C GLU C 222 -17.37 -1.74 -27.29
N GLU C 223 -17.49 -0.41 -27.33
CA GLU C 223 -17.15 0.32 -28.54
C GLU C 223 -15.66 0.19 -28.85
N ASN C 224 -14.80 0.34 -27.84
CA ASN C 224 -13.37 0.21 -28.08
C ASN C 224 -13.02 -1.19 -28.59
N ALA C 225 -13.73 -2.22 -28.12
CA ALA C 225 -13.50 -3.56 -28.63
C ALA C 225 -13.79 -3.63 -30.12
N ALA C 226 -14.85 -2.95 -30.57
CA ALA C 226 -15.19 -2.96 -31.98
C ALA C 226 -14.08 -2.35 -32.82
N GLU C 227 -13.63 -1.15 -32.46
CA GLU C 227 -12.58 -0.49 -33.24
C GLU C 227 -11.32 -1.34 -33.32
N PHE C 228 -10.95 -1.98 -32.21
CA PHE C 228 -9.77 -2.85 -32.22
C PHE C 228 -9.93 -3.97 -33.24
N LEU C 229 -11.09 -4.64 -33.24
CA LEU C 229 -11.31 -5.75 -34.17
C LEU C 229 -11.29 -5.25 -35.61
N LYS C 230 -11.91 -4.10 -35.87
CA LYS C 230 -11.94 -3.57 -37.22
C LYS C 230 -10.54 -3.34 -37.79
N GLN C 231 -9.54 -3.18 -36.93
CA GLN C 231 -8.17 -2.93 -37.38
C GLN C 231 -7.37 -4.22 -37.49
N HIS C 232 -7.42 -5.08 -36.48
CA HIS C 232 -6.54 -6.24 -36.39
C HIS C 232 -7.25 -7.55 -36.72
N ASN C 233 -8.57 -7.55 -36.87
CA ASN C 233 -9.33 -8.76 -37.17
C ASN C 233 -9.96 -8.72 -38.55
N SER C 234 -9.58 -7.75 -39.39
CA SER C 234 -10.09 -7.63 -40.75
C SER C 234 -8.96 -7.94 -41.73
N GLY C 235 -9.14 -9.00 -42.51
CA GLY C 235 -8.17 -9.37 -43.52
C GLY C 235 -8.11 -10.87 -43.77
N PRO C 236 -6.91 -11.46 -43.76
CA PRO C 236 -6.79 -12.86 -44.18
C PRO C 236 -7.55 -13.83 -43.28
N LYS C 237 -6.92 -14.28 -42.19
CA LYS C 237 -7.52 -15.29 -41.33
C LYS C 237 -8.36 -14.64 -40.23
N SER C 238 -9.41 -13.96 -40.66
CA SER C 238 -10.33 -13.34 -39.72
C SER C 238 -11.01 -14.40 -38.88
N LYS C 239 -10.92 -14.26 -37.55
CA LYS C 239 -11.55 -15.24 -36.67
C LYS C 239 -12.99 -14.84 -36.40
N PRO C 240 -13.93 -15.80 -36.40
CA PRO C 240 -15.32 -15.44 -36.12
C PRO C 240 -15.51 -14.96 -34.70
N VAL C 241 -16.34 -13.94 -34.54
CA VAL C 241 -16.61 -13.33 -33.23
C VAL C 241 -18.12 -13.23 -33.04
N VAL C 242 -18.58 -13.56 -31.84
CA VAL C 242 -19.98 -13.47 -31.47
C VAL C 242 -20.09 -12.66 -30.19
N SER C 243 -21.24 -11.99 -30.00
CA SER C 243 -21.41 -11.14 -28.84
C SER C 243 -22.88 -11.03 -28.47
N PHE C 244 -23.12 -10.65 -27.21
CA PHE C 244 -24.43 -10.30 -26.71
C PHE C 244 -24.28 -9.14 -25.75
N ILE C 245 -25.16 -8.15 -25.85
CA ILE C 245 -25.12 -6.95 -25.03
C ILE C 245 -26.40 -6.92 -24.20
N ALA C 246 -26.25 -7.06 -22.88
CA ALA C 246 -27.39 -7.05 -21.98
C ALA C 246 -27.85 -5.62 -21.71
N GLY C 247 -29.14 -5.47 -21.46
CA GLY C 247 -29.73 -4.18 -21.17
C GLY C 247 -30.41 -3.50 -22.33
N LEU C 248 -30.63 -4.22 -23.44
CA LEU C 248 -31.32 -3.63 -24.58
C LEU C 248 -32.69 -3.11 -24.15
N THR C 249 -33.34 -3.80 -23.22
CA THR C 249 -34.66 -3.42 -22.72
C THR C 249 -34.57 -2.67 -21.40
N ALA C 250 -33.38 -2.24 -21.00
CA ALA C 250 -33.24 -1.52 -19.74
C ALA C 250 -33.77 -0.09 -19.88
N PRO C 251 -34.29 0.48 -18.80
CA PRO C 251 -34.79 1.85 -18.86
C PRO C 251 -33.65 2.86 -18.76
N PRO C 252 -33.81 4.06 -19.31
CA PRO C 252 -32.74 5.06 -19.24
C PRO C 252 -32.48 5.53 -17.81
N GLY C 253 -31.36 5.12 -17.24
CA GLY C 253 -31.01 5.50 -15.89
C GLY C 253 -30.79 6.99 -15.73
N ALA C 259 -22.40 15.45 -17.94
CA ALA C 259 -20.94 15.35 -17.98
C ALA C 259 -20.52 13.99 -18.51
N GLY C 260 -21.11 12.94 -17.94
CA GLY C 260 -20.73 11.59 -18.33
C GLY C 260 -20.93 11.35 -19.81
N ALA C 261 -22.06 11.79 -20.36
CA ALA C 261 -22.35 11.58 -21.77
C ALA C 261 -21.27 12.21 -22.65
N ILE C 262 -20.58 13.23 -22.15
CA ILE C 262 -19.53 13.91 -22.92
C ILE C 262 -18.26 13.08 -22.80
N ILE C 263 -17.83 12.50 -23.91
CA ILE C 263 -16.63 11.67 -23.93
C ILE C 263 -15.82 11.95 -25.19
N LYS C 267 -25.24 8.92 -23.73
CA LYS C 267 -25.11 7.70 -22.96
C LYS C 267 -24.65 6.54 -23.85
N GLY C 268 -23.98 5.57 -23.25
CA GLY C 268 -23.61 4.36 -23.95
C GLY C 268 -24.67 3.29 -23.83
N GLY C 269 -25.70 3.36 -24.68
CA GLY C 269 -26.76 2.40 -24.64
C GLY C 269 -26.41 1.11 -25.37
N ALA C 270 -27.30 0.13 -25.25
CA ALA C 270 -27.07 -1.15 -25.89
C ALA C 270 -27.25 -1.08 -27.41
N LYS C 271 -28.14 -0.22 -27.88
CA LYS C 271 -28.37 -0.11 -29.32
C LYS C 271 -27.08 0.24 -30.06
N GLU C 272 -26.34 1.22 -29.55
CA GLU C 272 -25.14 1.66 -30.25
C GLU C 272 -23.99 0.69 -30.05
N LYS C 273 -23.87 0.09 -28.86
CA LYS C 273 -22.87 -0.94 -28.65
C LYS C 273 -23.07 -2.08 -29.65
N ILE C 274 -24.33 -2.50 -29.85
CA ILE C 274 -24.62 -3.54 -30.83
C ILE C 274 -24.31 -3.04 -32.24
N THR C 275 -24.79 -1.84 -32.56
CA THR C 275 -24.56 -1.28 -33.90
C THR C 275 -23.06 -1.17 -34.18
N ALA C 276 -22.27 -0.80 -33.17
CA ALA C 276 -20.83 -0.65 -33.37
C ALA C 276 -20.15 -1.99 -33.59
N LEU C 277 -20.52 -3.00 -32.80
CA LEU C 277 -19.91 -4.32 -32.95
C LEU C 277 -20.18 -4.92 -34.32
N GLN C 278 -21.41 -4.76 -34.82
CA GLN C 278 -21.75 -5.32 -36.12
C GLN C 278 -20.91 -4.72 -37.24
N SER C 279 -20.56 -3.44 -37.12
CA SER C 279 -19.78 -2.79 -38.18
C SER C 279 -18.40 -3.44 -38.34
N ALA C 280 -17.84 -3.98 -37.25
CA ALA C 280 -16.55 -4.63 -37.28
C ALA C 280 -16.64 -6.10 -37.63
N GLY C 281 -17.79 -6.57 -38.09
CA GLY C 281 -17.96 -7.96 -38.45
C GLY C 281 -18.39 -8.88 -37.32
N VAL C 282 -18.77 -8.33 -36.18
CA VAL C 282 -19.18 -9.15 -35.04
C VAL C 282 -20.62 -9.59 -35.22
N VAL C 283 -20.88 -10.88 -35.02
CA VAL C 283 -22.23 -11.42 -35.10
C VAL C 283 -22.87 -11.27 -33.73
N VAL C 284 -23.88 -10.41 -33.65
CA VAL C 284 -24.54 -10.10 -32.38
C VAL C 284 -25.79 -10.96 -32.26
N SER C 285 -25.84 -11.76 -31.19
CA SER C 285 -27.02 -12.57 -30.88
C SER C 285 -27.97 -11.74 -30.04
N MET C 286 -29.21 -11.57 -30.53
CA MET C 286 -30.19 -10.79 -29.79
C MET C 286 -30.76 -11.54 -28.59
N SER C 287 -30.70 -12.87 -28.61
CA SER C 287 -31.20 -13.67 -27.48
C SER C 287 -30.03 -14.15 -26.64
N PRO C 288 -30.08 -14.03 -25.31
CA PRO C 288 -28.97 -14.51 -24.49
C PRO C 288 -28.84 -16.03 -24.43
N ALA C 289 -29.77 -16.78 -25.02
CA ALA C 289 -29.76 -18.23 -24.99
C ALA C 289 -29.28 -18.85 -26.30
N GLN C 290 -28.79 -18.04 -27.24
CA GLN C 290 -28.40 -18.51 -28.56
C GLN C 290 -26.94 -18.18 -28.88
N LEU C 291 -26.12 -17.94 -27.87
CA LEU C 291 -24.70 -17.67 -28.12
C LEU C 291 -23.99 -18.91 -28.64
N GLY C 292 -24.30 -20.09 -28.07
CA GLY C 292 -23.63 -21.29 -28.52
C GLY C 292 -24.02 -21.69 -29.93
N THR C 293 -25.30 -21.61 -30.25
CA THR C 293 -25.76 -21.99 -31.59
C THR C 293 -25.18 -21.05 -32.65
N THR C 294 -25.18 -19.76 -32.37
CA THR C 294 -24.68 -18.79 -33.35
C THR C 294 -23.22 -19.04 -33.68
N ILE C 295 -22.36 -19.10 -32.66
CA ILE C 295 -20.93 -19.34 -32.90
C ILE C 295 -20.74 -20.68 -33.59
N TYR C 296 -21.57 -21.67 -33.26
CA TYR C 296 -21.47 -22.97 -33.92
C TYR C 296 -21.72 -22.84 -35.42
N LYS C 297 -22.86 -22.26 -35.79
CA LYS C 297 -23.20 -22.14 -37.20
C LYS C 297 -22.20 -21.25 -37.94
N GLU C 298 -21.59 -20.30 -37.24
CA GLU C 298 -20.54 -19.51 -37.86
C GLU C 298 -19.35 -20.38 -38.22
N PHE C 299 -18.99 -21.33 -37.34
CA PHE C 299 -17.95 -22.29 -37.67
C PHE C 299 -18.36 -23.15 -38.86
N GLU C 300 -19.65 -23.49 -38.96
CA GLU C 300 -20.11 -24.32 -40.07
C GLU C 300 -20.06 -23.57 -41.38
N LYS C 301 -20.42 -22.28 -41.37
CA LYS C 301 -20.40 -21.48 -42.60
C LYS C 301 -18.99 -21.24 -43.12
N ARG C 302 -17.95 -21.56 -42.35
CA ARG C 302 -16.57 -21.37 -42.78
C ARG C 302 -15.81 -22.69 -42.84
N LYS C 303 -16.51 -23.82 -42.78
CA LYS C 303 -15.88 -25.14 -42.85
C LYS C 303 -14.85 -25.33 -41.74
N MET C 304 -15.02 -24.62 -40.63
CA MET C 304 -14.08 -24.71 -39.52
C MET C 304 -14.36 -25.90 -38.60
N LEU C 305 -15.48 -26.58 -38.78
CA LEU C 305 -15.80 -27.74 -37.95
C LEU C 305 -14.89 -28.92 -38.27
N MET D 1 -25.70 8.17 -5.31
CA MET D 1 -26.59 8.90 -4.37
C MET D 1 -26.64 10.38 -4.71
N ASN D 2 -27.84 10.97 -4.55
CA ASN D 2 -28.06 12.39 -4.80
C ASN D 2 -28.69 13.02 -3.57
N LEU D 3 -28.25 14.22 -3.24
CA LEU D 3 -28.70 14.95 -2.07
C LEU D 3 -29.54 16.17 -2.47
N GLN D 4 -30.22 16.74 -1.48
CA GLN D 4 -30.99 17.95 -1.70
C GLN D 4 -30.07 19.08 -2.17
N GLU D 5 -30.69 20.17 -2.63
CA GLU D 5 -29.91 21.33 -3.07
C GLU D 5 -29.16 21.93 -1.89
N TYR D 6 -29.87 22.25 -0.81
CA TYR D 6 -29.24 22.89 0.34
C TYR D 6 -28.22 21.98 1.00
N GLN D 7 -28.35 20.67 0.82
CA GLN D 7 -27.38 19.74 1.40
C GLN D 7 -26.06 19.76 0.65
N SER D 8 -26.12 19.84 -0.68
CA SER D 8 -24.88 19.92 -1.46
C SER D 8 -24.24 21.29 -1.33
N LYS D 9 -25.06 22.35 -1.37
CA LYS D 9 -24.53 23.71 -1.26
C LYS D 9 -23.80 23.90 0.07
N LYS D 10 -24.38 23.37 1.16
CA LYS D 10 -23.71 23.47 2.45
C LYS D 10 -22.37 22.72 2.44
N LEU D 11 -22.34 21.52 1.86
CA LEU D 11 -21.10 20.78 1.79
C LEU D 11 -20.04 21.57 1.04
N MET D 12 -20.43 22.21 -0.06
CA MET D 12 -19.48 23.03 -0.81
C MET D 12 -19.07 24.26 0.00
N SER D 13 -20.02 24.87 0.69
CA SER D 13 -19.69 26.05 1.50
C SER D 13 -18.77 25.68 2.64
N ASP D 14 -18.99 24.51 3.25
CA ASP D 14 -18.15 24.08 4.38
C ASP D 14 -16.73 23.76 3.96
N ASN D 15 -16.46 23.61 2.66
CA ASN D 15 -15.12 23.30 2.16
C ASN D 15 -14.54 24.46 1.37
N GLY D 16 -14.99 25.69 1.64
CA GLY D 16 -14.40 26.88 1.06
C GLY D 16 -14.87 27.23 -0.34
N VAL D 17 -15.90 26.56 -0.86
CA VAL D 17 -16.44 26.87 -2.17
C VAL D 17 -17.52 27.92 -2.01
N LYS D 18 -17.42 29.00 -2.78
CA LYS D 18 -18.37 30.11 -2.65
C LYS D 18 -19.69 29.74 -3.28
N VAL D 19 -20.76 29.80 -2.47
CA VAL D 19 -22.12 29.51 -2.90
C VAL D 19 -23.01 30.62 -2.37
N GLN D 20 -24.28 30.59 -2.78
CA GLN D 20 -25.20 31.62 -2.34
C GLN D 20 -25.51 31.43 -0.85
N ARG D 21 -26.04 32.49 -0.25
CA ARG D 21 -26.35 32.50 1.18
C ARG D 21 -27.79 32.09 1.39
N PHE D 22 -28.00 30.95 2.04
CA PHE D 22 -29.29 30.28 2.11
C PHE D 22 -29.64 29.96 3.56
N PHE D 23 -30.94 29.69 3.79
CA PHE D 23 -31.44 29.22 5.07
C PHE D 23 -32.43 28.10 4.82
N VAL D 24 -32.53 27.19 5.80
CA VAL D 24 -33.41 26.04 5.70
C VAL D 24 -34.39 26.02 6.86
N LEU D 38 -31.24 38.47 5.52
CA LEU D 38 -32.40 38.40 4.64
C LEU D 38 -32.46 39.64 3.74
N ASN D 39 -31.28 40.11 3.33
CA ASN D 39 -31.15 41.32 2.51
C ASN D 39 -31.30 41.04 1.02
N ALA D 40 -32.20 40.13 0.63
CA ALA D 40 -32.25 39.71 -0.76
C ALA D 40 -32.60 40.88 -1.68
N LYS D 41 -31.63 41.27 -2.52
CA LYS D 41 -31.87 42.24 -3.57
C LYS D 41 -32.85 41.72 -4.61
N GLU D 42 -32.83 40.41 -4.87
CA GLU D 42 -33.72 39.81 -5.86
C GLU D 42 -34.07 38.38 -5.47
N LYS D 46 -37.16 28.16 -2.05
CA LYS D 46 -37.14 27.00 -2.91
C LYS D 46 -37.54 25.74 -2.14
N ALA D 47 -38.56 25.05 -2.62
CA ALA D 47 -38.95 23.78 -2.02
C ALA D 47 -37.83 22.76 -2.20
N GLN D 48 -37.60 21.95 -1.16
CA GLN D 48 -36.49 21.00 -1.14
C GLN D 48 -37.02 19.62 -1.46
N ILE D 49 -36.82 19.20 -2.71
CA ILE D 49 -37.13 17.86 -3.18
C ILE D 49 -35.99 17.44 -4.10
N LEU D 50 -35.81 16.12 -4.21
CA LEU D 50 -34.66 15.60 -4.96
C LEU D 50 -34.85 15.71 -6.47
N ALA D 51 -36.08 15.61 -6.96
CA ALA D 51 -36.31 15.67 -8.39
C ALA D 51 -36.17 17.10 -8.90
N GLY D 52 -35.77 17.23 -10.16
CA GLY D 52 -35.61 18.52 -10.79
C GLY D 52 -36.84 18.93 -11.59
N LYS D 56 -41.36 25.07 -12.07
CA LYS D 56 -42.51 24.70 -12.89
C LYS D 56 -43.26 23.52 -12.29
N GLY D 57 -43.64 23.66 -11.03
CA GLY D 57 -44.40 22.63 -10.35
C GLY D 57 -45.52 23.24 -9.52
N VAL D 58 -46.52 22.41 -9.24
CA VAL D 58 -47.71 22.81 -8.50
C VAL D 58 -47.69 22.13 -7.15
N PHE D 59 -47.81 22.92 -6.08
CA PHE D 59 -47.92 22.37 -4.74
C PHE D 59 -49.33 21.86 -4.50
N SER D 60 -49.46 20.98 -3.49
CA SER D 60 -50.76 20.45 -3.12
C SER D 60 -51.69 21.51 -2.54
N SER D 61 -51.18 22.71 -2.26
CA SER D 61 -52.00 23.81 -1.77
C SER D 61 -52.59 24.64 -2.90
N GLY D 62 -51.80 24.89 -3.95
CA GLY D 62 -52.28 25.65 -5.10
C GLY D 62 -51.26 26.61 -5.66
N LEU D 63 -50.04 26.60 -5.11
CA LEU D 63 -48.98 27.49 -5.55
C LEU D 63 -48.22 26.85 -6.70
N LYS D 64 -48.01 27.61 -7.77
CA LYS D 64 -47.30 27.11 -8.94
C LYS D 64 -45.80 27.38 -8.82
N GLY D 85 -45.10 21.43 3.99
CA GLY D 85 -46.07 20.46 4.46
C GLY D 85 -46.92 19.88 3.36
N TYR D 86 -46.94 20.54 2.21
CA TYR D 86 -47.71 20.13 1.06
C TYR D 86 -46.84 19.36 0.07
N ASN D 87 -47.51 18.58 -0.80
CA ASN D 87 -46.81 17.83 -1.82
C ASN D 87 -46.52 18.70 -3.04
N LEU D 88 -45.38 18.44 -3.67
CA LEU D 88 -44.93 19.17 -4.85
C LEU D 88 -44.76 18.18 -6.00
N ALA D 89 -45.58 18.31 -7.03
CA ALA D 89 -45.57 17.42 -8.19
C ALA D 89 -44.76 18.07 -9.31
N THR D 90 -43.68 17.40 -9.73
CA THR D 90 -42.81 17.89 -10.77
C THR D 90 -43.05 17.10 -12.06
N LYS D 91 -42.15 17.28 -13.04
CA LYS D 91 -42.33 16.63 -14.33
C LYS D 91 -42.08 15.13 -14.28
N GLN D 92 -41.25 14.66 -13.34
CA GLN D 92 -40.94 13.24 -13.23
C GLN D 92 -41.16 12.69 -11.82
N THR D 93 -41.81 13.43 -10.93
CA THR D 93 -42.16 12.87 -9.64
C THR D 93 -43.53 12.23 -9.71
N PRO D 94 -43.85 11.33 -8.76
CA PRO D 94 -45.18 10.74 -8.74
C PRO D 94 -46.26 11.81 -8.63
N LYS D 95 -47.42 11.51 -9.22
CA LYS D 95 -48.55 12.42 -9.13
C LYS D 95 -48.89 12.74 -7.68
N GLU D 96 -48.56 11.82 -6.76
CA GLU D 96 -48.74 12.11 -5.35
C GLU D 96 -47.90 13.32 -4.94
N GLY D 97 -46.76 13.52 -5.58
CA GLY D 97 -45.88 14.60 -5.23
C GLY D 97 -44.81 14.15 -4.25
N VAL D 98 -44.03 15.14 -3.81
CA VAL D 98 -42.97 14.93 -2.82
C VAL D 98 -43.30 15.81 -1.63
N LYS D 99 -43.51 15.20 -0.47
CA LYS D 99 -43.91 15.96 0.72
C LYS D 99 -42.84 16.98 1.07
N VAL D 100 -43.22 18.26 1.02
CA VAL D 100 -42.31 19.36 1.31
C VAL D 100 -42.30 19.59 2.82
N ASN D 101 -41.12 19.51 3.43
CA ASN D 101 -40.94 19.79 4.85
C ASN D 101 -40.09 21.02 5.11
N LYS D 102 -39.02 21.20 4.34
CA LYS D 102 -38.15 22.37 4.45
C LYS D 102 -38.14 23.12 3.13
N VAL D 103 -37.70 24.38 3.19
CA VAL D 103 -37.59 25.22 2.01
C VAL D 103 -36.29 26.02 2.08
N MET D 104 -35.81 26.42 0.91
CA MET D 104 -34.57 27.18 0.78
C MET D 104 -34.87 28.57 0.27
N VAL D 105 -34.39 29.58 1.00
CA VAL D 105 -34.45 30.98 0.58
C VAL D 105 -33.03 31.50 0.51
N ALA D 106 -32.58 31.86 -0.69
CA ALA D 106 -31.19 32.23 -0.90
C ALA D 106 -31.10 33.58 -1.59
N GLU D 107 -29.95 34.23 -1.42
CA GLU D 107 -29.66 35.53 -2.01
C GLU D 107 -29.43 35.37 -3.51
N ALA D 108 -30.43 35.71 -4.31
CA ALA D 108 -30.27 35.65 -5.75
C ALA D 108 -29.28 36.72 -6.21
N LEU D 109 -28.41 36.35 -7.14
CA LEU D 109 -27.38 37.26 -7.63
C LEU D 109 -27.48 37.39 -9.15
N ASP D 110 -26.97 38.51 -9.65
CA ASP D 110 -26.90 38.73 -11.08
C ASP D 110 -25.74 37.95 -11.67
N ILE D 111 -25.89 37.54 -12.93
CA ILE D 111 -24.93 36.66 -13.60
C ILE D 111 -24.41 37.39 -14.82
N SER D 112 -23.10 37.69 -14.81
CA SER D 112 -22.47 38.31 -15.98
C SER D 112 -22.11 37.26 -17.02
N ARG D 113 -21.61 36.10 -16.58
CA ARG D 113 -21.19 35.05 -17.50
C ARG D 113 -21.57 33.70 -16.91
N GLU D 114 -22.03 32.80 -17.77
CA GLU D 114 -22.38 31.44 -17.38
C GLU D 114 -21.36 30.48 -18.00
N THR D 115 -20.73 29.66 -17.16
CA THR D 115 -19.74 28.69 -17.61
C THR D 115 -20.07 27.34 -16.98
N TYR D 116 -19.60 26.28 -17.64
CA TYR D 116 -19.78 24.91 -17.20
C TYR D 116 -18.46 24.33 -16.70
N LEU D 117 -18.54 23.56 -15.62
CA LEU D 117 -17.36 22.93 -15.04
C LEU D 117 -17.79 21.66 -14.32
N ALA D 118 -16.99 20.61 -14.45
CA ALA D 118 -17.27 19.33 -13.82
C ALA D 118 -15.97 18.62 -13.49
N ILE D 119 -16.01 17.81 -12.43
CA ILE D 119 -14.89 16.99 -12.01
C ILE D 119 -15.41 15.57 -11.82
N LEU D 120 -14.79 14.61 -12.50
CA LEU D 120 -15.29 13.24 -12.48
C LEU D 120 -14.15 12.26 -12.69
N MET D 121 -14.39 11.02 -12.28
CA MET D 121 -13.50 9.90 -12.59
C MET D 121 -13.89 9.34 -13.95
N ASP D 122 -12.98 9.42 -14.92
CA ASP D 122 -13.24 8.96 -16.28
C ASP D 122 -12.34 7.79 -16.63
N ARG D 123 -12.92 6.73 -17.18
CA ARG D 123 -12.14 5.55 -17.56
C ARG D 123 -11.11 5.89 -18.63
N SER D 124 -11.52 6.66 -19.65
CA SER D 124 -10.60 6.96 -20.75
C SER D 124 -9.40 7.77 -20.27
N CYS D 125 -9.62 8.66 -19.32
CA CYS D 125 -8.53 9.48 -18.77
C CYS D 125 -7.80 8.80 -17.62
N ASN D 126 -8.19 7.57 -17.27
CA ASN D 126 -7.50 6.81 -16.23
C ASN D 126 -7.40 7.59 -14.93
N GLY D 127 -8.53 8.17 -14.52
CA GLY D 127 -8.61 8.87 -13.27
C GLY D 127 -9.33 10.21 -13.36
N PRO D 128 -9.02 11.12 -12.44
CA PRO D 128 -9.74 12.40 -12.42
C PRO D 128 -9.44 13.23 -13.66
N VAL D 129 -10.40 14.08 -14.00
CA VAL D 129 -10.26 14.99 -15.13
C VAL D 129 -11.20 16.17 -14.94
N LEU D 130 -10.69 17.38 -15.10
CA LEU D 130 -11.54 18.57 -15.11
C LEU D 130 -12.21 18.69 -16.47
N VAL D 131 -13.52 18.94 -16.46
CA VAL D 131 -14.29 19.13 -17.68
C VAL D 131 -15.09 20.41 -17.52
N GLY D 132 -14.79 21.40 -18.36
CA GLY D 132 -15.50 22.66 -18.32
C GLY D 132 -15.71 23.21 -19.72
N SER D 133 -16.61 24.20 -19.80
CA SER D 133 -16.90 24.85 -21.05
C SER D 133 -17.29 26.29 -20.74
N PRO D 134 -16.74 27.28 -21.45
CA PRO D 134 -17.18 28.66 -21.23
C PRO D 134 -18.63 28.89 -21.63
N GLN D 135 -19.20 28.04 -22.48
CA GLN D 135 -20.58 28.18 -22.91
C GLN D 135 -21.48 27.28 -22.07
N GLY D 136 -21.60 27.66 -20.80
CA GLY D 136 -22.41 26.94 -19.85
C GLY D 136 -23.79 27.56 -19.65
N GLY D 137 -24.56 26.95 -18.75
CA GLY D 137 -25.88 27.44 -18.43
C GLY D 137 -26.98 26.67 -19.15
N VAL D 138 -27.03 26.81 -20.47
CA VAL D 138 -27.97 26.05 -21.28
C VAL D 138 -27.50 24.60 -21.36
N ASP D 139 -28.32 23.72 -21.94
CA ASP D 139 -28.01 22.31 -22.03
C ASP D 139 -26.56 22.10 -22.45
N ILE D 140 -25.70 21.79 -21.49
CA ILE D 140 -24.27 21.62 -21.78
C ILE D 140 -24.06 20.57 -22.86
N GLU D 141 -24.90 19.53 -22.86
CA GLU D 141 -24.73 18.48 -23.85
C GLU D 141 -24.92 18.99 -25.27
N GLU D 142 -25.62 20.12 -25.44
CA GLU D 142 -25.79 20.70 -26.76
C GLU D 142 -24.44 21.17 -27.33
N VAL D 143 -23.76 22.06 -26.60
CA VAL D 143 -22.49 22.58 -27.09
C VAL D 143 -21.47 21.47 -27.24
N ALA D 144 -21.56 20.43 -26.41
CA ALA D 144 -20.65 19.30 -26.53
C ALA D 144 -20.78 18.67 -27.92
N ALA D 145 -22.01 18.43 -28.36
CA ALA D 145 -22.22 17.86 -29.69
C ALA D 145 -22.03 18.90 -30.78
N SER D 146 -22.55 20.11 -30.59
CA SER D 146 -22.43 21.17 -31.57
C SER D 146 -20.96 21.47 -31.85
N ASN D 147 -20.30 22.16 -30.91
CA ASN D 147 -18.89 22.55 -31.04
C ASN D 147 -18.06 21.72 -30.07
N PRO D 148 -17.48 20.60 -30.50
CA PRO D 148 -16.63 19.82 -29.59
C PRO D 148 -15.37 20.55 -29.15
N GLU D 149 -15.00 21.65 -29.80
CA GLU D 149 -13.80 22.38 -29.44
C GLU D 149 -14.00 23.31 -28.25
N LEU D 150 -15.24 23.68 -27.96
CA LEU D 150 -15.53 24.52 -26.80
C LEU D 150 -15.52 23.76 -25.49
N ILE D 151 -15.26 22.45 -25.52
CA ILE D 151 -15.15 21.62 -24.33
C ILE D 151 -13.66 21.41 -24.05
N PHE D 152 -13.26 21.56 -22.79
CA PHE D 152 -11.87 21.47 -22.40
C PHE D 152 -11.70 20.39 -21.33
N LYS D 153 -10.52 19.76 -21.34
CA LYS D 153 -10.21 18.65 -20.45
C LYS D 153 -8.83 18.85 -19.85
N GLU D 154 -8.73 18.69 -18.54
CA GLU D 154 -7.45 18.74 -17.83
C GLU D 154 -7.32 17.46 -17.01
N GLN D 155 -6.46 16.56 -17.45
CA GLN D 155 -6.24 15.30 -16.75
C GLN D 155 -5.41 15.55 -15.50
N ILE D 156 -5.94 15.14 -14.34
CA ILE D 156 -5.30 15.37 -13.05
C ILE D 156 -4.64 14.09 -12.59
N ASP D 157 -3.46 14.22 -11.99
CA ASP D 157 -2.72 13.09 -11.45
C ASP D 157 -3.20 12.83 -10.04
N ILE D 158 -3.76 11.63 -9.81
CA ILE D 158 -4.35 11.32 -8.51
C ILE D 158 -3.31 11.43 -7.40
N ILE D 159 -2.04 11.17 -7.71
CA ILE D 159 -0.99 11.22 -6.69
C ILE D 159 -0.54 12.66 -6.45
N GLU D 160 -0.15 13.36 -7.52
CA GLU D 160 0.35 14.72 -7.35
C GLU D 160 -0.76 15.69 -6.97
N GLY D 161 -1.99 15.40 -7.38
CA GLY D 161 -3.10 16.30 -7.12
C GLY D 161 -3.16 17.40 -8.17
N ILE D 162 -4.15 18.27 -8.00
CA ILE D 162 -4.34 19.37 -8.94
C ILE D 162 -3.21 20.38 -8.76
N LYS D 163 -2.46 20.63 -9.83
CA LYS D 163 -1.36 21.57 -9.80
C LYS D 163 -1.86 22.96 -10.18
N ASP D 164 -1.13 23.98 -9.71
CA ASP D 164 -1.52 25.36 -9.98
C ASP D 164 -1.59 25.63 -11.48
N SER D 165 -0.67 25.05 -12.25
CA SER D 165 -0.67 25.27 -13.69
C SER D 165 -1.96 24.78 -14.34
N GLN D 166 -2.45 23.61 -13.92
CA GLN D 166 -3.65 23.06 -14.51
C GLN D 166 -4.88 23.91 -14.18
N ALA D 167 -5.01 24.34 -12.93
CA ALA D 167 -6.16 25.15 -12.54
C ALA D 167 -6.16 26.49 -13.27
N GLN D 168 -4.98 27.07 -13.49
CA GLN D 168 -4.91 28.35 -14.19
C GLN D 168 -5.28 28.19 -15.67
N ARG D 169 -4.83 27.10 -16.29
CA ARG D 169 -5.14 26.88 -17.71
C ARG D 169 -6.63 26.68 -17.93
N MET D 170 -7.28 25.92 -17.06
CA MET D 170 -8.73 25.73 -17.18
C MET D 170 -9.47 27.05 -17.02
N ALA D 171 -9.13 27.81 -15.96
CA ALA D 171 -9.75 29.13 -15.78
C ALA D 171 -9.49 30.02 -16.99
N GLU D 172 -8.37 29.82 -17.68
CA GLU D 172 -8.10 30.59 -18.89
C GLU D 172 -9.01 30.16 -20.03
N ASN D 173 -9.27 28.85 -20.15
CA ASN D 173 -10.15 28.36 -21.20
C ASN D 173 -11.61 28.62 -20.90
N LEU D 174 -11.99 28.72 -19.63
CA LEU D 174 -13.35 29.07 -19.27
C LEU D 174 -13.65 30.56 -19.47
N GLY D 175 -12.64 31.38 -19.68
CA GLY D 175 -12.83 32.79 -19.96
C GLY D 175 -12.67 33.70 -18.76
N PHE D 176 -12.11 33.23 -17.66
CA PHE D 176 -11.86 34.07 -16.50
C PHE D 176 -10.57 34.85 -16.71
N LEU D 177 -10.68 36.17 -16.80
CA LEU D 177 -9.56 37.04 -17.11
C LEU D 177 -9.23 37.95 -15.92
N GLY D 178 -8.02 38.49 -15.94
CA GLY D 178 -7.59 39.42 -14.92
C GLY D 178 -7.57 38.79 -13.55
N PRO D 179 -7.90 39.55 -12.51
CA PRO D 179 -7.88 38.99 -11.15
C PRO D 179 -8.89 37.87 -10.96
N LEU D 180 -9.86 37.71 -11.86
CA LEU D 180 -10.83 36.63 -11.71
C LEU D 180 -10.22 35.28 -12.05
N GLN D 181 -9.21 35.26 -12.91
CA GLN D 181 -8.61 34.00 -13.32
C GLN D 181 -8.08 33.24 -12.10
N ASN D 182 -7.26 33.89 -11.28
CA ASN D 182 -6.72 33.22 -10.10
C ASN D 182 -7.81 32.90 -9.09
N GLN D 183 -8.89 33.69 -9.06
CA GLN D 183 -9.99 33.40 -8.14
C GLN D 183 -10.72 32.13 -8.57
N ALA D 184 -11.06 32.03 -9.87
CA ALA D 184 -11.70 30.83 -10.37
C ALA D 184 -10.78 29.62 -10.20
N ALA D 185 -9.51 29.77 -10.57
CA ALA D 185 -8.56 28.66 -10.42
C ALA D 185 -8.48 28.20 -8.98
N ASP D 186 -8.62 29.12 -8.02
CA ASP D 186 -8.61 28.72 -6.61
C ASP D 186 -9.88 27.95 -6.26
N GLN D 187 -11.02 28.33 -6.85
CA GLN D 187 -12.27 27.61 -6.63
C GLN D 187 -12.22 26.22 -7.26
N ILE D 188 -11.58 26.11 -8.43
CA ILE D 188 -11.41 24.80 -9.05
C ILE D 188 -10.66 23.86 -8.12
N LYS D 189 -9.60 24.37 -7.47
CA LYS D 189 -8.82 23.53 -6.56
C LYS D 189 -9.67 23.04 -5.39
N LYS D 190 -10.48 23.93 -4.81
CA LYS D 190 -11.32 23.52 -3.68
C LYS D 190 -12.38 22.53 -4.11
N LEU D 191 -12.87 22.64 -5.35
CA LEU D 191 -13.85 21.67 -5.85
C LEU D 191 -13.20 20.30 -6.03
N TYR D 192 -11.99 20.27 -6.57
CA TYR D 192 -11.29 19.00 -6.71
C TYR D 192 -11.01 18.37 -5.36
N ASN D 193 -10.56 19.17 -4.39
CA ASN D 193 -10.33 18.63 -3.05
C ASN D 193 -11.62 18.11 -2.44
N LEU D 194 -12.72 18.85 -2.59
CA LEU D 194 -14.02 18.34 -2.17
C LEU D 194 -14.38 17.07 -2.91
N PHE D 195 -14.19 17.08 -4.24
CA PHE D 195 -14.47 15.90 -5.04
C PHE D 195 -13.83 14.65 -4.47
N LEU D 196 -12.56 14.76 -4.05
CA LEU D 196 -11.88 13.59 -3.49
C LEU D 196 -12.33 13.30 -2.07
N LYS D 197 -12.57 14.34 -1.27
CA LYS D 197 -12.87 14.13 0.14
C LYS D 197 -14.15 13.33 0.33
N ILE D 198 -15.18 13.61 -0.47
CA ILE D 198 -16.51 13.06 -0.25
C ILE D 198 -16.71 11.78 -1.06
N ASP D 199 -15.63 11.27 -1.65
CA ASP D 199 -15.70 10.07 -2.49
C ASP D 199 -16.79 10.24 -3.56
N ALA D 200 -16.66 11.31 -4.32
CA ALA D 200 -17.62 11.63 -5.37
C ALA D 200 -17.18 11.00 -6.69
N THR D 201 -18.18 10.61 -7.49
CA THR D 201 -17.93 10.18 -8.86
C THR D 201 -18.05 11.32 -9.85
N GLN D 202 -18.80 12.37 -9.51
CA GLN D 202 -18.96 13.52 -10.38
C GLN D 202 -19.41 14.70 -9.53
N VAL D 203 -18.73 15.83 -9.70
CA VAL D 203 -19.14 17.09 -9.09
C VAL D 203 -19.32 18.08 -10.23
N GLU D 204 -20.56 18.40 -10.54
CA GLU D 204 -20.92 19.23 -11.68
C GLU D 204 -21.51 20.55 -11.17
N VAL D 205 -20.91 21.66 -11.59
CA VAL D 205 -21.37 22.99 -11.23
C VAL D 205 -21.80 23.70 -12.51
N ASN D 206 -23.10 23.97 -12.63
CA ASN D 206 -23.64 24.63 -13.80
C ASN D 206 -24.78 25.56 -13.36
N PRO D 207 -24.61 26.89 -13.47
CA PRO D 207 -23.47 27.63 -14.00
C PRO D 207 -22.36 27.90 -13.00
N PHE D 208 -21.11 27.75 -13.45
CA PHE D 208 -19.94 28.21 -12.71
C PHE D 208 -19.83 29.71 -12.99
N GLY D 209 -20.54 30.51 -12.21
CA GLY D 209 -20.86 31.86 -12.59
C GLY D 209 -19.78 32.89 -12.26
N GLU D 210 -20.05 34.12 -12.70
CA GLU D 210 -19.14 35.25 -12.51
C GLU D 210 -20.01 36.49 -12.33
N THR D 211 -20.04 37.04 -11.12
CA THR D 211 -20.89 38.18 -10.83
C THR D 211 -20.28 39.47 -11.37
N PRO D 212 -21.11 40.50 -11.57
CA PRO D 212 -20.55 41.79 -12.02
C PRO D 212 -19.63 42.43 -11.00
N GLU D 213 -19.80 42.14 -9.71
CA GLU D 213 -18.88 42.66 -8.70
C GLU D 213 -17.54 41.95 -8.72
N GLY D 214 -17.39 40.91 -9.54
CA GLY D 214 -16.13 40.19 -9.61
C GLY D 214 -16.01 39.00 -8.68
N GLN D 215 -17.12 38.33 -8.38
CA GLN D 215 -17.13 37.16 -7.51
C GLN D 215 -17.50 35.94 -8.33
N VAL D 216 -16.62 34.93 -8.34
CA VAL D 216 -16.91 33.66 -8.98
C VAL D 216 -17.71 32.79 -8.01
N VAL D 217 -18.89 32.36 -8.43
CA VAL D 217 -19.82 31.65 -7.57
C VAL D 217 -20.32 30.39 -8.26
N CYS D 218 -20.54 29.34 -7.49
CA CYS D 218 -21.20 28.13 -7.95
C CYS D 218 -22.68 28.25 -7.56
N PHE D 219 -23.52 28.55 -8.55
CA PHE D 219 -24.93 28.80 -8.26
C PHE D 219 -25.71 27.51 -8.04
N ASP D 220 -25.51 26.53 -8.91
CA ASP D 220 -26.11 25.21 -8.77
C ASP D 220 -25.02 24.15 -8.71
N ALA D 221 -25.36 23.01 -8.11
CA ALA D 221 -24.39 21.95 -7.90
C ALA D 221 -25.06 20.59 -8.02
N LYS D 222 -24.41 19.67 -8.75
CA LYS D 222 -24.89 18.30 -8.91
C LYS D 222 -23.73 17.37 -8.56
N ILE D 223 -23.87 16.63 -7.47
CA ILE D 223 -22.83 15.74 -6.96
C ILE D 223 -23.34 14.32 -7.00
N ASN D 224 -22.55 13.43 -7.62
CA ASN D 224 -22.82 12.00 -7.63
C ASN D 224 -21.82 11.31 -6.71
N PHE D 225 -22.33 10.50 -5.78
CA PHE D 225 -21.51 9.86 -4.77
C PHE D 225 -21.30 8.38 -5.10
N ASP D 226 -20.08 7.91 -4.85
CA ASP D 226 -19.74 6.51 -5.09
C ASP D 226 -20.40 5.63 -4.04
N ASP D 227 -21.28 4.73 -4.47
CA ASP D 227 -21.93 3.82 -3.53
C ASP D 227 -20.92 2.98 -2.78
N ASN D 228 -19.86 2.54 -3.46
CA ASN D 228 -18.87 1.65 -2.84
C ASN D 228 -18.15 2.31 -1.67
N ALA D 229 -18.22 3.64 -1.54
CA ALA D 229 -17.52 4.36 -0.49
C ALA D 229 -18.42 4.69 0.68
N GLU D 230 -19.64 4.15 0.72
CA GLU D 230 -20.58 4.48 1.79
C GLU D 230 -20.01 4.12 3.15
N PHE D 231 -19.21 3.06 3.25
CA PHE D 231 -18.69 2.64 4.54
C PHE D 231 -17.76 3.68 5.15
N ARG D 232 -17.28 4.65 4.37
CA ARG D 232 -16.45 5.73 4.89
C ARG D 232 -17.06 7.10 4.62
N GLN D 233 -18.35 7.15 4.27
CA GLN D 233 -19.07 8.40 4.09
C GLN D 233 -20.40 8.33 4.84
N LYS D 234 -20.33 7.97 6.12
CA LYS D 234 -21.53 7.75 6.91
C LYS D 234 -22.36 9.02 7.01
N ASP D 235 -21.74 10.14 7.38
CA ASP D 235 -22.49 11.38 7.54
C ASP D 235 -23.09 11.82 6.21
N ILE D 236 -22.38 11.60 5.11
CA ILE D 236 -22.88 12.07 3.82
C ILE D 236 -24.07 11.23 3.39
N PHE D 237 -23.97 9.91 3.53
CA PHE D 237 -25.06 9.03 3.14
C PHE D 237 -26.21 9.06 4.14
N ALA D 238 -25.97 9.54 5.36
CA ALA D 238 -27.04 9.69 6.33
C ALA D 238 -28.01 10.81 5.95
N MET D 239 -27.59 11.75 5.10
CA MET D 239 -28.47 12.84 4.70
C MET D 239 -29.50 12.42 3.66
N ASP D 240 -29.30 11.29 3.00
CA ASP D 240 -30.26 10.80 2.02
C ASP D 240 -31.59 10.53 2.71
N ASP D 241 -32.63 11.29 2.35
CA ASP D 241 -33.92 11.15 3.02
C ASP D 241 -34.51 9.77 2.79
N LYS D 242 -34.34 9.22 1.59
CA LYS D 242 -34.91 7.94 1.16
C LYS D 242 -36.42 7.97 1.05
N SER D 243 -37.07 9.13 1.27
CA SER D 243 -38.52 9.20 1.17
C SER D 243 -38.99 9.25 -0.27
N GLU D 244 -38.17 9.80 -1.17
CA GLU D 244 -38.54 9.94 -2.57
C GLU D 244 -38.31 8.67 -3.37
N ASN D 245 -37.91 7.58 -2.73
CA ASN D 245 -37.74 6.29 -3.39
C ASN D 245 -38.94 5.39 -3.09
N GLU D 246 -39.15 4.41 -3.97
CA GLU D 246 -40.25 3.49 -3.79
C GLU D 246 -40.05 2.69 -2.51
N PRO D 247 -41.12 2.44 -1.74
CA PRO D 247 -40.96 1.60 -0.53
C PRO D 247 -40.37 0.23 -0.83
N ILE D 248 -40.60 -0.30 -2.04
CA ILE D 248 -40.08 -1.62 -2.37
C ILE D 248 -38.56 -1.58 -2.48
N GLU D 249 -38.01 -0.48 -3.00
CA GLU D 249 -36.56 -0.36 -3.11
C GLU D 249 -35.91 -0.31 -1.74
N ASN D 250 -36.37 0.59 -0.88
CA ASN D 250 -35.75 0.75 0.44
C ASN D 250 -35.84 -0.53 1.25
N GLU D 251 -37.00 -1.19 1.25
CA GLU D 251 -37.13 -2.43 2.00
C GLU D 251 -36.37 -3.57 1.34
N ALA D 252 -36.31 -3.56 0.00
CA ALA D 252 -35.48 -4.56 -0.68
C ALA D 252 -34.01 -4.35 -0.35
N ALA D 253 -33.57 -3.09 -0.29
CA ALA D 253 -32.19 -2.80 0.08
C ALA D 253 -31.91 -3.14 1.54
N LYS D 254 -32.95 -3.18 2.38
CA LYS D 254 -32.75 -3.54 3.78
C LYS D 254 -32.15 -4.94 3.92
N TYR D 255 -32.52 -5.85 3.02
CA TYR D 255 -32.00 -7.22 3.03
C TYR D 255 -30.96 -7.43 1.92
N ASP D 256 -30.29 -6.36 1.50
CA ASP D 256 -29.24 -6.45 0.49
C ASP D 256 -29.77 -7.07 -0.80
N LEU D 257 -30.89 -6.54 -1.28
CA LEU D 257 -31.49 -6.93 -2.56
C LEU D 257 -31.64 -5.68 -3.42
N LYS D 258 -31.05 -5.72 -4.61
CA LYS D 258 -31.07 -4.58 -5.52
C LYS D 258 -32.31 -4.66 -6.40
N TYR D 259 -33.23 -3.72 -6.21
CA TYR D 259 -34.51 -3.70 -6.90
C TYR D 259 -34.50 -2.67 -8.03
N ILE D 260 -35.19 -3.01 -9.12
CA ILE D 260 -35.42 -2.10 -10.23
C ILE D 260 -36.82 -2.38 -10.75
N GLY D 261 -37.70 -1.37 -10.70
CA GLY D 261 -39.07 -1.55 -11.10
C GLY D 261 -39.29 -1.27 -12.58
N LEU D 262 -40.28 -1.95 -13.15
CA LEU D 262 -40.67 -1.77 -14.54
C LEU D 262 -42.20 -1.80 -14.63
N ASP D 263 -42.71 -1.69 -15.85
CA ASP D 263 -44.14 -1.73 -16.13
C ASP D 263 -44.45 -3.03 -16.87
N GLY D 264 -44.88 -4.05 -16.14
CA GLY D 264 -45.18 -5.33 -16.73
C GLY D 264 -45.96 -6.25 -15.81
N ASN D 265 -45.84 -7.55 -16.01
CA ASN D 265 -46.56 -8.52 -15.20
C ASN D 265 -45.70 -9.72 -14.79
N ILE D 266 -44.44 -9.79 -15.19
CA ILE D 266 -43.57 -10.92 -14.92
C ILE D 266 -42.40 -10.41 -14.08
N ALA D 267 -42.39 -10.77 -12.79
CA ALA D 267 -41.29 -10.42 -11.92
C ALA D 267 -40.08 -11.32 -12.20
N CYS D 268 -38.89 -10.77 -11.97
CA CYS D 268 -37.63 -11.48 -12.21
C CYS D 268 -36.83 -11.54 -10.92
N PHE D 269 -36.30 -12.72 -10.61
CA PHE D 269 -35.45 -12.94 -9.45
C PHE D 269 -34.20 -13.66 -9.93
N VAL D 270 -33.09 -12.92 -10.07
CA VAL D 270 -31.89 -13.41 -10.71
C VAL D 270 -30.67 -13.03 -9.85
N ASN D 271 -29.58 -13.75 -10.06
CA ASN D 271 -28.30 -13.48 -9.41
C ASN D 271 -27.36 -12.91 -10.46
N GLY D 272 -27.09 -11.60 -10.36
CA GLY D 272 -26.24 -10.92 -11.32
C GLY D 272 -27.01 -9.90 -12.13
N ALA D 273 -26.60 -8.63 -12.05
CA ALA D 273 -27.29 -7.59 -12.78
C ALA D 273 -27.25 -7.85 -14.28
N GLY D 274 -26.06 -8.18 -14.80
CA GLY D 274 -25.95 -8.48 -16.22
C GLY D 274 -26.85 -9.62 -16.66
N LEU D 275 -26.87 -10.70 -15.88
CA LEU D 275 -27.78 -11.80 -16.19
C LEU D 275 -29.23 -11.39 -15.97
N ALA D 276 -29.49 -10.62 -14.93
CA ALA D 276 -30.85 -10.19 -14.65
C ALA D 276 -31.38 -9.28 -15.76
N MET D 277 -30.55 -8.37 -16.25
CA MET D 277 -30.94 -7.54 -17.39
C MET D 277 -31.20 -8.41 -18.62
N ALA D 278 -30.34 -9.40 -18.86
CA ALA D 278 -30.56 -10.32 -19.97
C ALA D 278 -31.88 -11.07 -19.81
N THR D 279 -32.25 -11.39 -18.57
CA THR D 279 -33.54 -12.05 -18.33
C THR D 279 -34.68 -11.17 -18.81
N CYS D 280 -34.68 -9.90 -18.42
CA CYS D 280 -35.69 -8.96 -18.92
C CYS D 280 -35.60 -8.85 -20.44
N ASP D 281 -34.39 -8.88 -20.99
CA ASP D 281 -34.23 -8.75 -22.43
C ASP D 281 -34.89 -9.90 -23.17
N ILE D 282 -34.71 -11.13 -22.69
CA ILE D 282 -35.26 -12.29 -23.40
C ILE D 282 -36.75 -12.45 -23.15
N ILE D 283 -37.29 -11.90 -22.07
CA ILE D 283 -38.73 -11.92 -21.86
C ILE D 283 -39.42 -11.07 -22.92
N PHE D 284 -38.88 -9.87 -23.18
CA PHE D 284 -39.39 -9.05 -24.27
C PHE D 284 -39.43 -9.84 -25.57
N LEU D 285 -38.35 -10.57 -25.88
CA LEU D 285 -38.27 -11.29 -27.14
C LEU D 285 -39.39 -12.31 -27.29
N ASN D 286 -39.93 -12.80 -26.19
CA ASN D 286 -40.97 -13.83 -26.21
C ASN D 286 -42.36 -13.27 -25.91
N GLY D 287 -42.55 -11.95 -26.06
CA GLY D 287 -43.85 -11.35 -25.90
C GLY D 287 -44.19 -10.91 -24.49
N GLY D 288 -43.37 -11.25 -23.51
CA GLY D 288 -43.66 -10.85 -22.15
C GLY D 288 -43.15 -9.46 -21.84
N LYS D 289 -43.71 -8.88 -20.78
CA LYS D 289 -43.30 -7.58 -20.26
C LYS D 289 -42.87 -7.76 -18.81
N PRO D 290 -41.62 -7.51 -18.46
CA PRO D 290 -41.18 -7.76 -17.08
C PRO D 290 -41.78 -6.74 -16.12
N ALA D 291 -42.40 -7.24 -15.05
CA ALA D 291 -42.97 -6.39 -14.02
C ALA D 291 -41.88 -5.75 -13.18
N ASN D 292 -40.96 -6.57 -12.66
CA ASN D 292 -39.94 -6.09 -11.75
C ASN D 292 -38.57 -6.64 -12.12
N PHE D 293 -37.61 -6.50 -11.20
CA PHE D 293 -36.24 -6.92 -11.43
C PHE D 293 -35.52 -6.86 -10.09
N LEU D 294 -35.24 -8.02 -9.50
CA LEU D 294 -34.68 -8.10 -8.16
C LEU D 294 -33.35 -8.86 -8.23
N ASP D 295 -32.25 -8.13 -8.30
CA ASP D 295 -30.93 -8.74 -8.34
C ASP D 295 -30.50 -9.14 -6.93
N LEU D 296 -30.24 -10.42 -6.73
CA LEU D 296 -29.75 -10.91 -5.45
C LEU D 296 -28.22 -10.92 -5.38
N GLY D 297 -27.55 -10.66 -6.49
CA GLY D 297 -26.10 -10.63 -6.53
C GLY D 297 -25.50 -12.03 -6.44
N GLY D 298 -24.17 -12.06 -6.38
CA GLY D 298 -23.46 -13.32 -6.27
C GLY D 298 -23.81 -14.05 -4.99
N GLY D 299 -23.53 -13.42 -3.85
CA GLY D 299 -23.91 -14.02 -2.59
C GLY D 299 -25.42 -14.25 -2.52
N VAL D 300 -25.79 -15.43 -2.06
CA VAL D 300 -27.19 -15.86 -2.03
C VAL D 300 -27.47 -16.39 -0.62
N LYS D 301 -27.87 -15.50 0.27
CA LYS D 301 -28.27 -15.89 1.61
C LYS D 301 -29.74 -16.29 1.61
N GLU D 302 -30.02 -17.49 2.10
CA GLU D 302 -31.36 -18.07 2.03
C GLU D 302 -32.39 -17.29 2.85
N SER D 303 -31.99 -16.25 3.57
CA SER D 303 -32.97 -15.33 4.14
C SER D 303 -33.51 -14.38 3.09
N GLN D 304 -32.72 -14.11 2.05
CA GLN D 304 -33.15 -13.21 0.98
C GLN D 304 -34.33 -13.78 0.22
N VAL D 305 -34.26 -15.05 -0.14
CA VAL D 305 -35.35 -15.68 -0.90
C VAL D 305 -36.67 -15.53 -0.16
N TYR D 306 -36.65 -15.60 1.17
CA TYR D 306 -37.87 -15.38 1.94
C TYR D 306 -38.46 -14.01 1.64
N GLN D 307 -37.66 -12.95 1.80
CA GLN D 307 -38.15 -11.62 1.48
C GLN D 307 -38.35 -11.44 -0.02
N ALA D 308 -37.46 -12.03 -0.83
CA ALA D 308 -37.55 -11.84 -2.27
C ALA D 308 -38.96 -12.11 -2.79
N PHE D 309 -39.51 -13.27 -2.43
CA PHE D 309 -40.88 -13.59 -2.84
C PHE D 309 -41.89 -12.70 -2.14
N LYS D 310 -41.62 -12.33 -0.88
CA LYS D 310 -42.57 -11.52 -0.13
C LYS D 310 -42.77 -10.15 -0.79
N LEU D 311 -41.67 -9.51 -1.21
CA LEU D 311 -41.78 -8.17 -1.79
C LEU D 311 -42.35 -8.23 -3.21
N LEU D 312 -41.82 -9.14 -4.04
CA LEU D 312 -42.32 -9.25 -5.40
C LEU D 312 -43.81 -9.54 -5.41
N THR D 313 -44.31 -10.30 -4.42
CA THR D 313 -45.73 -10.60 -4.35
C THR D 313 -46.55 -9.43 -3.83
N ALA D 314 -45.93 -8.49 -3.11
CA ALA D 314 -46.68 -7.35 -2.59
C ALA D 314 -47.33 -6.54 -3.70
N ASP D 315 -46.58 -6.27 -4.76
CA ASP D 315 -47.12 -5.51 -5.88
C ASP D 315 -48.29 -6.25 -6.50
N PRO D 316 -49.48 -5.64 -6.60
CA PRO D 316 -50.62 -6.38 -7.17
C PRO D 316 -50.46 -6.72 -8.64
N LYS D 317 -49.72 -5.91 -9.40
CA LYS D 317 -49.61 -6.14 -10.83
C LYS D 317 -48.82 -7.39 -11.17
N VAL D 318 -48.08 -7.95 -10.22
CA VAL D 318 -47.28 -9.15 -10.48
C VAL D 318 -48.22 -10.32 -10.73
N GLU D 319 -48.09 -10.93 -11.92
CA GLU D 319 -48.85 -12.11 -12.28
C GLU D 319 -47.99 -13.35 -12.45
N ALA D 320 -46.67 -13.23 -12.26
CA ALA D 320 -45.78 -14.38 -12.39
C ALA D 320 -44.36 -13.98 -12.00
N ILE D 321 -43.63 -14.92 -11.39
CA ILE D 321 -42.25 -14.69 -10.97
C ILE D 321 -41.37 -15.68 -11.70
N LEU D 322 -40.30 -15.18 -12.32
CA LEU D 322 -39.33 -15.99 -13.03
C LEU D 322 -38.04 -16.02 -12.22
N VAL D 323 -37.67 -17.21 -11.73
CA VAL D 323 -36.46 -17.40 -10.93
C VAL D 323 -35.41 -18.04 -11.82
N ASN D 324 -34.31 -17.31 -12.05
CA ASN D 324 -33.19 -17.78 -12.84
C ASN D 324 -31.92 -17.61 -12.01
N ILE D 325 -31.46 -18.68 -11.38
CA ILE D 325 -30.27 -18.64 -10.53
C ILE D 325 -29.23 -19.57 -11.13
N PHE D 326 -28.12 -18.99 -11.59
CA PHE D 326 -27.05 -19.74 -12.24
C PHE D 326 -25.73 -19.35 -11.58
N GLY D 327 -25.09 -20.31 -10.92
CA GLY D 327 -23.78 -20.09 -10.34
C GLY D 327 -23.79 -19.53 -8.95
N GLY D 328 -24.84 -19.79 -8.17
CA GLY D 328 -24.84 -19.34 -6.79
C GLY D 328 -23.72 -19.99 -6.00
N ILE D 329 -23.25 -19.28 -4.98
CA ILE D 329 -22.20 -19.82 -4.13
C ILE D 329 -22.68 -21.09 -3.46
N VAL D 330 -23.97 -21.21 -3.21
CA VAL D 330 -24.54 -22.38 -2.56
C VAL D 330 -24.85 -23.44 -3.61
N ASN D 331 -24.60 -24.69 -3.27
CA ASN D 331 -24.93 -25.81 -4.15
C ASN D 331 -26.38 -25.75 -4.57
N CME D 332 -26.66 -26.11 -5.82
CA CME D 332 -28.02 -26.18 -6.31
CB CME D 332 -28.14 -26.45 -7.80
SG CME D 332 -29.26 -25.38 -8.64
SD CME D 332 -28.09 -23.86 -9.53
CE CME D 332 -27.25 -23.03 -8.24
CZ CME D 332 -25.74 -23.02 -8.40
OH CME D 332 -25.48 -22.47 -9.68
C CME D 332 -28.70 -27.28 -5.51
O CME D 332 -28.11 -27.96 -4.67
H CME D 332 -26.01 -26.04 -6.58
HA CME D 332 -28.55 -25.20 -6.10
HB2 CME D 332 -28.49 -27.51 -7.94
HB3 CME D 332 -27.13 -26.35 -8.28
HE2 CME D 332 -27.58 -23.52 -7.28
HE3 CME D 332 -27.67 -21.99 -8.23
HZ2 CME D 332 -25.34 -24.07 -8.33
HZ3 CME D 332 -25.25 -22.39 -7.61
HH CME D 332 -25.94 -23.04 -10.32
N ALA D 333 -29.99 -27.45 -5.80
CA ALA D 333 -30.85 -28.35 -5.04
C ALA D 333 -31.12 -27.75 -3.66
N ILE D 334 -30.06 -27.35 -2.95
CA ILE D 334 -30.23 -26.61 -1.71
C ILE D 334 -31.04 -25.35 -1.96
N ILE D 335 -30.78 -24.68 -3.10
CA ILE D 335 -31.56 -23.51 -3.47
C ILE D 335 -32.99 -23.91 -3.79
N ALA D 336 -33.19 -25.11 -4.33
CA ALA D 336 -34.55 -25.56 -4.65
C ALA D 336 -35.37 -25.73 -3.38
N ASN D 337 -34.74 -26.18 -2.29
CA ASN D 337 -35.47 -26.33 -1.03
C ASN D 337 -35.79 -24.97 -0.42
N GLY D 338 -34.95 -23.97 -0.66
CA GLY D 338 -35.24 -22.64 -0.17
C GLY D 338 -36.42 -22.00 -0.87
N ILE D 339 -36.61 -22.30 -2.15
CA ILE D 339 -37.74 -21.75 -2.88
C ILE D 339 -39.04 -22.40 -2.42
N THR D 340 -39.04 -23.73 -2.30
CA THR D 340 -40.23 -24.43 -1.83
C THR D 340 -40.64 -23.93 -0.45
N LYS D 341 -39.69 -23.88 0.48
CA LYS D 341 -40.00 -23.40 1.82
C LYS D 341 -40.41 -21.93 1.80
N ALA D 342 -39.65 -21.10 1.07
CA ALA D 342 -40.03 -19.70 0.93
C ALA D 342 -41.42 -19.57 0.32
N CYS D 343 -41.71 -20.37 -0.71
CA CYS D 343 -43.04 -20.33 -1.32
C CYS D 343 -44.09 -20.89 -0.37
N ARG D 344 -43.77 -22.00 0.30
CA ARG D 344 -44.73 -22.61 1.22
C ARG D 344 -44.94 -21.71 2.44
N GLU D 345 -43.86 -21.12 2.96
CA GLU D 345 -43.96 -20.32 4.18
C GLU D 345 -44.90 -19.13 4.00
N LEU D 346 -45.03 -18.63 2.77
CA LEU D 346 -45.84 -17.47 2.48
C LEU D 346 -47.08 -17.80 1.66
N GLU D 347 -47.24 -19.05 1.24
CA GLU D 347 -48.40 -19.45 0.45
C GLU D 347 -48.51 -18.59 -0.80
N LEU D 348 -47.66 -18.86 -1.80
CA LEU D 348 -47.65 -18.07 -3.01
C LEU D 348 -48.88 -18.37 -3.87
N LYS D 349 -49.54 -17.32 -4.34
CA LYS D 349 -50.71 -17.47 -5.19
C LYS D 349 -50.35 -17.45 -6.67
N VAL D 350 -49.51 -16.51 -7.09
CA VAL D 350 -49.16 -16.35 -8.49
C VAL D 350 -48.29 -17.53 -8.94
N PRO D 351 -48.25 -17.86 -10.22
CA PRO D 351 -47.37 -18.94 -10.68
C PRO D 351 -45.91 -18.63 -10.41
N LEU D 352 -45.07 -19.62 -10.66
CA LEU D 352 -43.64 -19.49 -10.39
C LEU D 352 -42.87 -20.35 -11.39
N VAL D 353 -42.10 -19.71 -12.26
CA VAL D 353 -41.24 -20.40 -13.22
C VAL D 353 -39.81 -20.35 -12.72
N VAL D 354 -39.19 -21.52 -12.59
CA VAL D 354 -37.87 -21.67 -11.98
C VAL D 354 -36.92 -22.27 -12.99
N ARG D 355 -35.79 -21.59 -13.23
CA ARG D 355 -34.72 -22.11 -14.07
C ARG D 355 -33.46 -22.17 -13.21
N LEU D 356 -33.00 -23.38 -12.92
CA LEU D 356 -31.79 -23.60 -12.15
C LEU D 356 -30.78 -24.34 -13.00
N GLU D 357 -29.50 -24.06 -12.76
CA GLU D 357 -28.42 -24.71 -13.48
C GLU D 357 -27.15 -24.58 -12.67
N GLY D 358 -26.42 -25.69 -12.53
CA GLY D 358 -25.24 -25.71 -11.70
C GLY D 358 -24.91 -27.11 -11.22
N THR D 359 -24.60 -27.23 -9.93
CA THR D 359 -24.25 -28.51 -9.32
C THR D 359 -25.51 -29.15 -8.73
N ASN D 360 -25.73 -30.41 -9.07
CA ASN D 360 -26.89 -31.17 -8.58
C ASN D 360 -28.19 -30.57 -9.12
N VAL D 361 -28.33 -30.59 -10.44
CA VAL D 361 -29.52 -30.04 -11.08
C VAL D 361 -30.61 -31.08 -11.25
N HIS D 362 -30.24 -32.34 -11.50
CA HIS D 362 -31.25 -33.40 -11.62
C HIS D 362 -32.11 -33.48 -10.37
N GLU D 363 -31.48 -33.35 -9.19
CA GLU D 363 -32.24 -33.37 -7.95
C GLU D 363 -33.01 -32.07 -7.75
N ALA D 364 -32.39 -30.93 -8.06
CA ALA D 364 -33.04 -29.65 -7.78
C ALA D 364 -34.38 -29.53 -8.50
N GLN D 365 -34.47 -30.09 -9.70
CA GLN D 365 -35.70 -29.95 -10.48
C GLN D 365 -36.83 -30.76 -9.89
N ASN D 366 -36.59 -32.04 -9.61
CA ASN D 366 -37.64 -32.89 -9.05
C ASN D 366 -38.19 -32.31 -7.75
N ILE D 367 -37.33 -31.69 -6.95
CA ILE D 367 -37.80 -31.06 -5.71
C ILE D 367 -38.86 -30.01 -6.02
N LEU D 368 -38.78 -29.38 -7.19
CA LEU D 368 -39.74 -28.34 -7.55
C LEU D 368 -41.07 -28.95 -7.98
N THR D 369 -41.06 -29.78 -9.03
CA THR D 369 -42.30 -30.31 -9.57
C THR D 369 -42.98 -31.31 -8.64
N ASN D 370 -42.23 -31.94 -7.74
CA ASN D 370 -42.79 -32.85 -6.75
C ASN D 370 -43.08 -32.15 -5.43
N SER D 371 -43.62 -30.93 -5.46
CA SER D 371 -43.95 -30.19 -4.26
C SER D 371 -45.41 -29.79 -4.16
N GLY D 372 -46.21 -30.01 -5.20
CA GLY D 372 -47.61 -29.63 -5.17
C GLY D 372 -47.85 -28.14 -5.16
N LEU D 373 -46.85 -27.36 -5.53
CA LEU D 373 -46.94 -25.90 -5.54
C LEU D 373 -46.94 -25.38 -6.97
N PRO D 374 -47.46 -24.18 -7.21
CA PRO D 374 -47.43 -23.62 -8.56
C PRO D 374 -46.00 -23.29 -8.98
N ILE D 375 -45.22 -24.32 -9.27
CA ILE D 375 -43.81 -24.18 -9.64
C ILE D 375 -43.59 -25.00 -10.91
N THR D 376 -43.14 -24.32 -11.97
CA THR D 376 -42.82 -24.96 -13.24
C THR D 376 -41.32 -24.83 -13.48
N SER D 377 -40.64 -25.97 -13.60
CA SER D 377 -39.19 -25.95 -13.81
C SER D 377 -38.87 -25.71 -15.28
N ALA D 378 -37.77 -25.00 -15.50
CA ALA D 378 -37.29 -24.69 -16.85
C ALA D 378 -35.87 -25.22 -17.04
N VAL D 379 -35.54 -25.52 -18.29
CA VAL D 379 -34.24 -26.11 -18.61
C VAL D 379 -33.21 -25.02 -18.92
N ASP D 380 -33.59 -24.01 -19.69
CA ASP D 380 -32.67 -22.93 -20.06
C ASP D 380 -33.44 -21.62 -19.99
N LEU D 381 -32.82 -20.55 -20.51
CA LEU D 381 -33.42 -19.22 -20.40
C LEU D 381 -34.54 -19.03 -21.42
N GLU D 382 -34.31 -19.39 -22.67
CA GLU D 382 -35.34 -19.24 -23.69
C GLU D 382 -36.60 -20.02 -23.29
N ASP D 383 -36.40 -21.19 -22.66
CA ASP D 383 -37.55 -21.96 -22.18
C ASP D 383 -38.27 -21.25 -21.05
N ALA D 384 -37.51 -20.67 -20.11
CA ALA D 384 -38.14 -20.01 -18.98
C ALA D 384 -39.00 -18.83 -19.42
N ALA D 385 -38.56 -18.10 -20.45
CA ALA D 385 -39.34 -16.97 -20.94
C ALA D 385 -40.65 -17.43 -21.54
N LYS D 386 -40.60 -18.43 -22.42
CA LYS D 386 -41.83 -18.94 -23.05
C LYS D 386 -42.80 -19.47 -21.99
N LYS D 387 -42.28 -20.09 -20.94
CA LYS D 387 -43.14 -20.57 -19.87
C LYS D 387 -43.75 -19.42 -19.08
N ALA D 388 -43.01 -18.32 -18.93
CA ALA D 388 -43.52 -17.20 -18.15
C ALA D 388 -44.65 -16.48 -18.86
N VAL D 389 -44.51 -16.25 -20.17
CA VAL D 389 -45.55 -15.52 -20.90
C VAL D 389 -46.81 -16.36 -21.01
N ALA D 390 -46.69 -17.69 -20.95
CA ALA D 390 -47.86 -18.55 -21.02
C ALA D 390 -48.65 -18.56 -19.72
N SER D 391 -47.97 -18.46 -18.58
CA SER D 391 -48.62 -18.51 -17.28
C SER D 391 -49.34 -17.21 -16.91
N VAL D 392 -49.31 -16.19 -17.76
CA VAL D 392 -49.95 -14.92 -17.45
C VAL D 392 -51.18 -14.74 -18.34
N THR D 393 -52.12 -15.68 -18.24
CA THR D 393 -53.35 -15.63 -19.02
C THR D 393 -54.54 -15.33 -18.11
PB GDP E . 39.21 -8.91 -3.14
PB GDP E . 37.96 -6.38 -3.74
O1B GDP E . 38.16 -9.08 -2.10
O1B GDP E . 37.26 -5.66 -4.83
O2B GDP E . 39.75 -7.48 -3.23
O2B GDP E . 38.96 -5.51 -2.98
O3B GDP E . 40.40 -9.88 -2.98
O3B GDP E . 37.01 -7.05 -2.74
O3A GDP E . 38.64 -9.22 -4.60
O3A GDP E . 38.84 -7.59 -4.32
PA GDP E . 39.01 -10.30 -5.71
PA GDP E . 38.76 -9.16 -4.14
O1A GDP E . 39.73 -11.45 -5.12
O1A GDP E . 39.32 -9.57 -2.85
O2A GDP E . 37.72 -10.65 -6.43
O2A GDP E . 37.30 -9.57 -4.36
O5' GDP E . 39.94 -9.53 -6.77
O5' GDP E . 39.59 -9.80 -5.36
C5' GDP E . 41.28 -9.11 -6.51
C5' GDP E . 39.66 -9.25 -6.69
C4' GDP E . 42.19 -9.63 -7.60
C4' GDP E . 41.03 -9.55 -7.27
O4' GDP E . 41.95 -11.03 -7.80
O4' GDP E . 41.14 -10.97 -7.53
C3' GDP E . 42.04 -8.93 -8.96
C3' GDP E . 41.35 -8.84 -8.58
O3' GDP E . 43.32 -8.53 -9.46
O3' GDP E . 42.71 -8.44 -8.62
C2' GDP E . 41.41 -10.01 -9.85
C2' GDP E . 41.04 -9.91 -9.63
O2' GDP E . 41.86 -9.91 -11.19
O2' GDP E . 41.82 -9.72 -10.81
C1' GDP E . 41.96 -11.28 -9.20
C1' GDP E . 41.51 -11.16 -8.88
N9 GDP E . 41.15 -12.48 -9.47
N9 GDP E . 40.86 -12.39 -9.37
C8 GDP E . 40.19 -13.03 -8.67
C8 GDP E . 39.88 -13.12 -8.75
N7 GDP E . 39.63 -14.09 -9.19
N7 GDP E . 39.52 -14.17 -9.45
C5 GDP E . 40.26 -14.24 -10.42
C5 GDP E . 40.30 -14.12 -10.60
C6 GDP E . 40.12 -15.16 -11.46
C6 GDP E . 40.38 -14.94 -11.72
O6 GDP E . 39.30 -16.09 -11.39
O6 GDP E . 39.67 -15.93 -11.86
N1 GDP E . 40.88 -15.06 -12.55
N1 GDP E . 41.25 -14.63 -12.70
C2 GDP E . 41.77 -14.01 -12.60
C2 GDP E . 42.04 -13.51 -12.52
N2 GDP E . 42.52 -13.94 -13.71
N2 GDP E . 42.89 -13.25 -13.51
N3 GDP E . 41.97 -13.09 -11.65
N3 GDP E . 42.00 -12.69 -11.47
C4 GDP E . 41.18 -13.26 -10.59
C4 GDP E . 41.12 -13.05 -10.56
HOB2 GDP E . 39.15 -6.71 -3.12
HOB2 GDP E . 39.30 -4.67 -3.37
HOB3 GDP E . 40.35 -10.83 -2.70
HOB3 GDP E . 36.93 -6.85 -1.76
HOA2 GDP E . 37.52 -11.39 -7.09
HOA2 GDP E . 36.59 -9.13 -4.90
H5' GDP E . 41.28 -8.02 -6.44
H5' GDP E . 39.46 -8.18 -6.61
H5'' GDP E . 41.56 -9.50 -5.52
H5'' GDP E . 38.85 -9.70 -7.27
H4' GDP E . 43.24 -9.62 -7.28
H4' GDP E . 41.81 -9.38 -6.53
H3' GDP E . 41.40 -8.07 -8.87
H3' GDP E . 40.73 -7.96 -8.71
HO3' GDP E . 43.79 -8.07 -8.71
HO3' GDP E . 43.05 -8.62 -9.54
H2' GDP E . 40.33 -9.96 -9.80
H2' GDP E . 39.98 -9.92 -9.88
HO2' GDP E . 41.15 -9.44 -11.70
HO2' GDP E . 41.18 -9.46 -11.53
H1' GDP E . 42.98 -11.51 -9.50
H1' GDP E . 42.58 -11.32 -8.93
H8 GDP E . 39.93 -12.63 -7.69
H8 GDP E . 39.46 -12.86 -7.79
HN1 GDP E . 41.15 -15.95 -12.96
HN1 GDP E . 40.92 -14.87 -13.62
HN21 GDP E . 43.21 -13.21 -13.87
HN21 GDP E . 42.97 -13.81 -14.35
HN22 GDP E . 42.44 -14.59 -14.48
HN22 GDP E . 43.52 -12.45 -13.52
MG MG F . 36.37 -7.40 -5.45
#